data_9VM1
#
_entry.id   9VM1
#
_cell.length_a   105.920
_cell.length_b   105.920
_cell.length_c   303.450
_cell.angle_alpha   90.00
_cell.angle_beta   90.00
_cell.angle_gamma   90.00
#
_symmetry.space_group_name_H-M   'P 43 21 2'
#
loop_
_entity.id
_entity.type
_entity.pdbx_description
1 polymer 'GTP-binding nuclear protein Ran'
2 polymer 'Ran-specific GTPase-activating protein 1'
3 polymer Exportin-1
4 polymer ASP-GLY-TYR-ILE-GLU-GLU-LEU-ILE-ARG-MET-PHE-GLY-LYS-LEU-SER-ILE-HIS-ASP-ASP
5 non-polymer "GUANOSINE-5'-TRIPHOSPHATE"
6 non-polymer 'MAGNESIUM ION'
7 non-polymer GLYCEROL
8 non-polymer 'SODIUM ION'
9 non-polymer 'NITRATE ION'
10 water water
#
loop_
_entity_poly.entity_id
_entity_poly.type
_entity_poly.pdbx_seq_one_letter_code
_entity_poly.pdbx_strand_id
1 'polypeptide(L)'
;GSSHHHHHHSSGLVPRGSHMAAQGEPQVQFKLVLVGDGGTGKTTFVKRHLTGEFEKKYVATLGVEVHPLVFHTNRGPIKF
NVWDTAGQEKFGGLRDGYYIQAQCAIIMFDVTSRVTYKNVPNWHRDLVRVCENIPIVLCGNKVDIKDRKVKAKSIVFHRK
KNLQYYDISAKSNYNFEKPFLWLARKLIGDPNLEFVAMPALAPPEVVMDPALAAQYEHDLEVAQTTALPDEDDDL
;
A
2 'polypeptide(L)'
;GGSDIHFEPVVHLEKVDVKTMEEDEEVLYKVRAKLFRFDADAKEWKERGTGDCKFLKNKKTNKVRILMRRDKTLKICANH
IIAPEYTLKPNVGSDRSWVYACTADIAEGEAEAFTFAIRFGSKENADKFKEEFEKAQEINKKA
;
B
3 'polypeptide(L)'
;GGSMEGILDFSNDLDIALLDQVVSTFYQGSGVQQKQAQEILTKFQDNPDAWQKADQILQFSTNPQSKFIALSILDKLITR
KWKLLPNDHRIGIRNFVVGMIISMCQDDEVFKTQKNLINKSDLTLVQILKQEWPQNWPEFIPELIGSSSSSVNVCENNMI
VLKLLSEEVFDFSAEQMTQAKALHLKNSMSKEFEQIFKLCFQVLEQGSSSSLIVATLESLLRYLHWIPYRYIYETNILEL
LSTKFMTSPDTRAITLKCLTEVSNLKIPQDNDLIKRQTVLFFQNTLQQIATSVMPVTADLKATYANANGNDQSFLQDLAM
FLTTYLARNRALLESDESLRELLLNAHQYLIQLSKIEERELFKTTLDYWHNLVADLFYEPLKKHIYEEICSQLRLVIIEN
MVRPEEIQLYKSEREVLVYLTHLNVIDTEEIMISKLARQIDGSEWSWHNINTLSWAIGSISGTMSEDTEKRFVVTVIKDL
LGLCEQKRGKDNKAVVASDIMYVVGQYPRFLKAHWNFLRTVILKLFEFMHETHEGVQDMACDTFIKIVQKCKYHFVIQQP
RESEPFIQTIIRDIQKTTADLQPQQVHTFYKACGIIISEERSVAERNRLLSDLMQLPNMAWDTIVEQSTANPTLLLDSET
VKIIANIIKTNVAVCTSMGADFYPQLGHIYYNMLQLYRAVSSMISAQVAAEGLIATKTPKVRGLRTIKKEILKLVETYIS
KARNLDDVVKVLVEPLLNAVLEDYMNNVPDARDAEVLNCMTTVVEKVGHMIPQGVILILQSVFECTLDMINKDFTEYPEH
RVEFYKLLKVINEKSFAAFLELPPAAFKLFVDAICWAFKHNNRDVEVNGLQIALDLVKNIERMGNVPFANEFHKNYFFIF
VSETFFVLTDSDHKSGFSKQALLLMKLISLVYDNKISVPLYQEAEVPQGTSNQVYLSQYLANMLSNAFPHLTSEQIASFL
SALTKQCKDLVVFKGTLRDFLVQIKEVGGDPTDYLFAEDKENA
;
C
4 'polypeptide(L)' DGYIEELIRMFGKLSIHDD D
#
loop_
_chem_comp.id
_chem_comp.type
_chem_comp.name
_chem_comp.formula
GOL non-polymer GLYCEROL 'C3 H8 O3'
GTP non-polymer GUANOSINE-5'-TRIPHOSPHATE 'C10 H16 N5 O14 P3'
MG non-polymer 'MAGNESIUM ION' 'Mg 2'
NA non-polymer 'SODIUM ION' 'Na 1'
NO3 non-polymer 'NITRATE ION' 'N O3 -1'
#
# COMPACT_ATOMS: atom_id res chain seq x y z
N GLN A 27 1.64 31.56 15.14
CA GLN A 27 0.78 30.44 14.65
C GLN A 27 0.67 30.53 13.11
N VAL A 28 1.65 29.95 12.41
CA VAL A 28 1.64 29.75 10.93
C VAL A 28 0.55 28.72 10.58
N GLN A 29 -0.31 29.05 9.60
CA GLN A 29 -1.55 28.31 9.24
C GLN A 29 -1.56 27.97 7.75
N PHE A 30 -1.64 26.69 7.40
CA PHE A 30 -1.53 26.20 5.99
C PHE A 30 -2.72 25.29 5.66
N LYS A 31 -3.30 25.46 4.48
CA LYS A 31 -4.42 24.63 3.97
C LYS A 31 -3.82 23.40 3.28
N LEU A 32 -4.23 22.22 3.74
CA LEU A 32 -3.79 20.89 3.21
C LEU A 32 -5.01 20.22 2.62
N VAL A 33 -4.99 19.90 1.33
CA VAL A 33 -6.07 19.08 0.71
C VAL A 33 -5.57 17.64 0.70
N LEU A 34 -6.44 16.75 1.12
CA LEU A 34 -6.22 15.29 1.15
C LEU A 34 -7.22 14.67 0.17
N VAL A 35 -6.71 14.07 -0.92
CA VAL A 35 -7.53 13.52 -2.05
C VAL A 35 -7.07 12.10 -2.34
N GLY A 36 -7.91 11.33 -3.02
CA GLY A 36 -7.64 9.93 -3.39
C GLY A 36 -8.91 9.10 -3.36
N ASP A 37 -8.84 7.87 -3.90
CA ASP A 37 -10.01 6.97 -4.07
C ASP A 37 -10.66 6.71 -2.71
N GLY A 38 -11.97 6.45 -2.72
CA GLY A 38 -12.72 5.98 -1.54
C GLY A 38 -12.03 4.77 -0.95
N GLY A 39 -11.95 4.70 0.38
CA GLY A 39 -11.48 3.51 1.13
C GLY A 39 -9.97 3.43 1.28
N THR A 40 -9.21 4.43 0.81
CA THR A 40 -7.72 4.44 0.84
C THR A 40 -7.21 4.73 2.25
N GLY A 41 -8.01 5.41 3.09
CA GLY A 41 -7.70 5.64 4.51
C GLY A 41 -7.34 7.10 4.79
N LYS A 42 -7.90 8.03 4.02
CA LYS A 42 -7.67 9.48 4.18
C LYS A 42 -8.18 9.92 5.56
N THR A 43 -9.45 9.63 5.86
CA THR A 43 -10.09 10.04 7.14
C THR A 43 -9.42 9.33 8.32
N THR A 44 -9.16 8.03 8.19
CA THR A 44 -8.51 7.19 9.23
C THR A 44 -7.15 7.80 9.57
N PHE A 45 -6.44 8.25 8.54
CA PHE A 45 -5.09 8.87 8.64
C PHE A 45 -5.22 10.16 9.45
N VAL A 46 -6.18 11.02 9.09
CA VAL A 46 -6.40 12.32 9.77
C VAL A 46 -6.80 12.05 11.24
N LYS A 47 -7.76 11.13 11.46
CA LYS A 47 -8.27 10.80 12.81
C LYS A 47 -7.09 10.35 13.67
N ARG A 48 -6.19 9.54 13.10
CA ARG A 48 -5.00 9.02 13.83
C ARG A 48 -4.16 10.21 14.32
N HIS A 49 -3.99 11.24 13.47
CA HIS A 49 -3.19 12.43 13.83
C HIS A 49 -3.95 13.31 14.83
N LEU A 50 -5.28 13.41 14.73
CA LEU A 50 -6.11 14.32 15.58
C LEU A 50 -6.21 13.80 17.02
N THR A 51 -6.61 12.54 17.23
CA THR A 51 -6.94 11.97 18.56
C THR A 51 -6.07 10.76 18.92
N GLY A 52 -5.42 10.12 17.96
CA GLY A 52 -4.60 8.92 18.19
C GLY A 52 -5.39 7.63 17.97
N GLU A 53 -6.69 7.74 17.71
CA GLU A 53 -7.57 6.55 17.54
C GLU A 53 -7.36 5.94 16.15
N PHE A 54 -7.63 4.64 16.03
CA PHE A 54 -7.72 3.95 14.71
C PHE A 54 -9.17 3.54 14.50
N GLU A 55 -9.84 4.11 13.49
CA GLU A 55 -11.26 3.81 13.16
C GLU A 55 -11.31 2.60 12.22
N LYS A 56 -11.80 1.46 12.72
CA LYS A 56 -11.95 0.20 11.97
C LYS A 56 -13.09 0.36 10.96
N LYS A 57 -14.19 1.02 11.33
CA LYS A 57 -15.41 1.13 10.48
C LYS A 57 -15.10 2.09 9.34
N TYR A 58 -15.61 1.80 8.14
CA TYR A 58 -15.55 2.70 6.96
C TYR A 58 -16.85 3.48 6.82
N VAL A 59 -16.83 4.77 7.16
CA VAL A 59 -17.94 5.72 6.86
C VAL A 59 -17.43 6.71 5.82
N ALA A 60 -17.91 6.61 4.58
CA ALA A 60 -17.51 7.46 3.44
C ALA A 60 -17.70 8.93 3.84
N THR A 61 -16.67 9.77 3.64
CA THR A 61 -16.75 11.24 3.82
C THR A 61 -17.78 11.78 2.82
N LEU A 62 -18.62 12.73 3.23
CA LEU A 62 -19.58 13.41 2.32
C LEU A 62 -19.02 14.79 1.99
N GLY A 63 -18.65 15.02 0.72
CA GLY A 63 -18.01 16.28 0.33
C GLY A 63 -16.64 16.40 0.97
N VAL A 64 -16.47 17.29 1.94
CA VAL A 64 -15.19 17.51 2.67
C VAL A 64 -15.47 17.64 4.18
N GLU A 65 -14.50 17.24 5.00
CA GLU A 65 -14.43 17.55 6.45
C GLU A 65 -13.14 18.33 6.73
N VAL A 66 -13.25 19.49 7.36
CA VAL A 66 -12.10 20.36 7.73
C VAL A 66 -11.76 20.11 9.20
N HIS A 67 -10.54 19.66 9.47
CA HIS A 67 -10.02 19.43 10.85
C HIS A 67 -8.73 20.21 11.04
N PRO A 68 -8.67 21.16 12.00
CA PRO A 68 -7.42 21.84 12.32
C PRO A 68 -6.46 20.85 12.99
N LEU A 69 -5.19 20.85 12.56
CA LEU A 69 -4.14 19.93 13.04
C LEU A 69 -2.86 20.72 13.35
N VAL A 70 -2.34 20.59 14.56
CA VAL A 70 -1.18 21.38 15.06
C VAL A 70 -0.05 20.43 15.39
N PHE A 71 1.17 20.78 14.98
CA PHE A 71 2.42 20.06 15.36
C PHE A 71 3.35 21.04 16.05
N HIS A 72 4.16 20.52 16.97
CA HIS A 72 5.19 21.27 17.73
C HIS A 72 6.55 20.92 17.12
N THR A 73 7.28 21.94 16.66
CA THR A 73 8.62 21.82 16.01
C THR A 73 9.61 22.75 16.70
N ASN A 74 10.90 22.59 16.39
CA ASN A 74 12.02 23.46 16.87
C ASN A 74 11.83 24.90 16.36
N ARG A 75 11.16 25.07 15.23
CA ARG A 75 10.89 26.40 14.61
C ARG A 75 9.52 26.93 15.06
N GLY A 76 8.89 26.29 16.07
CA GLY A 76 7.60 26.72 16.66
C GLY A 76 6.42 25.88 16.18
N PRO A 77 5.18 26.20 16.60
CA PRO A 77 4.02 25.42 16.22
C PRO A 77 3.67 25.66 14.74
N ILE A 78 3.26 24.61 14.03
CA ILE A 78 2.72 24.69 12.63
C ILE A 78 1.31 24.09 12.61
N LYS A 79 0.33 24.84 12.10
CA LYS A 79 -1.09 24.44 12.04
C LYS A 79 -1.46 24.13 10.59
N PHE A 80 -1.99 22.93 10.36
CA PHE A 80 -2.59 22.50 9.07
C PHE A 80 -4.12 22.56 9.21
N ASN A 81 -4.78 23.34 8.36
CA ASN A 81 -6.24 23.20 8.13
C ASN A 81 -6.40 22.06 7.12
N VAL A 82 -6.76 20.87 7.59
CA VAL A 82 -6.80 19.64 6.75
C VAL A 82 -8.20 19.52 6.15
N TRP A 83 -8.28 19.66 4.82
CA TRP A 83 -9.52 19.42 4.04
C TRP A 83 -9.51 17.95 3.58
N ASP A 84 -10.19 17.09 4.33
CA ASP A 84 -10.31 15.63 4.06
C ASP A 84 -11.45 15.44 3.04
N THR A 85 -11.12 15.31 1.75
CA THR A 85 -12.13 15.22 0.64
C THR A 85 -12.61 13.78 0.50
N ALA A 86 -13.72 13.60 -0.23
CA ALA A 86 -14.42 12.31 -0.47
C ALA A 86 -13.84 11.67 -1.73
N GLY A 87 -13.40 10.42 -1.63
CA GLY A 87 -12.88 9.64 -2.76
C GLY A 87 -14.00 9.22 -3.70
N GLN A 88 -15.17 8.87 -3.18
CA GLN A 88 -16.30 8.34 -3.98
C GLN A 88 -16.95 9.47 -4.80
N GLU A 89 -17.26 9.20 -6.07
CA GLU A 89 -17.75 10.22 -7.05
C GLU A 89 -19.13 10.72 -6.63
N LYS A 90 -20.01 9.82 -6.17
CA LYS A 90 -21.39 10.17 -5.74
C LYS A 90 -21.35 11.10 -4.52
N PHE A 91 -20.35 10.95 -3.64
CA PHE A 91 -20.17 11.81 -2.44
C PHE A 91 -19.13 12.90 -2.71
N GLY A 92 -18.81 13.16 -3.99
CA GLY A 92 -17.73 14.06 -4.42
C GLY A 92 -17.94 15.49 -3.95
N GLY A 93 -19.19 15.96 -3.95
CA GLY A 93 -19.57 17.33 -3.61
C GLY A 93 -18.94 18.36 -4.56
N LEU A 94 -18.22 19.34 -4.00
CA LEU A 94 -17.62 20.47 -4.75
C LEU A 94 -16.44 19.99 -5.59
N ARG A 95 -15.85 18.84 -5.26
CA ARG A 95 -14.72 18.21 -6.00
C ARG A 95 -13.55 19.19 -6.04
N ASP A 96 -13.21 19.76 -7.20
CA ASP A 96 -12.01 20.62 -7.35
C ASP A 96 -12.21 21.97 -6.65
N GLY A 97 -13.46 22.33 -6.32
CA GLY A 97 -13.78 23.51 -5.51
C GLY A 97 -13.06 23.52 -4.17
N TYR A 98 -12.85 22.34 -3.57
CA TYR A 98 -12.16 22.17 -2.27
C TYR A 98 -10.67 22.53 -2.41
N TYR A 99 -10.13 22.52 -3.62
CA TYR A 99 -8.67 22.66 -3.83
C TYR A 99 -8.28 24.14 -3.81
N ILE A 100 -9.23 25.05 -4.01
CA ILE A 100 -8.95 26.52 -4.14
C ILE A 100 -8.16 27.00 -2.91
N GLN A 101 -7.02 27.66 -3.16
CA GLN A 101 -6.12 28.31 -2.17
C GLN A 101 -5.46 27.28 -1.24
N ALA A 102 -5.39 26.01 -1.63
CA ALA A 102 -4.57 25.00 -0.93
C ALA A 102 -3.09 25.38 -1.06
N GLN A 103 -2.33 25.23 0.02
CA GLN A 103 -0.88 25.56 0.08
C GLN A 103 -0.06 24.28 -0.02
N CYS A 104 -0.70 23.12 0.19
CA CYS A 104 -0.04 21.79 0.13
C CYS A 104 -1.12 20.70 0.00
N ALA A 105 -0.73 19.48 -0.36
CA ALA A 105 -1.66 18.36 -0.60
C ALA A 105 -1.02 17.00 -0.33
N ILE A 106 -1.84 16.02 0.02
CA ILE A 106 -1.46 14.60 0.14
C ILE A 106 -2.38 13.85 -0.82
N ILE A 107 -1.80 13.13 -1.78
CA ILE A 107 -2.56 12.17 -2.64
C ILE A 107 -2.40 10.80 -2.01
N MET A 108 -3.52 10.14 -1.73
CA MET A 108 -3.54 8.84 -1.02
C MET A 108 -4.04 7.75 -1.96
N PHE A 109 -3.37 6.59 -1.96
CA PHE A 109 -3.82 5.36 -2.63
C PHE A 109 -3.61 4.18 -1.68
N ASP A 110 -4.11 3.01 -2.04
CA ASP A 110 -4.07 1.82 -1.17
C ASP A 110 -3.17 0.79 -1.85
N VAL A 111 -2.10 0.33 -1.20
CA VAL A 111 -1.14 -0.64 -1.83
C VAL A 111 -1.82 -1.98 -2.08
N THR A 112 -2.92 -2.30 -1.39
CA THR A 112 -3.71 -3.55 -1.60
C THR A 112 -4.65 -3.44 -2.82
N SER A 113 -4.85 -2.23 -3.38
CA SER A 113 -5.85 -1.98 -4.46
C SER A 113 -5.17 -1.35 -5.68
N ARG A 114 -4.92 -2.13 -6.73
CA ARG A 114 -4.30 -1.67 -8.00
C ARG A 114 -5.07 -0.47 -8.59
N VAL A 115 -6.40 -0.47 -8.57
CA VAL A 115 -7.22 0.62 -9.18
C VAL A 115 -6.93 1.96 -8.49
N THR A 116 -6.66 1.97 -7.18
CA THR A 116 -6.42 3.23 -6.42
C THR A 116 -5.13 3.88 -6.91
N TYR A 117 -4.11 3.10 -7.28
CA TYR A 117 -2.85 3.65 -7.84
C TYR A 117 -3.10 4.13 -9.27
N LYS A 118 -3.92 3.41 -10.04
CA LYS A 118 -4.26 3.78 -11.45
C LYS A 118 -4.97 5.14 -11.48
N ASN A 119 -5.71 5.51 -10.43
CA ASN A 119 -6.47 6.79 -10.38
C ASN A 119 -5.62 7.93 -9.83
N VAL A 120 -4.39 7.66 -9.38
CA VAL A 120 -3.49 8.71 -8.82
C VAL A 120 -3.27 9.82 -9.85
N PRO A 121 -2.94 9.53 -11.13
CA PRO A 121 -2.77 10.59 -12.13
C PRO A 121 -4.01 11.47 -12.33
N ASN A 122 -5.21 10.89 -12.22
CA ASN A 122 -6.50 11.62 -12.32
C ASN A 122 -6.60 12.62 -11.15
N TRP A 123 -6.35 12.18 -9.92
CA TRP A 123 -6.39 13.03 -8.69
C TRP A 123 -5.34 14.14 -8.82
N HIS A 124 -4.14 13.81 -9.30
CA HIS A 124 -3.02 14.77 -9.43
C HIS A 124 -3.39 15.81 -10.48
N ARG A 125 -3.98 15.39 -11.60
CA ARG A 125 -4.37 16.26 -12.73
C ARG A 125 -5.36 17.31 -12.22
N ASP A 126 -6.41 16.87 -11.53
CA ASP A 126 -7.49 17.74 -10.98
C ASP A 126 -6.88 18.69 -9.95
N LEU A 127 -5.94 18.19 -9.15
CA LEU A 127 -5.28 18.95 -8.07
C LEU A 127 -4.39 20.05 -8.65
N VAL A 128 -3.50 19.73 -9.61
CA VAL A 128 -2.45 20.68 -10.10
C VAL A 128 -3.10 21.79 -10.93
N ARG A 129 -4.23 21.50 -11.58
CA ARG A 129 -4.96 22.52 -12.39
C ARG A 129 -5.38 23.68 -11.47
N VAL A 130 -5.91 23.40 -10.29
CA VAL A 130 -6.33 24.45 -9.30
C VAL A 130 -5.09 25.01 -8.56
N CYS A 131 -4.16 24.14 -8.13
CA CYS A 131 -2.97 24.50 -7.31
C CYS A 131 -1.70 24.22 -8.11
N GLU A 132 -1.14 25.24 -8.77
CA GLU A 132 -0.11 25.09 -9.84
C GLU A 132 1.25 24.76 -9.21
N ASN A 133 1.57 25.35 -8.06
CA ASN A 133 2.94 25.36 -7.48
C ASN A 133 2.85 25.10 -5.97
N ILE A 134 2.48 23.88 -5.55
CA ILE A 134 2.38 23.50 -4.12
C ILE A 134 3.15 22.21 -3.87
N PRO A 135 3.74 22.04 -2.66
CA PRO A 135 4.32 20.76 -2.27
C PRO A 135 3.24 19.67 -2.11
N ILE A 136 3.48 18.50 -2.71
CA ILE A 136 2.52 17.36 -2.71
C ILE A 136 3.27 16.09 -2.29
N VAL A 137 2.67 15.33 -1.38
CA VAL A 137 3.16 14.00 -0.93
C VAL A 137 2.22 12.95 -1.51
N LEU A 138 2.77 11.95 -2.20
CA LEU A 138 2.03 10.74 -2.60
C LEU A 138 2.19 9.70 -1.49
N CYS A 139 1.08 9.14 -1.00
CA CYS A 139 1.08 8.18 0.14
C CYS A 139 0.44 6.87 -0.28
N GLY A 140 1.19 5.76 -0.18
CA GLY A 140 0.65 4.40 -0.28
C GLY A 140 0.30 3.89 1.10
N ASN A 141 -1.00 3.80 1.40
CA ASN A 141 -1.54 3.39 2.72
C ASN A 141 -1.68 1.86 2.75
N LYS A 142 -1.80 1.29 3.96
CA LYS A 142 -2.17 -0.11 4.26
C LYS A 142 -1.01 -1.04 3.91
N VAL A 143 0.24 -0.62 4.18
CA VAL A 143 1.46 -1.47 3.95
C VAL A 143 1.53 -2.55 5.04
N ASP A 144 0.73 -2.43 6.11
CA ASP A 144 0.63 -3.45 7.18
C ASP A 144 0.07 -4.75 6.63
N ILE A 145 -0.81 -4.68 5.63
CA ILE A 145 -1.47 -5.87 5.00
C ILE A 145 -0.41 -6.68 4.24
N LYS A 146 -0.40 -8.01 4.41
CA LYS A 146 0.62 -8.94 3.87
C LYS A 146 0.51 -9.01 2.34
N ASP A 147 -0.71 -9.13 1.81
CA ASP A 147 -0.95 -9.34 0.35
C ASP A 147 -0.99 -7.97 -0.34
N ARG A 148 0.19 -7.40 -0.56
CA ARG A 148 0.42 -6.09 -1.23
C ARG A 148 0.29 -6.25 -2.75
N LYS A 149 -0.74 -5.62 -3.34
CA LYS A 149 -1.04 -5.73 -4.79
C LYS A 149 -0.20 -4.71 -5.57
N VAL A 150 0.02 -3.50 -5.03
CA VAL A 150 0.81 -2.45 -5.72
C VAL A 150 2.26 -2.50 -5.21
N LYS A 151 3.15 -3.09 -6.00
CA LYS A 151 4.56 -3.35 -5.61
C LYS A 151 5.36 -2.04 -5.72
N ALA A 152 6.35 -1.89 -4.82
CA ALA A 152 7.31 -0.75 -4.75
C ALA A 152 7.86 -0.40 -6.13
N LYS A 153 8.27 -1.41 -6.91
CA LYS A 153 8.92 -1.26 -8.25
C LYS A 153 8.01 -0.49 -9.21
N SER A 154 6.69 -0.69 -9.14
CA SER A 154 5.72 -0.10 -10.09
C SER A 154 5.28 1.30 -9.64
N ILE A 155 5.68 1.77 -8.44
CA ILE A 155 5.31 3.12 -7.93
C ILE A 155 6.36 4.13 -8.42
N VAL A 156 6.10 4.78 -9.55
CA VAL A 156 7.08 5.67 -10.25
C VAL A 156 6.41 6.99 -10.65
N PHE A 157 5.13 7.19 -10.37
CA PHE A 157 4.35 8.35 -10.86
C PHE A 157 4.93 9.66 -10.31
N HIS A 158 5.36 9.67 -9.05
CA HIS A 158 5.88 10.86 -8.33
C HIS A 158 7.10 11.48 -9.02
N ARG A 159 7.91 10.69 -9.74
CA ARG A 159 9.25 11.11 -10.24
C ARG A 159 9.14 12.34 -11.16
N LYS A 160 8.36 12.26 -12.23
CA LYS A 160 8.27 13.37 -13.22
C LYS A 160 7.41 14.52 -12.64
N LYS A 161 6.62 14.26 -11.61
CA LYS A 161 5.70 15.26 -11.00
C LYS A 161 6.31 15.88 -9.73
N ASN A 162 7.49 15.43 -9.32
CA ASN A 162 8.25 16.03 -8.18
C ASN A 162 7.44 15.88 -6.88
N LEU A 163 6.69 14.79 -6.74
CA LEU A 163 5.99 14.43 -5.48
C LEU A 163 6.97 13.69 -4.56
N GLN A 164 6.94 13.98 -3.27
CA GLN A 164 7.55 13.09 -2.26
C GLN A 164 6.65 11.85 -2.18
N TYR A 165 7.24 10.67 -2.06
CA TYR A 165 6.48 9.41 -1.91
C TYR A 165 6.84 8.76 -0.56
N TYR A 166 5.81 8.34 0.18
CA TYR A 166 5.94 7.52 1.42
C TYR A 166 4.99 6.33 1.37
N ASP A 167 5.55 5.16 1.67
CA ASP A 167 4.80 3.99 2.20
C ASP A 167 4.34 4.38 3.62
N ILE A 168 3.04 4.28 3.90
CA ILE A 168 2.49 4.53 5.26
C ILE A 168 1.51 3.41 5.62
N SER A 169 1.24 3.28 6.92
CA SER A 169 0.11 2.50 7.48
C SER A 169 -0.52 3.33 8.60
N ALA A 170 -1.75 3.80 8.40
CA ALA A 170 -2.56 4.43 9.46
C ALA A 170 -2.74 3.43 10.61
N LYS A 171 -2.71 2.13 10.33
CA LYS A 171 -2.97 1.03 11.30
C LYS A 171 -1.76 0.79 12.19
N SER A 172 -0.56 0.69 11.62
CA SER A 172 0.69 0.37 12.37
C SER A 172 1.46 1.65 12.68
N ASN A 173 1.06 2.78 12.09
CA ASN A 173 1.72 4.10 12.24
C ASN A 173 3.07 4.11 11.51
N TYR A 174 3.34 3.11 10.66
CA TYR A 174 4.55 3.11 9.80
C TYR A 174 4.57 4.41 8.99
N ASN A 175 5.57 5.27 9.22
CA ASN A 175 5.83 6.53 8.49
C ASN A 175 4.65 7.51 8.61
N PHE A 176 3.77 7.37 9.60
CA PHE A 176 2.51 8.15 9.66
C PHE A 176 2.81 9.64 9.81
N GLU A 177 3.97 10.00 10.36
CA GLU A 177 4.37 11.41 10.64
C GLU A 177 5.06 12.05 9.43
N LYS A 178 5.54 11.24 8.48
CA LYS A 178 6.53 11.68 7.45
C LYS A 178 5.90 12.64 6.45
N PRO A 179 4.64 12.45 5.99
CA PRO A 179 4.01 13.42 5.08
C PRO A 179 3.97 14.81 5.70
N PHE A 180 3.59 14.91 6.97
CA PHE A 180 3.44 16.21 7.69
C PHE A 180 4.81 16.81 7.99
N LEU A 181 5.81 15.99 8.34
CA LEU A 181 7.20 16.49 8.56
C LEU A 181 7.74 17.09 7.26
N TRP A 182 7.57 16.39 6.14
CA TRP A 182 8.07 16.82 4.81
C TRP A 182 7.42 18.15 4.40
N LEU A 183 6.09 18.25 4.50
CA LEU A 183 5.31 19.47 4.13
C LEU A 183 5.69 20.63 5.07
N ALA A 184 5.80 20.36 6.37
CA ALA A 184 6.25 21.35 7.38
C ALA A 184 7.59 21.95 6.90
N ARG A 185 8.54 21.12 6.48
CA ARG A 185 9.89 21.56 6.07
C ARG A 185 9.79 22.45 4.82
N LYS A 186 8.89 22.10 3.90
CA LYS A 186 8.70 22.81 2.61
C LYS A 186 8.00 24.16 2.85
N LEU A 187 6.95 24.19 3.67
CA LEU A 187 6.10 25.40 3.85
C LEU A 187 6.84 26.44 4.69
N ILE A 188 7.54 26.02 5.74
CA ILE A 188 8.34 26.89 6.65
C ILE A 188 9.67 27.23 5.97
N GLY A 189 10.11 26.38 5.04
CA GLY A 189 11.35 26.57 4.26
C GLY A 189 12.57 26.32 5.10
N ASP A 190 12.52 25.33 6.01
CA ASP A 190 13.65 24.91 6.87
C ASP A 190 13.81 23.39 6.77
N PRO A 191 14.86 22.89 6.08
CA PRO A 191 15.05 21.44 5.93
C PRO A 191 15.46 20.71 7.22
N ASN A 192 15.92 21.43 8.25
CA ASN A 192 16.37 20.86 9.56
C ASN A 192 15.23 20.90 10.59
N LEU A 193 14.04 21.37 10.21
CA LEU A 193 12.85 21.39 11.08
C LEU A 193 12.58 19.96 11.57
N GLU A 194 12.24 19.81 12.86
CA GLU A 194 11.91 18.49 13.46
C GLU A 194 10.80 18.67 14.50
N PHE A 195 10.05 17.59 14.74
CA PHE A 195 9.02 17.51 15.81
C PHE A 195 9.75 17.49 17.15
N VAL A 196 9.25 18.26 18.11
CA VAL A 196 9.83 18.31 19.48
C VAL A 196 8.72 18.04 20.49
N ALA A 197 9.12 17.56 21.66
CA ALA A 197 8.31 17.49 22.89
C ALA A 197 8.15 18.91 23.43
N MET A 198 6.92 19.35 23.69
CA MET A 198 6.64 20.59 24.48
C MET A 198 6.72 20.25 25.97
N PRO A 199 7.38 21.08 26.80
CA PRO A 199 7.44 20.81 28.25
C PRO A 199 6.04 20.58 28.80
N ALA A 200 5.90 19.60 29.70
CA ALA A 200 4.60 19.10 30.23
C ALA A 200 4.29 19.80 31.55
N LEU A 201 3.17 20.52 31.59
CA LEU A 201 2.67 21.28 32.78
C LEU A 201 2.41 20.29 33.93
N ALA A 202 2.74 20.67 35.17
CA ALA A 202 2.39 19.89 36.38
C ALA A 202 0.88 19.74 36.44
N PRO A 203 0.34 18.50 36.56
CA PRO A 203 -1.10 18.29 36.62
C PRO A 203 -1.66 18.55 38.02
N PRO A 204 -2.98 18.84 38.16
CA PRO A 204 -3.58 19.14 39.46
C PRO A 204 -3.96 17.92 40.33
N GLU A 205 -4.19 18.14 41.63
CA GLU A 205 -4.68 17.10 42.58
C GLU A 205 -6.16 16.81 42.31
N VAL A 206 -6.56 15.57 42.58
CA VAL A 206 -7.90 15.00 42.20
C VAL A 206 -9.03 15.72 42.97
N VAL A 207 -8.92 15.79 44.31
CA VAL A 207 -10.01 16.28 45.22
C VAL A 207 -11.36 15.70 44.76
N MET A 208 -11.48 14.36 44.75
CA MET A 208 -12.68 13.62 44.26
C MET A 208 -13.87 13.92 45.19
N ASP A 209 -15.07 14.06 44.61
CA ASP A 209 -16.32 14.42 45.35
C ASP A 209 -17.21 13.18 45.48
N PRO A 210 -17.78 12.92 46.68
CA PRO A 210 -18.56 11.71 46.93
C PRO A 210 -19.89 11.63 46.16
N ALA A 211 -20.41 12.79 45.71
CA ALA A 211 -21.68 12.90 44.94
C ALA A 211 -21.58 12.10 43.63
N LEU A 212 -20.41 12.09 42.97
CA LEU A 212 -20.20 11.40 41.67
C LEU A 212 -19.60 10.00 41.88
N ALA A 213 -19.38 9.58 43.13
CA ALA A 213 -18.76 8.27 43.48
C ALA A 213 -19.51 7.12 42.80
N ALA A 214 -20.83 7.07 43.00
CA ALA A 214 -21.76 6.07 42.42
C ALA A 214 -21.70 6.13 40.89
N GLN A 215 -21.64 7.33 40.32
CA GLN A 215 -21.64 7.56 38.85
C GLN A 215 -20.40 6.91 38.22
N TYR A 216 -19.21 7.12 38.81
CA TYR A 216 -17.92 6.57 38.28
C TYR A 216 -17.93 5.04 38.44
N GLU A 217 -18.33 4.54 39.61
CA GLU A 217 -18.50 3.08 39.89
C GLU A 217 -19.16 2.40 38.68
N HIS A 218 -20.26 2.98 38.17
CA HIS A 218 -21.09 2.42 37.07
C HIS A 218 -20.33 2.49 35.74
N ASP A 219 -19.75 3.65 35.41
CA ASP A 219 -19.08 3.93 34.12
C ASP A 219 -17.78 3.11 34.00
N LEU A 220 -17.17 2.75 35.14
CA LEU A 220 -15.93 1.95 35.23
C LEU A 220 -16.22 0.46 35.03
N GLU A 221 -17.41 0.01 35.46
CA GLU A 221 -17.88 -1.40 35.31
C GLU A 221 -18.15 -1.69 33.84
N VAL A 222 -18.74 -0.74 33.09
CA VAL A 222 -19.03 -0.88 31.64
C VAL A 222 -17.69 -0.96 30.89
N ALA A 223 -16.73 -0.13 31.28
CA ALA A 223 -15.36 -0.07 30.70
C ALA A 223 -14.65 -1.42 30.87
N GLN A 224 -14.55 -1.92 32.11
CA GLN A 224 -13.91 -3.23 32.45
C GLN A 224 -14.51 -4.38 31.63
N THR A 225 -15.82 -4.35 31.34
CA THR A 225 -16.57 -5.49 30.73
C THR A 225 -16.70 -5.31 29.21
N THR A 226 -16.12 -4.25 28.63
CA THR A 226 -15.94 -4.09 27.16
C THR A 226 -14.49 -4.43 26.81
N ALA A 227 -14.28 -5.40 25.92
CA ALA A 227 -12.94 -5.91 25.56
C ALA A 227 -12.16 -4.80 24.87
N LEU A 228 -10.86 -4.66 25.19
CA LEU A 228 -9.93 -3.77 24.45
C LEU A 228 -9.80 -4.32 23.04
N PRO A 229 -9.85 -3.45 22.00
CA PRO A 229 -9.67 -3.92 20.62
C PRO A 229 -8.25 -4.45 20.38
N ASP A 230 -8.11 -5.36 19.41
CA ASP A 230 -6.81 -5.76 18.78
C ASP A 230 -5.88 -6.36 19.84
N GLU A 231 -6.34 -7.42 20.52
CA GLU A 231 -5.67 -7.98 21.72
C GLU A 231 -4.55 -8.95 21.31
N ASP A 232 -4.43 -9.27 20.02
CA ASP A 232 -3.35 -10.12 19.46
C ASP A 232 -2.17 -9.26 18.97
N ASP A 233 -2.37 -7.95 18.83
CA ASP A 233 -1.29 -6.97 18.48
C ASP A 233 -0.19 -7.00 19.55
N ASP A 234 1.01 -6.54 19.18
CA ASP A 234 2.25 -6.60 20.01
C ASP A 234 2.08 -5.68 21.23
N LEU A 235 1.55 -4.47 21.02
CA LEU A 235 1.05 -3.55 22.07
C LEU A 235 -0.46 -3.35 21.86
N GLU B 22 11.04 18.66 31.61
CA GLU B 22 11.19 17.50 32.55
C GLU B 22 12.63 17.43 33.07
N GLU B 23 13.31 18.59 33.16
CA GLU B 23 14.76 18.69 33.51
C GLU B 23 14.92 18.68 35.04
N ASP B 24 13.83 18.91 35.80
CA ASP B 24 13.81 18.90 37.29
C ASP B 24 12.83 17.82 37.78
N GLU B 25 12.91 16.63 37.16
CA GLU B 25 12.09 15.43 37.48
C GLU B 25 12.95 14.18 37.27
N GLU B 26 12.72 13.14 38.08
CA GLU B 26 13.49 11.87 38.06
C GLU B 26 12.56 10.76 37.56
N VAL B 27 13.05 9.92 36.64
CA VAL B 27 12.29 8.74 36.12
C VAL B 27 12.37 7.60 37.15
N LEU B 28 11.22 7.18 37.68
CA LEU B 28 11.10 6.02 38.62
C LEU B 28 10.87 4.74 37.83
N TYR B 29 10.07 4.82 36.76
CA TYR B 29 9.68 3.69 35.90
C TYR B 29 9.43 4.21 34.48
N LYS B 30 9.86 3.44 33.48
CA LYS B 30 9.61 3.73 32.04
C LYS B 30 9.28 2.41 31.35
N VAL B 31 8.07 2.28 30.82
CA VAL B 31 7.63 1.08 30.04
C VAL B 31 6.91 1.53 28.77
N ARG B 32 7.06 0.77 27.69
CA ARG B 32 6.28 0.93 26.43
C ARG B 32 4.86 0.43 26.67
N ALA B 33 3.86 1.19 26.23
CA ALA B 33 2.44 0.89 26.43
C ALA B 33 1.59 1.55 25.34
N LYS B 34 0.40 0.99 25.10
CA LYS B 34 -0.68 1.61 24.32
C LYS B 34 -1.75 2.07 25.32
N LEU B 35 -2.14 3.34 25.24
CA LEU B 35 -3.16 3.95 26.11
C LEU B 35 -4.47 4.07 25.33
N PHE B 36 -5.57 3.72 25.99
CA PHE B 36 -6.95 3.86 25.45
C PHE B 36 -7.81 4.69 26.40
N ARG B 37 -8.82 5.31 25.81
CA ARG B 37 -9.85 6.13 26.49
C ARG B 37 -11.20 5.48 26.19
N PHE B 38 -12.05 5.32 27.19
CA PHE B 38 -13.42 4.77 27.00
C PHE B 38 -14.34 5.91 26.57
N ASP B 39 -14.89 5.82 25.35
CA ASP B 39 -16.01 6.65 24.86
C ASP B 39 -17.30 5.95 25.29
N ALA B 40 -17.88 6.39 26.41
CA ALA B 40 -19.11 5.82 27.02
C ALA B 40 -20.26 5.92 26.01
N ASP B 41 -20.35 7.05 25.30
CA ASP B 41 -21.44 7.34 24.31
C ASP B 41 -21.39 6.31 23.18
N ALA B 42 -20.21 6.06 22.62
CA ALA B 42 -19.97 5.14 21.49
C ALA B 42 -19.92 3.69 21.98
N LYS B 43 -19.70 3.47 23.28
CA LYS B 43 -19.69 2.12 23.93
C LYS B 43 -18.52 1.30 23.34
N GLU B 44 -17.36 1.95 23.15
CA GLU B 44 -16.12 1.29 22.65
C GLU B 44 -14.89 2.02 23.18
N TRP B 45 -13.76 1.31 23.25
CA TRP B 45 -12.42 1.85 23.57
C TRP B 45 -11.82 2.50 22.32
N LYS B 46 -11.12 3.63 22.51
CA LYS B 46 -10.40 4.36 21.44
C LYS B 46 -8.93 4.54 21.87
N GLU B 47 -7.99 4.10 21.02
CA GLU B 47 -6.54 4.36 21.17
C GLU B 47 -6.34 5.87 21.32
N ARG B 48 -5.49 6.26 22.26
CA ARG B 48 -5.12 7.68 22.51
C ARG B 48 -3.65 7.90 22.18
N GLY B 49 -2.84 6.83 22.26
CA GLY B 49 -1.41 6.96 21.98
C GLY B 49 -0.64 5.71 22.31
N THR B 50 0.50 5.56 21.65
CA THR B 50 1.49 4.47 21.85
C THR B 50 2.85 5.12 22.06
N GLY B 51 3.51 4.78 23.17
CA GLY B 51 4.88 5.27 23.45
C GLY B 51 5.35 4.89 24.84
N ASP B 52 6.46 5.51 25.26
CA ASP B 52 7.06 5.34 26.60
C ASP B 52 6.13 6.00 27.62
N CYS B 53 5.54 5.21 28.51
CA CYS B 53 4.79 5.69 29.70
C CYS B 53 5.79 5.84 30.85
N LYS B 54 5.97 7.06 31.37
CA LYS B 54 7.00 7.38 32.39
C LYS B 54 6.33 7.77 33.70
N PHE B 55 6.96 7.38 34.82
CA PHE B 55 6.60 7.78 36.19
C PHE B 55 7.61 8.83 36.62
N LEU B 56 7.19 10.10 36.73
CA LEU B 56 8.10 11.24 36.96
C LEU B 56 7.87 11.82 38.37
N LYS B 57 8.88 11.75 39.23
CA LYS B 57 8.89 12.35 40.59
C LYS B 57 9.47 13.78 40.50
N ASN B 58 8.63 14.77 40.86
CA ASN B 58 8.97 16.21 40.92
C ASN B 58 10.02 16.44 42.03
N LYS B 59 11.11 17.15 41.74
CA LYS B 59 12.21 17.42 42.70
C LYS B 59 11.71 18.32 43.83
N LYS B 60 10.75 19.21 43.55
CA LYS B 60 10.21 20.20 44.52
C LYS B 60 9.16 19.55 45.43
N THR B 61 8.05 19.09 44.85
CA THR B 61 6.82 18.62 45.57
C THR B 61 6.94 17.14 45.95
N ASN B 62 7.85 16.41 45.30
CA ASN B 62 8.03 14.94 45.41
C ASN B 62 6.75 14.22 44.98
N LYS B 63 5.90 14.85 44.16
CA LYS B 63 4.65 14.24 43.60
C LYS B 63 5.00 13.49 42.31
N VAL B 64 4.58 12.23 42.20
CA VAL B 64 4.85 11.32 41.05
C VAL B 64 3.65 11.39 40.10
N ARG B 65 3.90 11.62 38.81
CA ARG B 65 2.85 11.64 37.76
C ARG B 65 3.18 10.60 36.70
N ILE B 66 2.18 10.24 35.91
CA ILE B 66 2.33 9.53 34.61
C ILE B 66 2.45 10.59 33.52
N LEU B 67 3.55 10.58 32.76
CA LEU B 67 3.69 11.36 31.51
C LEU B 67 3.95 10.37 30.36
N MET B 68 3.05 10.36 29.38
CA MET B 68 3.14 9.50 28.19
C MET B 68 3.11 10.37 26.93
N ARG B 69 4.10 10.20 26.05
CA ARG B 69 4.21 10.92 24.76
C ARG B 69 4.07 9.91 23.62
N ARG B 70 3.34 10.28 22.56
CA ARG B 70 3.21 9.46 21.33
C ARG B 70 4.59 9.35 20.66
N ASP B 71 4.93 8.18 20.14
CA ASP B 71 6.13 8.00 19.27
C ASP B 71 6.05 8.98 18.08
N LYS B 72 7.21 9.54 17.69
CA LYS B 72 7.46 10.30 16.44
C LYS B 72 6.96 11.75 16.57
N THR B 73 5.65 11.97 16.79
CA THR B 73 5.05 13.31 16.96
C THR B 73 5.44 13.90 18.31
N LEU B 74 5.63 13.03 19.32
CA LEU B 74 6.05 13.34 20.71
C LEU B 74 4.95 14.10 21.47
N LYS B 75 3.71 14.07 20.96
CA LYS B 75 2.53 14.75 21.57
C LYS B 75 2.12 14.00 22.84
N ILE B 76 1.73 14.76 23.87
CA ILE B 76 1.36 14.22 25.22
C ILE B 76 -0.03 13.60 25.12
N CYS B 77 -0.18 12.33 25.54
CA CYS B 77 -1.45 11.57 25.51
C CYS B 77 -1.84 11.08 26.91
N ALA B 78 -1.02 11.35 27.93
CA ALA B 78 -1.36 11.16 29.36
C ALA B 78 -0.48 12.06 30.22
N ASN B 79 -1.11 12.86 31.07
CA ASN B 79 -0.43 13.77 32.02
C ASN B 79 -1.34 13.96 33.23
N HIS B 80 -1.12 13.17 34.29
CA HIS B 80 -1.92 13.23 35.54
C HIS B 80 -1.11 12.69 36.71
N ILE B 81 -1.46 13.11 37.92
CA ILE B 81 -0.93 12.62 39.23
C ILE B 81 -1.39 11.17 39.40
N ILE B 82 -0.49 10.30 39.87
CA ILE B 82 -0.85 8.91 40.27
C ILE B 82 -1.54 9.01 41.63
N ALA B 83 -2.81 9.40 41.65
CA ALA B 83 -3.60 9.69 42.87
C ALA B 83 -3.74 8.43 43.70
N PRO B 84 -3.66 8.54 45.05
CA PRO B 84 -3.81 7.38 45.94
C PRO B 84 -5.21 6.75 45.90
N GLU B 85 -6.23 7.50 45.47
CA GLU B 85 -7.64 7.04 45.34
C GLU B 85 -7.73 5.97 44.26
N TYR B 86 -7.03 6.18 43.14
CA TYR B 86 -7.11 5.36 41.91
C TYR B 86 -6.89 3.88 42.23
N THR B 87 -7.62 3.02 41.51
CA THR B 87 -7.56 1.54 41.60
C THR B 87 -7.40 0.98 40.18
N LEU B 88 -6.33 0.23 39.92
CA LEU B 88 -6.10 -0.54 38.67
C LEU B 88 -6.95 -1.82 38.70
N LYS B 89 -7.90 -1.94 37.76
CA LYS B 89 -8.78 -3.13 37.60
C LYS B 89 -8.33 -3.91 36.38
N PRO B 90 -8.52 -5.25 36.32
CA PRO B 90 -8.33 -5.98 35.07
C PRO B 90 -9.39 -5.59 34.01
N ASN B 91 -9.03 -5.70 32.72
CA ASN B 91 -10.02 -5.68 31.61
C ASN B 91 -10.38 -7.13 31.28
N VAL B 92 -11.64 -7.38 30.96
CA VAL B 92 -12.20 -8.75 30.69
C VAL B 92 -11.45 -9.40 29.51
N GLY B 93 -10.91 -8.60 28.58
CA GLY B 93 -10.34 -9.10 27.31
C GLY B 93 -8.83 -9.31 27.34
N SER B 94 -8.15 -8.98 28.43
CA SER B 94 -6.67 -8.82 28.46
C SER B 94 -6.10 -9.35 29.79
N ASP B 95 -4.93 -9.98 29.75
CA ASP B 95 -4.14 -10.39 30.94
C ASP B 95 -2.94 -9.44 31.12
N ARG B 96 -2.85 -8.39 30.30
CA ARG B 96 -1.69 -7.46 30.25
C ARG B 96 -2.18 -6.02 30.11
N SER B 97 -3.30 -5.67 30.75
CA SER B 97 -3.89 -4.30 30.75
C SER B 97 -4.43 -3.97 32.13
N TRP B 98 -4.55 -2.67 32.43
CA TRP B 98 -5.21 -2.12 33.63
C TRP B 98 -6.20 -1.04 33.19
N VAL B 99 -7.38 -1.03 33.80
CA VAL B 99 -8.41 0.05 33.66
C VAL B 99 -8.44 0.82 34.98
N TYR B 100 -8.57 2.15 34.92
CA TYR B 100 -8.73 3.02 36.12
C TYR B 100 -9.33 4.36 35.68
N ALA B 101 -10.19 4.92 36.53
CA ALA B 101 -10.78 6.27 36.38
C ALA B 101 -9.68 7.28 36.67
N CYS B 102 -9.59 8.31 35.83
CA CYS B 102 -8.73 9.49 36.03
C CYS B 102 -9.65 10.72 36.10
N THR B 103 -9.53 11.53 37.16
CA THR B 103 -10.44 12.66 37.45
C THR B 103 -9.88 13.97 36.89
N ALA B 104 -8.58 14.02 36.56
CA ALA B 104 -7.90 15.24 36.07
C ALA B 104 -6.65 14.91 35.25
N ASP B 105 -6.83 14.71 33.93
CA ASP B 105 -5.73 14.59 32.95
C ASP B 105 -5.67 15.87 32.11
N ILE B 106 -4.47 16.39 31.84
CA ILE B 106 -4.24 17.71 31.18
C ILE B 106 -3.40 17.53 29.92
N ALA B 107 -3.41 16.33 29.33
CA ALA B 107 -2.74 16.03 28.04
C ALA B 107 -3.28 17.00 26.97
N GLU B 108 -4.61 17.05 26.80
CA GLU B 108 -5.29 17.76 25.70
C GLU B 108 -6.08 18.96 26.26
N GLY B 109 -5.39 19.89 26.93
CA GLY B 109 -5.96 21.14 27.47
C GLY B 109 -6.33 21.03 28.94
N GLU B 110 -7.42 21.69 29.35
CA GLU B 110 -7.87 21.82 30.76
C GLU B 110 -8.20 20.45 31.37
N ALA B 111 -8.03 20.32 32.68
CA ALA B 111 -8.20 19.06 33.45
C ALA B 111 -9.58 18.44 33.15
N GLU B 112 -9.58 17.28 32.50
CA GLU B 112 -10.80 16.52 32.10
C GLU B 112 -10.71 15.13 32.72
N ALA B 113 -11.87 14.52 33.03
CA ALA B 113 -12.01 13.16 33.60
C ALA B 113 -12.10 12.14 32.47
N PHE B 114 -11.38 11.02 32.60
CA PHE B 114 -11.33 9.92 31.60
C PHE B 114 -11.32 8.58 32.33
N THR B 115 -11.91 7.55 31.72
CA THR B 115 -11.67 6.13 32.07
C THR B 115 -10.59 5.58 31.15
N PHE B 116 -9.37 5.41 31.66
CA PHE B 116 -8.19 4.98 30.87
C PHE B 116 -8.08 3.44 30.90
N ALA B 117 -7.49 2.90 29.85
CA ALA B 117 -6.93 1.52 29.81
C ALA B 117 -5.52 1.62 29.24
N ILE B 118 -4.58 0.90 29.81
CA ILE B 118 -3.17 0.91 29.36
C ILE B 118 -2.75 -0.55 29.17
N ARG B 119 -2.41 -0.94 27.94
CA ARG B 119 -1.99 -2.33 27.60
C ARG B 119 -0.48 -2.30 27.40
N PHE B 120 0.21 -3.40 27.74
CA PHE B 120 1.68 -3.55 27.72
C PHE B 120 2.05 -4.72 26.81
N GLY B 121 3.36 -4.92 26.58
CA GLY B 121 3.91 -5.98 25.71
C GLY B 121 3.65 -7.36 26.26
N SER B 122 3.58 -7.49 27.59
CA SER B 122 3.50 -8.79 28.32
C SER B 122 2.72 -8.65 29.63
N LYS B 123 2.41 -9.78 30.26
CA LYS B 123 1.73 -9.85 31.58
C LYS B 123 2.68 -9.33 32.65
N GLU B 124 3.99 -9.60 32.52
CA GLU B 124 4.98 -9.22 33.55
C GLU B 124 5.23 -7.72 33.50
N ASN B 125 5.27 -7.11 32.31
CA ASN B 125 5.33 -5.64 32.14
C ASN B 125 4.14 -5.01 32.86
N ALA B 126 2.94 -5.57 32.69
CA ALA B 126 1.68 -5.10 33.30
C ALA B 126 1.77 -5.22 34.83
N ASP B 127 2.24 -6.37 35.35
CA ASP B 127 2.38 -6.63 36.81
C ASP B 127 3.41 -5.66 37.40
N LYS B 128 4.55 -5.45 36.74
CA LYS B 128 5.63 -4.53 37.21
C LYS B 128 5.11 -3.08 37.20
N PHE B 129 4.27 -2.71 36.22
CA PHE B 129 3.58 -1.39 36.14
C PHE B 129 2.75 -1.17 37.40
N LYS B 130 1.81 -2.08 37.68
CA LYS B 130 0.84 -1.96 38.81
C LYS B 130 1.61 -1.89 40.14
N GLU B 131 2.69 -2.67 40.29
CA GLU B 131 3.55 -2.64 41.51
C GLU B 131 4.23 -1.27 41.61
N GLU B 132 4.73 -0.75 40.48
CA GLU B 132 5.39 0.58 40.39
C GLU B 132 4.35 1.70 40.60
N PHE B 133 3.12 1.48 40.15
CA PHE B 133 1.97 2.42 40.29
C PHE B 133 1.55 2.51 41.77
N GLU B 134 1.68 1.41 42.51
CA GLU B 134 1.32 1.32 43.96
C GLU B 134 2.43 1.98 44.79
N LYS B 135 3.70 1.76 44.43
CA LYS B 135 4.87 2.45 45.03
C LYS B 135 4.66 3.96 44.97
N ALA B 136 4.27 4.47 43.79
CA ALA B 136 4.09 5.91 43.49
C ALA B 136 2.88 6.47 44.24
N GLN B 137 1.81 5.68 44.39
CA GLN B 137 0.57 6.07 45.14
C GLN B 137 0.93 6.38 46.60
N GLU B 138 1.81 5.56 47.19
CA GLU B 138 2.22 5.70 48.62
C GLU B 138 3.52 6.52 48.71
N ILE B 139 4.01 7.08 47.61
CA ILE B 139 4.89 8.29 47.64
C ILE B 139 4.00 9.53 47.63
N ASN B 140 2.88 9.49 46.90
CA ASN B 140 1.90 10.61 46.82
C ASN B 140 1.09 10.71 48.11
N LYS B 141 1.10 9.69 48.98
CA LYS B 141 0.44 9.72 50.32
C LYS B 141 1.12 10.75 51.23
N LYS B 142 2.45 10.93 51.09
CA LYS B 142 3.27 11.85 51.92
C LYS B 142 3.09 13.30 51.44
N SER C 3 -30.80 31.07 7.70
CA SER C 3 -30.13 32.36 7.31
C SER C 3 -29.55 32.23 5.90
N MET C 4 -28.54 31.38 5.74
CA MET C 4 -27.77 31.17 4.49
C MET C 4 -28.57 30.32 3.48
N GLU C 5 -29.59 29.59 3.95
CA GLU C 5 -30.32 28.56 3.15
C GLU C 5 -31.26 29.23 2.13
N GLY C 6 -31.26 30.58 2.06
CA GLY C 6 -32.00 31.37 1.08
C GLY C 6 -31.67 30.98 -0.35
N ILE C 7 -30.38 30.80 -0.68
CA ILE C 7 -29.88 30.54 -2.07
C ILE C 7 -30.47 29.23 -2.60
N LEU C 8 -30.81 28.29 -1.70
CA LEU C 8 -31.44 26.98 -2.02
C LEU C 8 -32.89 27.16 -2.49
N ASP C 9 -33.48 28.35 -2.26
CA ASP C 9 -34.86 28.69 -2.71
C ASP C 9 -34.79 29.28 -4.12
N PHE C 10 -35.16 28.48 -5.14
CA PHE C 10 -35.03 28.81 -6.59
C PHE C 10 -36.26 29.57 -7.09
N SER C 11 -37.33 29.65 -6.27
CA SER C 11 -38.56 30.44 -6.53
C SER C 11 -38.22 31.88 -6.89
N ASN C 12 -37.35 32.51 -6.09
CA ASN C 12 -36.95 33.94 -6.23
C ASN C 12 -35.68 34.03 -7.09
N ASP C 13 -35.39 35.22 -7.61
CA ASP C 13 -34.07 35.58 -8.22
C ASP C 13 -32.99 35.26 -7.19
N LEU C 14 -31.82 34.80 -7.64
CA LEU C 14 -30.68 34.47 -6.75
C LEU C 14 -30.12 35.77 -6.15
N ASP C 15 -30.02 35.82 -4.82
CA ASP C 15 -29.28 36.90 -4.11
C ASP C 15 -27.78 36.60 -4.22
N ILE C 16 -27.07 37.32 -5.08
CA ILE C 16 -25.62 37.16 -5.35
C ILE C 16 -24.85 37.40 -4.04
N ALA C 17 -25.16 38.50 -3.33
CA ALA C 17 -24.50 38.90 -2.08
C ALA C 17 -24.68 37.79 -1.03
N LEU C 18 -25.80 37.10 -1.02
CA LEU C 18 -26.07 35.95 -0.09
C LEU C 18 -25.20 34.76 -0.49
N LEU C 19 -25.11 34.44 -1.79
CA LEU C 19 -24.22 33.37 -2.33
C LEU C 19 -22.77 33.66 -1.90
N ASP C 20 -22.35 34.93 -1.98
CA ASP C 20 -20.96 35.35 -1.74
C ASP C 20 -20.61 35.20 -0.25
N GLN C 21 -21.58 35.38 0.66
CA GLN C 21 -21.34 35.17 2.12
C GLN C 21 -21.26 33.66 2.38
N VAL C 22 -22.14 32.88 1.74
CA VAL C 22 -22.19 31.39 1.88
C VAL C 22 -20.83 30.82 1.43
N VAL C 23 -20.37 31.23 0.24
CA VAL C 23 -19.07 30.82 -0.36
C VAL C 23 -17.93 31.31 0.54
N SER C 24 -17.96 32.57 0.94
CA SER C 24 -16.89 33.23 1.75
C SER C 24 -16.77 32.56 3.14
N THR C 25 -17.89 32.23 3.81
CA THR C 25 -17.86 31.60 5.17
C THR C 25 -17.54 30.11 5.03
N PHE C 26 -17.55 29.56 3.80
CA PHE C 26 -17.04 28.20 3.51
C PHE C 26 -15.51 28.21 3.39
N TYR C 27 -14.95 29.13 2.61
CA TYR C 27 -13.50 29.14 2.26
C TYR C 27 -12.69 29.80 3.37
N GLN C 28 -13.14 30.95 3.89
CA GLN C 28 -12.41 31.77 4.90
C GLN C 28 -13.03 31.58 6.30
N GLY C 29 -14.19 30.92 6.40
CA GLY C 29 -14.87 30.67 7.68
C GLY C 29 -14.22 29.52 8.46
N SER C 30 -14.94 29.01 9.47
CA SER C 30 -14.40 28.09 10.50
C SER C 30 -15.56 27.37 11.21
N GLY C 31 -15.28 26.19 11.79
CA GLY C 31 -16.17 25.42 12.69
C GLY C 31 -17.52 25.10 12.08
N VAL C 32 -18.59 25.29 12.87
CA VAL C 32 -19.99 24.89 12.54
C VAL C 32 -20.53 25.71 11.36
N GLN C 33 -20.15 26.99 11.27
CA GLN C 33 -20.62 27.91 10.21
C GLN C 33 -20.17 27.37 8.84
N GLN C 34 -18.89 27.03 8.71
CA GLN C 34 -18.28 26.58 7.42
C GLN C 34 -18.86 25.22 7.04
N LYS C 35 -19.15 24.33 8.00
CA LYS C 35 -19.81 23.03 7.74
C LYS C 35 -21.21 23.27 7.20
N GLN C 36 -21.98 24.19 7.80
CA GLN C 36 -23.36 24.55 7.37
C GLN C 36 -23.35 25.11 5.94
N ALA C 37 -22.40 26.00 5.64
CA ALA C 37 -22.19 26.62 4.32
C ALA C 37 -21.84 25.53 3.31
N GLN C 38 -21.01 24.57 3.72
CA GLN C 38 -20.54 23.43 2.89
C GLN C 38 -21.75 22.62 2.40
N GLU C 39 -22.69 22.30 3.30
CA GLU C 39 -23.90 21.48 3.00
C GLU C 39 -24.81 22.26 2.06
N ILE C 40 -24.89 23.58 2.28
CA ILE C 40 -25.70 24.53 1.47
C ILE C 40 -25.14 24.60 0.04
N LEU C 41 -23.84 24.86 -0.10
CA LEU C 41 -23.15 24.98 -1.42
C LEU C 41 -23.26 23.67 -2.20
N THR C 42 -23.16 22.53 -1.52
CA THR C 42 -23.24 21.17 -2.13
C THR C 42 -24.64 21.00 -2.71
N LYS C 43 -25.69 21.24 -1.92
CA LYS C 43 -27.10 21.08 -2.36
C LYS C 43 -27.42 22.07 -3.47
N PHE C 44 -26.76 23.24 -3.48
CA PHE C 44 -26.91 24.29 -4.51
C PHE C 44 -26.46 23.76 -5.88
N GLN C 45 -25.19 23.33 -5.97
CA GLN C 45 -24.56 22.93 -7.26
C GLN C 45 -25.18 21.60 -7.75
N ASP C 46 -25.74 20.80 -6.85
CA ASP C 46 -26.35 19.48 -7.19
C ASP C 46 -27.81 19.70 -7.62
N ASN C 47 -28.33 20.91 -7.46
CA ASN C 47 -29.66 21.29 -8.02
C ASN C 47 -29.55 21.19 -9.54
N PRO C 48 -30.41 20.39 -10.22
CA PRO C 48 -30.28 20.17 -11.66
C PRO C 48 -30.44 21.44 -12.51
N ASP C 49 -31.06 22.50 -11.96
CA ASP C 49 -31.35 23.77 -12.68
C ASP C 49 -30.28 24.82 -12.37
N ALA C 50 -29.36 24.54 -11.44
CA ALA C 50 -28.30 25.47 -10.95
C ALA C 50 -27.57 26.16 -12.11
N TRP C 51 -27.30 25.44 -13.20
CA TRP C 51 -26.53 25.93 -14.39
C TRP C 51 -27.21 27.15 -15.03
N GLN C 52 -28.55 27.25 -14.91
CA GLN C 52 -29.35 28.37 -15.49
C GLN C 52 -28.92 29.69 -14.84
N LYS C 53 -28.53 29.62 -13.56
CA LYS C 53 -28.17 30.80 -12.74
C LYS C 53 -26.65 30.97 -12.75
N ALA C 54 -25.99 30.64 -13.87
CA ALA C 54 -24.50 30.60 -13.98
C ALA C 54 -23.98 31.90 -14.60
N ASP C 55 -24.59 32.35 -15.71
CA ASP C 55 -24.21 33.62 -16.40
C ASP C 55 -24.44 34.78 -15.42
N GLN C 56 -25.46 34.70 -14.56
CA GLN C 56 -25.75 35.70 -13.49
C GLN C 56 -24.49 35.85 -12.62
N ILE C 57 -24.03 34.74 -12.04
CA ILE C 57 -22.92 34.69 -11.04
C ILE C 57 -21.64 35.22 -11.70
N LEU C 58 -21.36 34.84 -12.94
CA LEU C 58 -20.12 35.24 -13.67
C LEU C 58 -20.16 36.75 -13.99
N GLN C 59 -21.36 37.32 -14.16
CA GLN C 59 -21.56 38.77 -14.48
C GLN C 59 -21.54 39.61 -13.20
N PHE C 60 -22.37 39.24 -12.21
CA PHE C 60 -22.80 40.13 -11.10
C PHE C 60 -21.98 39.85 -9.83
N SER C 61 -21.56 38.60 -9.59
CA SER C 61 -20.67 38.26 -8.45
C SER C 61 -19.30 38.90 -8.68
N THR C 62 -18.66 39.39 -7.61
CA THR C 62 -17.25 39.86 -7.59
C THR C 62 -16.36 38.82 -6.90
N ASN C 63 -16.96 37.79 -6.27
CA ASN C 63 -16.25 36.71 -5.55
C ASN C 63 -15.67 35.71 -6.57
N PRO C 64 -14.33 35.57 -6.68
CA PRO C 64 -13.72 34.59 -7.58
C PRO C 64 -14.11 33.14 -7.29
N GLN C 65 -14.33 32.82 -6.01
CA GLN C 65 -14.74 31.45 -5.57
C GLN C 65 -16.16 31.15 -6.03
N SER C 66 -17.07 32.13 -5.98
CA SER C 66 -18.45 31.98 -6.49
C SER C 66 -18.42 31.64 -7.98
N LYS C 67 -17.57 32.34 -8.74
CA LYS C 67 -17.46 32.18 -10.22
C LYS C 67 -16.88 30.80 -10.52
N PHE C 68 -15.89 30.38 -9.75
CA PHE C 68 -15.24 29.06 -9.88
C PHE C 68 -16.32 27.98 -9.78
N ILE C 69 -17.13 28.06 -8.72
CA ILE C 69 -18.23 27.08 -8.42
C ILE C 69 -19.28 27.15 -9.53
N ALA C 70 -19.55 28.33 -10.09
CA ALA C 70 -20.49 28.54 -11.23
C ALA C 70 -19.97 27.79 -12.47
N LEU C 71 -18.67 27.86 -12.75
CA LEU C 71 -18.05 27.14 -13.90
C LEU C 71 -18.10 25.62 -13.66
N SER C 72 -17.84 25.14 -12.44
CA SER C 72 -17.99 23.71 -12.03
C SER C 72 -19.42 23.22 -12.32
N ILE C 73 -20.43 24.04 -12.00
CA ILE C 73 -21.87 23.71 -12.26
C ILE C 73 -22.05 23.57 -13.78
N LEU C 74 -21.48 24.50 -14.56
CA LEU C 74 -21.47 24.49 -16.04
C LEU C 74 -20.78 23.24 -16.56
N ASP C 75 -19.56 22.95 -16.08
CA ASP C 75 -18.75 21.78 -16.50
C ASP C 75 -19.62 20.52 -16.42
N LYS C 76 -20.33 20.36 -15.31
CA LYS C 76 -21.13 19.14 -14.99
C LYS C 76 -22.25 19.00 -16.02
N LEU C 77 -22.77 20.12 -16.53
CA LEU C 77 -23.83 20.19 -17.57
C LEU C 77 -23.24 19.85 -18.94
N ILE C 78 -22.11 20.46 -19.29
CA ILE C 78 -21.44 20.29 -20.61
C ILE C 78 -21.06 18.82 -20.79
N THR C 79 -20.46 18.18 -19.79
CA THR C 79 -19.94 16.80 -19.91
C THR C 79 -21.10 15.80 -19.91
N ARG C 80 -22.24 16.10 -19.26
CA ARG C 80 -23.32 15.11 -18.97
C ARG C 80 -24.59 15.35 -19.80
N LYS C 81 -25.03 16.60 -19.98
CA LYS C 81 -26.40 16.92 -20.50
C LYS C 81 -26.37 17.85 -21.72
N TRP C 82 -25.18 18.16 -22.27
CA TRP C 82 -24.97 19.14 -23.35
C TRP C 82 -25.88 18.86 -24.55
N LYS C 83 -25.93 17.61 -25.03
CA LYS C 83 -26.61 17.21 -26.28
C LYS C 83 -28.13 17.18 -26.12
N LEU C 84 -28.63 17.36 -24.90
CA LEU C 84 -30.09 17.46 -24.56
C LEU C 84 -30.55 18.91 -24.71
N LEU C 85 -29.64 19.88 -24.73
CA LEU C 85 -29.98 21.32 -24.72
C LEU C 85 -30.45 21.75 -26.12
N PRO C 86 -31.38 22.73 -26.21
CA PRO C 86 -31.63 23.41 -27.48
C PRO C 86 -30.31 24.03 -27.98
N ASN C 87 -30.16 24.15 -29.31
CA ASN C 87 -28.88 24.57 -29.96
C ASN C 87 -28.56 26.03 -29.63
N ASP C 88 -29.56 26.84 -29.27
CA ASP C 88 -29.37 28.28 -28.95
C ASP C 88 -28.84 28.43 -27.51
N HIS C 89 -29.15 27.49 -26.61
CA HIS C 89 -28.54 27.43 -25.25
C HIS C 89 -27.05 27.10 -25.38
N ARG C 90 -26.72 26.15 -26.27
CA ARG C 90 -25.34 25.69 -26.56
C ARG C 90 -24.51 26.86 -27.10
N ILE C 91 -25.06 27.63 -28.04
CA ILE C 91 -24.39 28.82 -28.63
C ILE C 91 -24.25 29.90 -27.55
N GLY C 92 -25.30 30.11 -26.75
CA GLY C 92 -25.31 31.07 -25.62
C GLY C 92 -24.14 30.80 -24.69
N ILE C 93 -24.08 29.57 -24.15
CA ILE C 93 -23.04 29.11 -23.19
C ILE C 93 -21.65 29.29 -23.81
N ARG C 94 -21.46 28.83 -25.05
CA ARG C 94 -20.17 29.01 -25.77
C ARG C 94 -19.77 30.48 -25.79
N ASN C 95 -20.68 31.37 -26.16
CA ASN C 95 -20.39 32.81 -26.41
C ASN C 95 -20.00 33.50 -25.09
N PHE C 96 -20.64 33.19 -23.96
CA PHE C 96 -20.38 33.90 -22.68
C PHE C 96 -19.21 33.26 -21.93
N VAL C 97 -18.80 32.04 -22.28
CA VAL C 97 -17.51 31.46 -21.79
C VAL C 97 -16.35 32.12 -22.53
N VAL C 98 -16.42 32.19 -23.88
CA VAL C 98 -15.41 32.89 -24.73
C VAL C 98 -15.30 34.34 -24.26
N GLY C 99 -16.45 35.01 -24.11
CA GLY C 99 -16.55 36.42 -23.70
C GLY C 99 -15.95 36.69 -22.34
N MET C 100 -16.20 35.81 -21.37
CA MET C 100 -15.63 35.92 -20.00
C MET C 100 -14.09 35.80 -20.08
N ILE C 101 -13.56 34.94 -20.96
CA ILE C 101 -12.09 34.65 -21.03
C ILE C 101 -11.38 35.88 -21.63
N ILE C 102 -11.83 36.39 -22.78
CA ILE C 102 -11.19 37.57 -23.43
C ILE C 102 -11.30 38.78 -22.49
N SER C 103 -12.42 38.91 -21.77
CA SER C 103 -12.69 39.98 -20.77
C SER C 103 -11.57 39.99 -19.71
N MET C 104 -11.27 38.82 -19.13
CA MET C 104 -10.30 38.65 -18.02
C MET C 104 -8.86 38.79 -18.55
N CYS C 105 -8.62 38.49 -19.83
CA CYS C 105 -7.28 38.62 -20.48
C CYS C 105 -6.97 40.10 -20.80
N GLN C 106 -8.00 40.89 -21.11
CA GLN C 106 -7.87 42.32 -21.52
C GLN C 106 -7.56 43.20 -20.30
N ASP C 107 -7.99 42.78 -19.11
CA ASP C 107 -7.74 43.45 -17.81
C ASP C 107 -6.50 42.81 -17.17
N ASP C 108 -5.37 43.53 -17.14
CA ASP C 108 -4.04 43.04 -16.68
C ASP C 108 -4.10 42.74 -15.17
N GLU C 109 -4.84 43.54 -14.40
CA GLU C 109 -5.09 43.35 -12.95
C GLU C 109 -5.73 41.97 -12.71
N VAL C 110 -6.83 41.70 -13.41
CA VAL C 110 -7.63 40.44 -13.32
C VAL C 110 -6.79 39.25 -13.83
N PHE C 111 -6.10 39.43 -14.95
CA PHE C 111 -5.22 38.40 -15.58
C PHE C 111 -4.08 38.01 -14.62
N LYS C 112 -3.50 38.99 -13.92
CA LYS C 112 -2.40 38.76 -12.94
C LYS C 112 -2.96 37.97 -11.74
N THR C 113 -4.11 38.41 -11.22
CA THR C 113 -4.55 38.17 -9.81
C THR C 113 -5.54 37.00 -9.72
N GLN C 114 -6.11 36.52 -10.82
CA GLN C 114 -7.19 35.49 -10.82
C GLN C 114 -6.86 34.33 -11.76
N LYS C 115 -5.66 33.75 -11.65
CA LYS C 115 -5.24 32.63 -12.52
C LYS C 115 -6.18 31.43 -12.30
N ASN C 116 -6.52 31.11 -11.04
CA ASN C 116 -7.45 30.01 -10.68
C ASN C 116 -8.72 30.12 -11.51
N LEU C 117 -9.35 31.30 -11.54
CA LEU C 117 -10.64 31.50 -12.24
C LEU C 117 -10.44 31.46 -13.77
N ILE C 118 -9.33 32.01 -14.29
CA ILE C 118 -9.04 32.00 -15.76
C ILE C 118 -8.78 30.56 -16.22
N ASN C 119 -7.87 29.84 -15.56
CA ASN C 119 -7.52 28.43 -15.88
C ASN C 119 -8.80 27.57 -15.84
N LYS C 120 -9.72 27.85 -14.92
CA LYS C 120 -10.99 27.09 -14.79
C LYS C 120 -11.90 27.40 -15.98
N SER C 121 -11.92 28.65 -16.44
CA SER C 121 -12.67 29.13 -17.63
C SER C 121 -12.16 28.41 -18.88
N ASP C 122 -10.84 28.35 -19.02
CA ASP C 122 -10.15 27.64 -20.12
C ASP C 122 -10.54 26.17 -20.11
N LEU C 123 -10.55 25.54 -18.94
CA LEU C 123 -10.90 24.09 -18.83
C LEU C 123 -12.35 23.90 -19.28
N THR C 124 -13.24 24.83 -18.93
CA THR C 124 -14.68 24.80 -19.31
C THR C 124 -14.82 24.92 -20.83
N LEU C 125 -14.09 25.86 -21.44
CA LEU C 125 -14.03 26.06 -22.92
C LEU C 125 -13.63 24.74 -23.58
N VAL C 126 -12.66 24.03 -23.01
CA VAL C 126 -12.11 22.76 -23.57
C VAL C 126 -13.19 21.66 -23.47
N GLN C 127 -14.02 21.67 -22.43
CA GLN C 127 -15.16 20.71 -22.31
C GLN C 127 -16.13 20.94 -23.48
N ILE C 128 -16.28 22.19 -23.92
CA ILE C 128 -17.18 22.56 -25.06
C ILE C 128 -16.54 22.09 -26.37
N LEU C 129 -15.23 22.30 -26.55
CA LEU C 129 -14.49 21.83 -27.75
C LEU C 129 -14.64 20.32 -27.90
N LYS C 130 -14.57 19.58 -26.79
CA LYS C 130 -14.68 18.10 -26.80
C LYS C 130 -16.05 17.71 -27.37
N GLN C 131 -17.06 18.56 -27.18
CA GLN C 131 -18.47 18.32 -27.64
C GLN C 131 -18.64 18.83 -29.08
N GLU C 132 -18.11 20.01 -29.40
CA GLU C 132 -18.54 20.85 -30.55
C GLU C 132 -17.44 20.98 -31.62
N TRP C 133 -16.17 20.71 -31.29
CA TRP C 133 -15.02 20.98 -32.20
C TRP C 133 -14.47 19.69 -32.79
N PRO C 134 -14.05 19.67 -34.08
CA PRO C 134 -14.17 20.82 -34.99
C PRO C 134 -15.44 20.90 -35.86
N GLN C 135 -16.37 19.93 -35.71
CA GLN C 135 -17.54 19.75 -36.61
C GLN C 135 -18.46 20.99 -36.56
N ASN C 136 -18.75 21.55 -35.38
CA ASN C 136 -19.64 22.74 -35.21
C ASN C 136 -18.82 23.97 -34.84
N TRP C 137 -17.52 23.99 -35.12
CA TRP C 137 -16.61 25.11 -34.73
C TRP C 137 -15.34 25.06 -35.56
N PRO C 138 -15.44 25.01 -36.91
CA PRO C 138 -14.26 24.78 -37.76
C PRO C 138 -13.17 25.85 -37.59
N GLU C 139 -13.54 27.06 -37.17
CA GLU C 139 -12.66 28.26 -37.23
C GLU C 139 -11.92 28.48 -35.89
N PHE C 140 -12.15 27.60 -34.90
CA PHE C 140 -11.61 27.77 -33.52
C PHE C 140 -10.10 28.02 -33.55
N ILE C 141 -9.35 27.17 -34.26
CA ILE C 141 -7.86 27.20 -34.29
C ILE C 141 -7.37 28.39 -35.12
N PRO C 142 -7.80 28.58 -36.39
CA PRO C 142 -7.45 29.78 -37.15
C PRO C 142 -7.69 31.08 -36.38
N GLU C 143 -8.82 31.20 -35.69
CA GLU C 143 -9.20 32.41 -34.91
C GLU C 143 -8.35 32.51 -33.64
N LEU C 144 -8.07 31.39 -32.95
CA LEU C 144 -7.16 31.35 -31.77
C LEU C 144 -5.78 31.88 -32.15
N ILE C 145 -5.25 31.43 -33.30
CA ILE C 145 -3.91 31.80 -33.84
C ILE C 145 -3.87 33.29 -34.21
N GLY C 146 -4.94 33.81 -34.81
CA GLY C 146 -5.05 35.22 -35.21
C GLY C 146 -5.22 36.11 -34.00
N SER C 147 -6.02 35.69 -33.04
CA SER C 147 -6.31 36.40 -31.76
C SER C 147 -5.02 36.54 -30.93
N SER C 148 -4.11 35.57 -31.01
CA SER C 148 -2.84 35.54 -30.24
C SER C 148 -1.94 36.73 -30.59
N SER C 149 -1.94 37.19 -31.86
CA SER C 149 -1.09 38.32 -32.35
C SER C 149 -1.51 39.65 -31.70
N SER C 150 -2.80 39.80 -31.36
CA SER C 150 -3.38 41.07 -30.82
C SER C 150 -2.76 41.39 -29.44
N SER C 151 -2.73 40.42 -28.52
CA SER C 151 -2.35 40.63 -27.09
C SER C 151 -1.46 39.50 -26.59
N VAL C 152 -0.42 39.85 -25.83
CA VAL C 152 0.51 38.90 -25.16
C VAL C 152 -0.29 38.07 -24.14
N ASN C 153 -1.17 38.70 -23.37
CA ASN C 153 -1.99 38.03 -22.33
C ASN C 153 -2.90 36.98 -22.97
N VAL C 154 -3.55 37.34 -24.09
CA VAL C 154 -4.48 36.44 -24.84
C VAL C 154 -3.65 35.29 -25.41
N CYS C 155 -2.46 35.59 -25.93
CA CYS C 155 -1.50 34.61 -26.51
C CYS C 155 -1.08 33.60 -25.43
N GLU C 156 -0.72 34.09 -24.23
CA GLU C 156 -0.37 33.25 -23.05
C GLU C 156 -1.55 32.34 -22.67
N ASN C 157 -2.75 32.89 -22.59
CA ASN C 157 -3.97 32.14 -22.17
C ASN C 157 -4.31 31.09 -23.23
N ASN C 158 -4.04 31.40 -24.50
CA ASN C 158 -4.30 30.48 -25.65
C ASN C 158 -3.37 29.27 -25.55
N MET C 159 -2.14 29.46 -25.06
CA MET C 159 -1.17 28.36 -24.81
C MET C 159 -1.71 27.43 -23.71
N ILE C 160 -2.34 28.00 -22.68
CA ILE C 160 -2.97 27.25 -21.55
C ILE C 160 -4.16 26.44 -22.10
N VAL C 161 -4.98 27.03 -22.98
CA VAL C 161 -6.14 26.33 -23.61
C VAL C 161 -5.62 25.15 -24.44
N LEU C 162 -4.63 25.37 -25.29
CA LEU C 162 -4.05 24.33 -26.17
C LEU C 162 -3.41 23.23 -25.32
N LYS C 163 -2.72 23.58 -24.24
CA LYS C 163 -2.13 22.61 -23.27
C LYS C 163 -3.23 21.70 -22.72
N LEU C 164 -4.31 22.30 -22.22
CA LEU C 164 -5.45 21.56 -21.63
C LEU C 164 -6.11 20.70 -22.73
N LEU C 165 -6.22 21.23 -23.95
CA LEU C 165 -6.85 20.48 -25.07
C LEU C 165 -6.02 19.23 -25.37
N SER C 166 -4.70 19.38 -25.44
CA SER C 166 -3.75 18.27 -25.70
C SER C 166 -3.88 17.22 -24.61
N GLU C 167 -3.90 17.64 -23.34
CA GLU C 167 -4.09 16.75 -22.15
C GLU C 167 -5.40 15.98 -22.28
N GLU C 168 -6.51 16.66 -22.56
CA GLU C 168 -7.87 16.06 -22.56
C GLU C 168 -8.03 15.08 -23.73
N VAL C 169 -7.33 15.27 -24.84
CA VAL C 169 -7.49 14.45 -26.07
C VAL C 169 -6.53 13.25 -26.06
N PHE C 170 -5.27 13.44 -25.69
CA PHE C 170 -4.18 12.45 -25.84
C PHE C 170 -3.82 11.77 -24.52
N ASP C 171 -3.89 12.47 -23.38
CA ASP C 171 -3.37 11.98 -22.07
C ASP C 171 -4.48 11.37 -21.21
N PHE C 172 -5.72 11.89 -21.28
CA PHE C 172 -6.83 11.55 -20.37
C PHE C 172 -8.11 11.15 -21.11
N SER C 173 -8.00 10.82 -22.39
CA SER C 173 -9.16 10.46 -23.25
C SER C 173 -9.57 9.01 -23.00
N ALA C 174 -8.60 8.12 -22.74
CA ALA C 174 -8.78 6.64 -22.76
C ALA C 174 -10.00 6.26 -21.90
N GLU C 175 -10.07 6.77 -20.67
CA GLU C 175 -11.14 6.42 -19.69
C GLU C 175 -12.44 7.17 -20.04
N GLN C 176 -12.33 8.45 -20.41
CA GLN C 176 -13.40 9.47 -20.28
C GLN C 176 -14.20 9.65 -21.58
N MET C 177 -13.76 9.08 -22.69
CA MET C 177 -14.42 9.23 -24.02
C MET C 177 -14.55 7.86 -24.67
N THR C 178 -15.49 7.70 -25.60
CA THR C 178 -15.56 6.49 -26.46
C THR C 178 -14.32 6.44 -27.34
N GLN C 179 -13.94 5.25 -27.79
CA GLN C 179 -12.81 5.03 -28.72
C GLN C 179 -12.99 5.92 -29.96
N ALA C 180 -14.19 5.91 -30.55
CA ALA C 180 -14.56 6.69 -31.76
C ALA C 180 -14.31 8.18 -31.54
N LYS C 181 -14.76 8.72 -30.41
CA LYS C 181 -14.69 10.17 -30.09
C LYS C 181 -13.23 10.57 -29.87
N ALA C 182 -12.43 9.66 -29.31
CA ALA C 182 -10.98 9.84 -29.05
C ALA C 182 -10.23 9.96 -30.38
N LEU C 183 -10.49 9.04 -31.31
CA LEU C 183 -9.86 9.03 -32.65
C LEU C 183 -10.22 10.34 -33.38
N HIS C 184 -11.50 10.67 -33.43
CA HIS C 184 -12.03 11.92 -34.06
C HIS C 184 -11.26 13.14 -33.54
N LEU C 185 -11.08 13.27 -32.22
CA LEU C 185 -10.44 14.46 -31.60
C LEU C 185 -8.92 14.43 -31.82
N LYS C 186 -8.30 13.25 -31.72
CA LYS C 186 -6.86 13.03 -32.06
C LYS C 186 -6.60 13.43 -33.52
N ASN C 187 -7.36 12.88 -34.46
CA ASN C 187 -7.23 13.16 -35.92
C ASN C 187 -7.37 14.67 -36.17
N SER C 188 -8.38 15.30 -35.55
CA SER C 188 -8.66 16.76 -35.70
C SER C 188 -7.47 17.57 -35.17
N MET C 189 -6.90 17.21 -34.02
CA MET C 189 -5.79 17.97 -33.42
C MET C 189 -4.55 17.86 -34.32
N SER C 190 -4.25 16.66 -34.81
CA SER C 190 -3.05 16.43 -35.65
C SER C 190 -3.26 17.05 -37.05
N LYS C 191 -4.50 17.13 -37.54
CA LYS C 191 -4.83 17.79 -38.83
C LYS C 191 -4.39 19.26 -38.77
N GLU C 192 -4.61 19.94 -37.65
CA GLU C 192 -4.43 21.41 -37.52
C GLU C 192 -3.16 21.71 -36.70
N PHE C 193 -2.35 20.70 -36.37
CA PHE C 193 -1.18 20.91 -35.48
C PHE C 193 -0.11 21.77 -36.18
N GLU C 194 0.04 21.64 -37.50
CA GLU C 194 0.94 22.46 -38.35
C GLU C 194 0.75 23.94 -38.02
N GLN C 195 -0.50 24.42 -38.04
CA GLN C 195 -0.87 25.82 -37.74
C GLN C 195 -0.43 26.15 -36.31
N ILE C 196 -0.73 25.26 -35.35
CA ILE C 196 -0.46 25.45 -33.90
C ILE C 196 1.06 25.50 -33.67
N PHE C 197 1.83 24.60 -34.29
CA PHE C 197 3.29 24.53 -34.08
C PHE C 197 3.94 25.83 -34.55
N LYS C 198 3.55 26.35 -35.71
CA LYS C 198 4.13 27.58 -36.29
C LYS C 198 4.05 28.69 -35.23
N LEU C 199 2.85 28.92 -34.67
CA LEU C 199 2.61 29.93 -33.59
C LEU C 199 3.50 29.64 -32.37
N CYS C 200 3.57 28.39 -31.94
CA CYS C 200 4.40 27.90 -30.83
C CYS C 200 5.86 28.34 -31.07
N PHE C 201 6.42 27.93 -32.20
CA PHE C 201 7.84 28.19 -32.60
C PHE C 201 8.08 29.70 -32.76
N GLN C 202 7.09 30.40 -33.32
CA GLN C 202 7.14 31.86 -33.55
C GLN C 202 7.39 32.54 -32.19
N VAL C 203 6.48 32.32 -31.24
CA VAL C 203 6.52 32.87 -29.85
C VAL C 203 7.89 32.57 -29.23
N LEU C 204 8.34 31.32 -29.26
CA LEU C 204 9.61 30.88 -28.64
C LEU C 204 10.81 31.62 -29.27
N GLU C 205 10.86 31.74 -30.60
CA GLU C 205 11.96 32.46 -31.30
C GLU C 205 11.90 33.96 -30.96
N GLN C 206 10.72 34.59 -31.00
CA GLN C 206 10.53 36.04 -30.78
C GLN C 206 10.71 36.38 -29.29
N GLY C 207 10.42 35.42 -28.40
CA GLY C 207 10.74 35.45 -26.96
C GLY C 207 10.27 36.73 -26.27
N SER C 208 9.00 37.11 -26.45
CA SER C 208 8.41 38.39 -25.95
C SER C 208 8.51 38.48 -24.43
N SER C 209 7.95 37.49 -23.71
CA SER C 209 7.68 37.53 -22.25
C SER C 209 7.91 36.15 -21.63
N SER C 210 8.57 36.10 -20.47
CA SER C 210 8.92 34.83 -19.79
C SER C 210 7.64 34.05 -19.42
N SER C 211 6.62 34.72 -18.89
CA SER C 211 5.35 34.04 -18.50
C SER C 211 4.70 33.42 -19.74
N LEU C 212 4.73 34.13 -20.87
CA LEU C 212 4.23 33.63 -22.18
C LEU C 212 5.12 32.47 -22.66
N ILE C 213 6.43 32.57 -22.44
CA ILE C 213 7.42 31.55 -22.88
C ILE C 213 7.28 30.30 -22.01
N VAL C 214 7.11 30.46 -20.70
CA VAL C 214 6.91 29.31 -19.77
C VAL C 214 5.63 28.58 -20.20
N ALA C 215 4.56 29.30 -20.50
CA ALA C 215 3.24 28.74 -20.94
C ALA C 215 3.40 28.01 -22.28
N THR C 216 4.13 28.57 -23.24
CA THR C 216 4.37 27.93 -24.56
C THR C 216 5.14 26.61 -24.33
N LEU C 217 6.14 26.62 -23.47
CA LEU C 217 6.99 25.42 -23.21
C LEU C 217 6.17 24.37 -22.45
N GLU C 218 5.24 24.78 -21.58
CA GLU C 218 4.31 23.87 -20.86
C GLU C 218 3.42 23.16 -21.89
N SER C 219 2.90 23.89 -22.87
CA SER C 219 2.06 23.33 -23.95
C SER C 219 2.91 22.37 -24.79
N LEU C 220 4.15 22.75 -25.12
CA LEU C 220 5.10 21.91 -25.91
C LEU C 220 5.38 20.59 -25.20
N LEU C 221 5.46 20.58 -23.86
CA LEU C 221 5.75 19.35 -23.08
C LEU C 221 4.63 18.34 -23.34
N ARG C 222 3.38 18.83 -23.44
CA ARG C 222 2.17 18.01 -23.73
C ARG C 222 2.19 17.56 -25.19
N TYR C 223 2.54 18.43 -26.14
CA TYR C 223 2.58 18.07 -27.59
C TYR C 223 3.57 16.94 -27.79
N LEU C 224 4.69 16.96 -27.05
CA LEU C 224 5.80 15.99 -27.24
C LEU C 224 5.37 14.57 -26.93
N HIS C 225 4.24 14.36 -26.25
CA HIS C 225 3.69 13.02 -25.91
C HIS C 225 3.14 12.31 -27.16
N TRP C 226 2.82 13.04 -28.25
CA TRP C 226 2.10 12.47 -29.42
C TRP C 226 2.61 12.98 -30.78
N ILE C 227 3.14 14.21 -30.90
CA ILE C 227 3.45 14.80 -32.24
C ILE C 227 4.56 14.01 -32.90
N PRO C 228 4.58 13.95 -34.25
CA PRO C 228 5.66 13.29 -34.98
C PRO C 228 6.99 14.03 -34.80
N TYR C 229 8.09 13.26 -34.80
CA TYR C 229 9.47 13.69 -34.46
C TYR C 229 9.95 14.82 -35.38
N ARG C 230 9.45 14.89 -36.61
CA ARG C 230 9.92 15.85 -37.65
C ARG C 230 9.77 17.30 -37.16
N TYR C 231 8.72 17.63 -36.41
CA TYR C 231 8.50 19.00 -35.87
C TYR C 231 9.62 19.43 -34.93
N ILE C 232 10.38 18.47 -34.38
CA ILE C 232 11.48 18.69 -33.39
C ILE C 232 12.84 18.71 -34.11
N TYR C 233 13.02 17.86 -35.12
CA TYR C 233 14.32 17.61 -35.77
C TYR C 233 14.49 18.47 -37.03
N GLU C 234 13.41 18.80 -37.75
CA GLU C 234 13.51 19.57 -39.03
C GLU C 234 13.29 21.07 -38.81
N THR C 235 13.27 21.53 -37.56
CA THR C 235 13.14 22.96 -37.17
C THR C 235 14.37 23.34 -36.35
N ASN C 236 14.44 24.57 -35.85
CA ASN C 236 15.60 25.05 -35.05
C ASN C 236 15.32 24.80 -33.56
N ILE C 237 14.19 24.17 -33.22
CA ILE C 237 13.66 24.15 -31.83
C ILE C 237 14.64 23.43 -30.88
N LEU C 238 15.35 22.40 -31.34
CA LEU C 238 16.32 21.69 -30.45
C LEU C 238 17.41 22.66 -29.96
N GLU C 239 17.86 23.58 -30.82
CA GLU C 239 18.91 24.60 -30.49
CA GLU C 239 18.92 24.55 -30.45
C GLU C 239 18.36 25.51 -29.38
N LEU C 240 17.11 25.96 -29.53
CA LEU C 240 16.43 26.90 -28.60
C LEU C 240 16.28 26.24 -27.23
N LEU C 241 15.74 25.03 -27.20
CA LEU C 241 15.51 24.29 -25.93
C LEU C 241 16.85 24.08 -25.23
N SER C 242 17.87 23.63 -25.96
CA SER C 242 19.17 23.18 -25.38
C SER C 242 20.13 24.35 -25.13
N THR C 243 19.85 25.57 -25.61
CA THR C 243 20.75 26.75 -25.41
C THR C 243 20.03 27.86 -24.63
N LYS C 244 19.26 28.72 -25.30
CA LYS C 244 18.77 30.00 -24.70
C LYS C 244 17.84 29.69 -23.51
N PHE C 245 16.97 28.69 -23.61
CA PHE C 245 15.98 28.37 -22.54
C PHE C 245 16.62 27.63 -21.35
N MET C 246 17.85 27.13 -21.48
CA MET C 246 18.56 26.46 -20.35
C MET C 246 19.29 27.51 -19.50
N THR C 247 19.49 28.73 -20.00
CA THR C 247 20.27 29.81 -19.32
C THR C 247 19.39 30.58 -18.32
N SER C 248 18.11 30.79 -18.65
CA SER C 248 17.11 31.45 -17.77
C SER C 248 16.53 30.42 -16.80
N PRO C 249 16.46 30.68 -15.48
CA PRO C 249 15.92 29.70 -14.52
C PRO C 249 14.39 29.52 -14.60
N ASP C 250 13.67 30.55 -15.06
CA ASP C 250 12.22 30.52 -15.38
C ASP C 250 11.93 29.38 -16.37
N THR C 251 12.66 29.36 -17.48
CA THR C 251 12.43 28.44 -18.63
C THR C 251 13.14 27.10 -18.41
N ARG C 252 14.12 27.05 -17.49
CA ARG C 252 15.07 25.91 -17.40
C ARG C 252 14.33 24.68 -16.88
N ALA C 253 13.51 24.85 -15.86
CA ALA C 253 12.70 23.78 -15.22
C ALA C 253 11.88 23.06 -16.29
N ILE C 254 11.05 23.81 -17.01
CA ILE C 254 10.14 23.27 -18.06
C ILE C 254 10.96 22.74 -19.25
N THR C 255 12.07 23.40 -19.61
CA THR C 255 12.87 23.06 -20.81
C THR C 255 13.46 21.66 -20.63
N LEU C 256 13.92 21.37 -19.42
CA LEU C 256 14.60 20.10 -19.08
C LEU C 256 13.59 18.96 -19.19
N LYS C 257 12.36 19.21 -18.75
CA LYS C 257 11.20 18.28 -18.85
C LYS C 257 10.89 18.04 -20.33
N CYS C 258 10.93 19.09 -21.15
CA CYS C 258 10.72 18.99 -22.62
C CYS C 258 11.79 18.08 -23.24
N LEU C 259 13.05 18.30 -22.92
CA LEU C 259 14.19 17.56 -23.52
C LEU C 259 14.17 16.10 -23.04
N THR C 260 13.69 15.85 -21.82
CA THR C 260 13.45 14.47 -21.30
C THR C 260 12.44 13.78 -22.22
N GLU C 261 11.37 14.45 -22.61
CA GLU C 261 10.32 13.87 -23.51
C GLU C 261 10.83 13.84 -24.96
N VAL C 262 11.74 14.73 -25.36
CA VAL C 262 12.38 14.67 -26.72
C VAL C 262 13.17 13.37 -26.80
N SER C 263 13.92 13.04 -25.75
CA SER C 263 14.75 11.82 -25.64
C SER C 263 13.89 10.57 -25.81
N ASN C 264 12.57 10.68 -25.58
CA ASN C 264 11.60 9.55 -25.70
C ASN C 264 10.86 9.54 -27.05
N LEU C 265 11.06 10.53 -27.94
CA LEU C 265 10.38 10.58 -29.27
C LEU C 265 10.71 9.30 -30.06
N LYS C 266 9.75 8.82 -30.88
CA LYS C 266 9.99 7.70 -31.82
C LYS C 266 10.74 8.27 -33.03
N ILE C 267 11.94 7.73 -33.28
CA ILE C 267 12.99 8.28 -34.19
C ILE C 267 13.50 7.17 -35.11
N PRO C 268 13.69 7.43 -36.43
CA PRO C 268 14.41 6.49 -37.29
C PRO C 268 15.88 6.33 -36.83
N GLN C 269 16.38 5.10 -36.78
CA GLN C 269 17.59 4.69 -36.01
C GLN C 269 18.81 4.52 -36.93
N ASP C 270 18.69 4.89 -38.21
CA ASP C 270 19.71 4.62 -39.27
C ASP C 270 20.14 5.91 -39.99
N ASN C 271 19.84 7.08 -39.40
CA ASN C 271 20.05 8.42 -40.02
C ASN C 271 21.18 9.15 -39.27
N ASP C 272 22.33 9.31 -39.92
CA ASP C 272 23.57 9.89 -39.31
C ASP C 272 23.34 11.35 -38.89
N LEU C 273 22.53 12.10 -39.63
CA LEU C 273 22.25 13.54 -39.38
C LEU C 273 21.40 13.68 -38.11
N ILE C 274 20.44 12.76 -37.92
CA ILE C 274 19.53 12.73 -36.74
C ILE C 274 20.32 12.32 -35.50
N LYS C 275 21.28 11.39 -35.66
CA LYS C 275 22.19 10.96 -34.57
C LYS C 275 22.99 12.17 -34.08
N ARG C 276 23.54 12.97 -35.01
CA ARG C 276 24.34 14.18 -34.69
C ARG C 276 23.44 15.20 -33.98
N GLN C 277 22.18 15.34 -34.39
CA GLN C 277 21.22 16.26 -33.75
C GLN C 277 20.95 15.80 -32.31
N THR C 278 20.82 14.49 -32.10
CA THR C 278 20.60 13.88 -30.77
C THR C 278 21.81 14.17 -29.87
N VAL C 279 23.03 14.01 -30.40
CA VAL C 279 24.29 14.33 -29.69
C VAL C 279 24.31 15.83 -29.35
N LEU C 280 23.97 16.67 -30.32
CA LEU C 280 24.18 18.14 -30.23
C LEU C 280 23.36 18.69 -29.07
N PHE C 281 22.06 18.36 -28.97
CA PHE C 281 21.18 18.97 -27.94
C PHE C 281 21.67 18.53 -26.55
N PHE C 282 22.25 17.33 -26.44
CA PHE C 282 22.82 16.80 -25.18
C PHE C 282 24.06 17.63 -24.83
N GLN C 283 24.94 17.83 -25.81
CA GLN C 283 26.19 18.62 -25.67
C GLN C 283 25.84 20.06 -25.22
N ASN C 284 24.88 20.68 -25.88
CA ASN C 284 24.39 22.05 -25.56
C ASN C 284 23.82 22.09 -24.15
N THR C 285 22.98 21.12 -23.77
CA THR C 285 22.29 21.07 -22.46
C THR C 285 23.33 20.98 -21.34
N LEU C 286 24.27 20.03 -21.44
CA LEU C 286 25.33 19.78 -20.44
C LEU C 286 26.26 21.00 -20.36
N GLN C 287 26.50 21.66 -21.49
CA GLN C 287 27.35 22.88 -21.57
C GLN C 287 26.69 23.99 -20.74
N GLN C 288 25.39 24.23 -20.93
CA GLN C 288 24.62 25.25 -20.17
C GLN C 288 24.59 24.91 -18.67
N ILE C 289 24.48 23.63 -18.32
CA ILE C 289 24.48 23.19 -16.88
C ILE C 289 25.81 23.63 -16.26
N ALA C 290 26.93 23.29 -16.93
CA ALA C 290 28.31 23.49 -16.43
C ALA C 290 28.60 24.99 -16.27
N THR C 291 28.15 25.85 -17.20
CA THR C 291 28.47 27.30 -17.17
C THR C 291 27.43 28.10 -16.38
N SER C 292 26.15 27.68 -16.34
CA SER C 292 25.04 28.51 -15.80
C SER C 292 24.52 27.99 -14.46
N VAL C 293 24.72 26.72 -14.09
CA VAL C 293 24.02 26.13 -12.90
C VAL C 293 25.05 25.65 -11.87
N MET C 294 25.83 24.62 -12.19
CA MET C 294 26.92 24.14 -11.29
C MET C 294 27.88 23.27 -12.09
N PRO C 295 29.20 23.36 -11.82
CA PRO C 295 30.18 22.51 -12.49
C PRO C 295 30.04 21.05 -12.03
N VAL C 296 30.71 20.16 -12.76
CA VAL C 296 30.73 18.68 -12.54
C VAL C 296 31.12 18.39 -11.08
N THR C 297 31.96 19.22 -10.47
CA THR C 297 32.53 18.94 -9.13
C THR C 297 31.58 19.37 -8.00
N ALA C 298 30.45 20.02 -8.29
CA ALA C 298 29.58 20.64 -7.26
C ALA C 298 29.03 19.55 -6.33
N ASP C 299 28.89 19.87 -5.04
CA ASP C 299 28.31 18.98 -4.00
C ASP C 299 26.78 19.06 -4.11
N LEU C 300 26.19 18.25 -4.99
CA LEU C 300 24.72 18.20 -5.21
C LEU C 300 24.03 17.68 -3.94
N LYS C 301 24.67 16.83 -3.14
CA LYS C 301 24.14 16.34 -1.84
C LYS C 301 23.82 17.54 -0.94
N ALA C 302 24.79 18.44 -0.76
CA ALA C 302 24.67 19.68 0.04
C ALA C 302 23.60 20.60 -0.58
N THR C 303 23.65 20.82 -1.90
CA THR C 303 22.67 21.69 -2.59
C THR C 303 21.26 21.17 -2.31
N TYR C 304 21.03 19.88 -2.54
CA TYR C 304 19.69 19.24 -2.38
C TYR C 304 19.23 19.38 -0.92
N ALA C 305 20.13 19.08 0.04
CA ALA C 305 19.88 19.16 1.50
C ALA C 305 19.44 20.59 1.88
N ASN C 306 20.09 21.63 1.34
CA ASN C 306 19.79 23.06 1.61
C ASN C 306 18.39 23.45 1.09
N ALA C 307 17.92 22.83 0.01
CA ALA C 307 16.53 22.94 -0.50
C ALA C 307 16.15 24.39 -0.80
N ASN C 308 17.09 25.21 -1.28
CA ASN C 308 16.81 26.61 -1.71
C ASN C 308 15.92 26.59 -2.96
N GLY C 309 14.96 27.52 -3.05
CA GLY C 309 14.06 27.70 -4.21
C GLY C 309 13.58 26.37 -4.79
N ASN C 310 13.85 26.14 -6.07
CA ASN C 310 13.38 24.95 -6.84
C ASN C 310 14.55 23.99 -7.11
N ASP C 311 15.65 24.09 -6.34
CA ASP C 311 16.88 23.30 -6.56
C ASP C 311 16.55 21.79 -6.51
N GLN C 312 15.69 21.36 -5.58
CA GLN C 312 15.38 19.92 -5.37
C GLN C 312 14.67 19.38 -6.62
N SER C 313 13.66 20.11 -7.11
CA SER C 313 12.93 19.79 -8.37
C SER C 313 13.90 19.79 -9.55
N PHE C 314 14.77 20.78 -9.63
CA PHE C 314 15.73 20.90 -10.76
C PHE C 314 16.64 19.65 -10.77
N LEU C 315 17.17 19.27 -9.61
CA LEU C 315 18.11 18.14 -9.49
C LEU C 315 17.36 16.83 -9.75
N GLN C 316 16.11 16.73 -9.30
CA GLN C 316 15.22 15.59 -9.65
C GLN C 316 15.06 15.52 -11.18
N ASP C 317 14.84 16.65 -11.85
CA ASP C 317 14.59 16.70 -13.32
C ASP C 317 15.88 16.44 -14.10
N LEU C 318 17.03 16.90 -13.59
CA LEU C 318 18.35 16.62 -14.23
C LEU C 318 18.63 15.11 -14.20
N ALA C 319 18.35 14.45 -13.08
CA ALA C 319 18.50 12.97 -12.92
C ALA C 319 17.63 12.26 -13.96
N MET C 320 16.37 12.68 -14.11
CA MET C 320 15.40 12.06 -15.05
C MET C 320 15.89 12.28 -16.48
N PHE C 321 16.39 13.49 -16.80
CA PHE C 321 16.88 13.84 -18.16
C PHE C 321 18.11 13.00 -18.53
N LEU C 322 19.12 12.94 -17.65
CA LEU C 322 20.38 12.21 -17.94
C LEU C 322 20.09 10.73 -18.07
N THR C 323 19.31 10.14 -17.16
CA THR C 323 19.03 8.68 -17.12
C THR C 323 18.27 8.31 -18.40
N THR C 324 17.20 9.04 -18.70
CA THR C 324 16.36 8.84 -19.90
C THR C 324 17.25 8.86 -21.14
N TYR C 325 18.05 9.92 -21.34
CA TYR C 325 18.85 10.14 -22.56
C TYR C 325 19.94 9.07 -22.67
N LEU C 326 20.68 8.82 -21.59
CA LEU C 326 21.86 7.91 -21.61
C LEU C 326 21.38 6.47 -21.75
N ALA C 327 20.26 6.10 -21.12
CA ALA C 327 19.63 4.77 -21.27
C ALA C 327 19.36 4.54 -22.77
N ARG C 328 18.86 5.53 -23.48
CA ARG C 328 18.50 5.38 -24.91
C ARG C 328 19.73 5.57 -25.81
N ASN C 329 20.64 6.51 -25.50
CA ASN C 329 21.56 7.12 -26.50
C ASN C 329 23.03 7.01 -26.14
N ARG C 330 23.41 6.43 -25.00
CA ARG C 330 24.83 6.54 -24.57
C ARG C 330 25.75 5.92 -25.64
N ALA C 331 25.29 4.95 -26.44
CA ALA C 331 26.08 4.32 -27.53
C ALA C 331 26.53 5.37 -28.55
N LEU C 332 25.75 6.44 -28.77
CA LEU C 332 26.10 7.55 -29.70
C LEU C 332 27.36 8.29 -29.26
N LEU C 333 27.74 8.19 -27.98
CA LEU C 333 28.83 8.97 -27.36
C LEU C 333 30.05 8.08 -27.09
N GLU C 334 29.96 6.76 -27.32
CA GLU C 334 30.99 5.79 -26.85
C GLU C 334 32.09 5.54 -27.90
N SER C 335 31.84 5.82 -29.19
CA SER C 335 32.78 5.47 -30.30
C SER C 335 33.67 6.67 -30.68
N ASP C 336 33.09 7.86 -30.82
CA ASP C 336 33.82 9.12 -31.12
C ASP C 336 34.67 9.51 -29.89
N GLU C 337 35.94 9.84 -30.10
CA GLU C 337 36.87 10.28 -29.01
C GLU C 337 36.52 11.70 -28.56
N SER C 338 35.93 12.51 -29.44
CA SER C 338 35.56 13.93 -29.16
C SER C 338 34.35 13.98 -28.21
N LEU C 339 33.54 12.92 -28.15
CA LEU C 339 32.33 12.85 -27.28
C LEU C 339 32.67 12.14 -25.96
N ARG C 340 33.90 11.68 -25.77
CA ARG C 340 34.31 10.93 -24.54
C ARG C 340 34.10 11.82 -23.31
N GLU C 341 34.53 13.09 -23.35
CA GLU C 341 34.41 14.04 -22.21
C GLU C 341 32.94 14.32 -21.90
N LEU C 342 32.10 14.43 -22.93
CA LEU C 342 30.64 14.65 -22.75
C LEU C 342 30.05 13.46 -21.98
N LEU C 343 30.40 12.24 -22.41
CA LEU C 343 29.90 10.96 -21.87
C LEU C 343 30.20 10.88 -20.38
N LEU C 344 31.44 11.17 -19.98
CA LEU C 344 31.93 10.98 -18.59
C LEU C 344 31.45 12.12 -17.69
N ASN C 345 31.29 13.34 -18.21
CA ASN C 345 30.74 14.50 -17.44
C ASN C 345 29.28 14.22 -17.10
N ALA C 346 28.51 13.72 -18.06
CA ALA C 346 27.08 13.37 -17.88
C ALA C 346 26.98 12.29 -16.79
N HIS C 347 27.88 11.30 -16.83
CA HIS C 347 27.97 10.21 -15.83
C HIS C 347 28.51 10.75 -14.49
N GLN C 348 29.44 11.71 -14.51
CA GLN C 348 29.98 12.34 -13.29
C GLN C 348 28.85 13.14 -12.61
N TYR C 349 27.95 13.78 -13.38
CA TYR C 349 26.76 14.47 -12.80
C TYR C 349 25.88 13.45 -12.07
N LEU C 350 25.67 12.28 -12.71
CA LEU C 350 24.84 11.19 -12.13
C LEU C 350 25.48 10.64 -10.87
N ILE C 351 26.81 10.49 -10.83
CA ILE C 351 27.54 10.08 -9.58
C ILE C 351 27.20 11.09 -8.47
N GLN C 352 27.31 12.39 -8.75
CA GLN C 352 27.04 13.45 -7.76
C GLN C 352 25.55 13.39 -7.38
N LEU C 353 24.64 13.20 -8.34
CA LEU C 353 23.19 13.05 -8.05
C LEU C 353 22.95 11.82 -7.18
N SER C 354 23.73 10.75 -7.35
CA SER C 354 23.58 9.45 -6.64
C SER C 354 23.98 9.58 -5.17
N LYS C 355 24.56 10.71 -4.76
CA LYS C 355 25.02 10.94 -3.37
C LYS C 355 23.97 11.73 -2.59
N ILE C 356 22.93 12.21 -3.24
CA ILE C 356 21.83 12.98 -2.57
C ILE C 356 21.12 12.04 -1.58
N GLU C 357 20.86 12.53 -0.37
CA GLU C 357 20.02 11.82 0.64
C GLU C 357 18.56 12.02 0.28
N GLU C 358 18.01 11.11 -0.52
CA GLU C 358 16.60 11.13 -1.00
C GLU C 358 16.33 9.77 -1.64
N ARG C 359 15.66 8.91 -0.87
CA ARG C 359 15.42 7.49 -1.18
C ARG C 359 14.91 7.35 -2.61
N GLU C 360 13.85 8.10 -2.96
CA GLU C 360 13.11 7.95 -4.23
C GLU C 360 13.94 8.46 -5.42
N LEU C 361 14.79 9.47 -5.22
CA LEU C 361 15.73 9.93 -6.27
C LEU C 361 16.81 8.85 -6.47
N PHE C 362 17.34 8.30 -5.38
CA PHE C 362 18.36 7.22 -5.41
C PHE C 362 17.84 6.02 -6.23
N LYS C 363 16.58 5.63 -6.03
CA LYS C 363 15.96 4.53 -6.80
C LYS C 363 16.00 4.86 -8.31
N THR C 364 15.82 6.13 -8.68
CA THR C 364 15.81 6.55 -10.10
C THR C 364 17.22 6.39 -10.68
N THR C 365 18.24 6.88 -9.99
CA THR C 365 19.65 6.79 -10.46
C THR C 365 20.10 5.32 -10.43
N LEU C 366 19.65 4.54 -9.45
CA LEU C 366 20.02 3.11 -9.31
C LEU C 366 19.45 2.27 -10.47
N ASP C 367 18.27 2.61 -10.99
CA ASP C 367 17.71 1.93 -12.19
C ASP C 367 18.69 2.15 -13.35
N TYR C 368 19.20 3.37 -13.50
CA TYR C 368 20.15 3.69 -14.60
C TYR C 368 21.45 2.92 -14.37
N TRP C 369 22.03 2.99 -13.17
CA TRP C 369 23.31 2.29 -12.89
C TRP C 369 23.18 0.81 -13.25
N HIS C 370 22.07 0.18 -12.87
CA HIS C 370 21.71 -1.22 -13.23
C HIS C 370 21.80 -1.39 -14.76
N ASN C 371 21.10 -0.54 -15.50
CA ASN C 371 21.10 -0.58 -16.98
C ASN C 371 22.55 -0.51 -17.47
N LEU C 372 23.38 0.37 -16.89
CA LEU C 372 24.77 0.60 -17.35
C LEU C 372 25.64 -0.64 -17.07
N VAL C 373 25.73 -1.10 -15.82
CA VAL C 373 26.70 -2.14 -15.40
C VAL C 373 26.29 -3.50 -15.97
N ALA C 374 24.99 -3.72 -16.19
CA ALA C 374 24.44 -4.88 -16.92
C ALA C 374 25.06 -4.90 -18.32
N ASP C 375 25.15 -3.73 -18.96
CA ASP C 375 25.69 -3.54 -20.33
C ASP C 375 27.21 -3.75 -20.33
N LEU C 376 27.89 -3.24 -19.31
CA LEU C 376 29.38 -3.36 -19.25
C LEU C 376 29.76 -4.83 -19.01
N PHE C 377 28.83 -5.61 -18.45
CA PHE C 377 29.12 -7.03 -18.12
C PHE C 377 28.97 -7.89 -19.37
N TYR C 378 28.13 -7.48 -20.31
CA TYR C 378 27.87 -8.32 -21.51
C TYR C 378 28.44 -7.66 -22.76
N GLU C 379 28.15 -6.37 -22.99
CA GLU C 379 28.60 -5.70 -24.23
C GLU C 379 30.13 -5.65 -24.28
N PRO C 380 30.77 -6.07 -25.40
CA PRO C 380 32.22 -6.08 -25.49
C PRO C 380 32.91 -4.73 -25.61
N LEU C 381 34.12 -4.61 -25.06
CA LEU C 381 34.92 -3.36 -25.17
C LEU C 381 34.10 -2.14 -24.75
N LYS C 382 33.64 -2.12 -23.50
CA LYS C 382 32.86 -0.95 -22.98
C LYS C 382 33.31 -0.58 -21.57
N LYS C 383 33.73 -1.57 -20.77
CA LYS C 383 34.09 -1.32 -19.35
C LYS C 383 35.22 -0.28 -19.22
N HIS C 384 36.30 -0.44 -19.99
CA HIS C 384 37.49 0.43 -19.81
C HIS C 384 37.08 1.91 -19.84
N ILE C 385 36.07 2.28 -20.64
CA ILE C 385 35.53 3.66 -20.77
C ILE C 385 35.11 4.17 -19.39
N TYR C 386 34.50 3.29 -18.58
CA TYR C 386 33.71 3.65 -17.37
C TYR C 386 34.44 3.27 -16.08
N GLU C 387 35.72 2.90 -16.14
CA GLU C 387 36.49 2.39 -14.97
C GLU C 387 36.44 3.38 -13.80
N GLU C 388 36.60 4.68 -14.05
CA GLU C 388 36.61 5.73 -12.98
C GLU C 388 35.17 5.96 -12.47
N ILE C 389 34.17 5.89 -13.34
CA ILE C 389 32.73 6.01 -12.97
C ILE C 389 32.34 4.85 -12.03
N CYS C 390 32.63 3.62 -12.44
CA CYS C 390 32.31 2.37 -11.69
C CYS C 390 32.99 2.37 -10.32
N SER C 391 34.22 2.87 -10.24
CA SER C 391 35.01 2.91 -8.99
C SER C 391 34.33 3.85 -7.97
N GLN C 392 33.87 5.02 -8.43
CA GLN C 392 33.13 6.00 -7.61
C GLN C 392 31.79 5.37 -7.20
N LEU C 393 31.12 4.68 -8.14
CA LEU C 393 29.80 4.03 -7.93
C LEU C 393 29.90 2.96 -6.84
N ARG C 394 30.94 2.13 -6.87
CA ARG C 394 31.22 1.11 -5.81
C ARG C 394 31.05 1.76 -4.44
N LEU C 395 31.68 2.92 -4.21
CA LEU C 395 31.68 3.57 -2.88
C LEU C 395 30.27 4.12 -2.58
N VAL C 396 29.59 4.64 -3.60
CA VAL C 396 28.24 5.23 -3.44
C VAL C 396 27.26 4.12 -3.04
N ILE C 397 27.27 2.96 -3.70
CA ILE C 397 26.32 1.84 -3.38
C ILE C 397 26.63 1.38 -1.94
N ILE C 398 27.90 1.13 -1.63
CA ILE C 398 28.37 0.55 -0.35
C ILE C 398 27.99 1.49 0.81
N GLU C 399 28.28 2.80 0.69
CA GLU C 399 28.04 3.81 1.75
C GLU C 399 26.54 4.04 1.96
N ASN C 400 25.68 3.59 1.03
CA ASN C 400 24.22 3.83 1.04
C ASN C 400 23.47 2.47 0.99
N MET C 401 24.14 1.40 1.40
CA MET C 401 23.55 0.03 1.50
C MET C 401 22.43 0.04 2.54
N VAL C 402 21.32 -0.63 2.22
CA VAL C 402 20.17 -0.72 3.17
C VAL C 402 20.07 -2.18 3.64
N ARG C 403 19.27 -2.43 4.68
CA ARG C 403 19.12 -3.80 5.22
C ARG C 403 18.32 -4.66 4.23
N PRO C 404 18.50 -5.99 4.23
CA PRO C 404 17.74 -6.86 3.34
C PRO C 404 16.23 -6.76 3.56
N GLU C 405 15.81 -6.27 4.74
CA GLU C 405 14.37 -6.10 5.04
C GLU C 405 13.76 -5.19 3.95
N GLU C 406 14.47 -4.14 3.54
CA GLU C 406 13.98 -3.30 2.41
C GLU C 406 14.23 -4.13 1.14
N ILE C 407 13.35 -5.09 0.83
CA ILE C 407 13.58 -6.05 -0.28
C ILE C 407 13.92 -5.35 -1.61
N GLN C 408 13.04 -4.51 -2.14
CA GLN C 408 13.28 -3.94 -3.49
C GLN C 408 14.62 -3.20 -3.54
N LEU C 409 14.82 -2.19 -2.70
CA LEU C 409 16.06 -1.38 -2.78
C LEU C 409 17.26 -2.31 -2.59
N TYR C 410 17.20 -3.18 -1.58
CA TYR C 410 18.34 -4.09 -1.29
C TYR C 410 18.61 -5.00 -2.49
N LYS C 411 17.57 -5.55 -3.11
CA LYS C 411 17.73 -6.39 -4.32
C LYS C 411 18.43 -5.58 -5.41
N SER C 412 17.93 -4.37 -5.69
CA SER C 412 18.47 -3.47 -6.74
C SER C 412 19.94 -3.17 -6.44
N GLU C 413 20.25 -2.80 -5.19
CA GLU C 413 21.62 -2.48 -4.74
C GLU C 413 22.53 -3.72 -4.90
N ARG C 414 22.11 -4.89 -4.41
CA ARG C 414 22.89 -6.15 -4.52
C ARG C 414 23.21 -6.42 -5.99
N GLU C 415 22.21 -6.32 -6.87
CA GLU C 415 22.36 -6.63 -8.31
C GLU C 415 23.48 -5.76 -8.89
N VAL C 416 23.45 -4.46 -8.62
CA VAL C 416 24.43 -3.47 -9.14
C VAL C 416 25.80 -3.80 -8.55
N LEU C 417 25.87 -4.00 -7.24
CA LEU C 417 27.16 -4.23 -6.55
C LEU C 417 27.78 -5.53 -7.03
N VAL C 418 26.97 -6.53 -7.38
CA VAL C 418 27.45 -7.86 -7.88
C VAL C 418 28.07 -7.67 -9.27
N TYR C 419 27.44 -6.89 -10.14
CA TYR C 419 27.97 -6.56 -11.49
C TYR C 419 29.30 -5.81 -11.35
N LEU C 420 29.37 -4.86 -10.41
CA LEU C 420 30.56 -4.00 -10.16
C LEU C 420 31.68 -4.82 -9.54
N THR C 421 31.34 -5.92 -8.87
CA THR C 421 32.32 -6.87 -8.30
C THR C 421 32.88 -7.74 -9.42
N HIS C 422 32.03 -8.25 -10.32
CA HIS C 422 32.47 -9.01 -11.52
C HIS C 422 33.44 -8.14 -12.33
N LEU C 423 33.14 -6.85 -12.51
CA LEU C 423 33.90 -5.91 -13.38
C LEU C 423 35.28 -5.58 -12.79
N ASN C 424 35.41 -5.52 -11.46
CA ASN C 424 36.70 -5.28 -10.77
C ASN C 424 36.64 -5.79 -9.32
N VAL C 425 36.94 -7.07 -9.12
CA VAL C 425 36.97 -7.75 -7.78
C VAL C 425 37.93 -6.98 -6.87
N ILE C 426 39.11 -6.65 -7.38
CA ILE C 426 40.23 -6.05 -6.59
C ILE C 426 39.79 -4.70 -6.02
N ASP C 427 39.14 -3.86 -6.83
CA ASP C 427 38.65 -2.52 -6.39
C ASP C 427 37.57 -2.70 -5.33
N THR C 428 36.67 -3.67 -5.49
CA THR C 428 35.56 -3.92 -4.53
C THR C 428 36.15 -4.32 -3.17
N GLU C 429 37.05 -5.30 -3.17
CA GLU C 429 37.73 -5.82 -1.97
C GLU C 429 38.48 -4.67 -1.27
N GLU C 430 39.20 -3.83 -2.01
CA GLU C 430 40.03 -2.72 -1.45
C GLU C 430 39.11 -1.71 -0.74
N ILE C 431 38.02 -1.31 -1.40
CA ILE C 431 37.05 -0.30 -0.86
C ILE C 431 36.43 -0.85 0.44
N MET C 432 36.08 -2.14 0.46
CA MET C 432 35.40 -2.75 1.63
C MET C 432 36.39 -2.95 2.78
N ILE C 433 37.63 -3.33 2.51
CA ILE C 433 38.70 -3.48 3.55
C ILE C 433 39.06 -2.11 4.12
N SER C 434 39.18 -1.09 3.26
CA SER C 434 39.47 0.31 3.67
C SER C 434 38.33 0.85 4.56
N LYS C 435 37.08 0.63 4.17
CA LYS C 435 35.90 1.05 4.98
C LYS C 435 36.00 0.38 6.35
N LEU C 436 36.34 -0.91 6.38
CA LEU C 436 36.48 -1.71 7.63
C LEU C 436 37.57 -1.07 8.51
N ALA C 437 38.72 -0.69 7.95
CA ALA C 437 39.84 -0.03 8.67
C ALA C 437 39.37 1.29 9.31
N ARG C 438 38.45 2.02 8.67
CA ARG C 438 37.90 3.31 9.14
C ARG C 438 36.86 3.07 10.26
N GLN C 439 36.36 1.84 10.41
CA GLN C 439 35.53 1.43 11.58
C GLN C 439 36.46 1.14 12.77
N ILE C 440 37.58 0.48 12.51
CA ILE C 440 38.56 0.00 13.54
C ILE C 440 39.28 1.21 14.17
N ASP C 441 39.72 2.18 13.37
CA ASP C 441 40.47 3.37 13.87
C ASP C 441 39.50 4.42 14.44
N GLY C 442 38.19 4.27 14.24
CA GLY C 442 37.15 5.13 14.83
C GLY C 442 36.79 6.34 13.95
N SER C 443 37.47 6.52 12.81
CA SER C 443 37.22 7.65 11.87
C SER C 443 35.74 7.66 11.45
N GLU C 444 35.21 6.51 11.01
CA GLU C 444 33.81 6.37 10.50
C GLU C 444 33.01 5.43 11.41
N TRP C 445 33.48 5.16 12.63
CA TRP C 445 32.80 4.20 13.55
C TRP C 445 31.42 4.74 13.94
N SER C 446 30.40 3.89 13.82
CA SER C 446 28.98 4.14 14.15
C SER C 446 28.23 2.81 14.08
N TRP C 447 27.17 2.63 14.87
CA TRP C 447 26.30 1.42 14.78
C TRP C 447 25.77 1.30 13.36
N HIS C 448 25.22 2.40 12.83
CA HIS C 448 24.68 2.48 11.46
C HIS C 448 25.78 2.15 10.44
N ASN C 449 26.98 2.72 10.59
CA ASN C 449 28.07 2.61 9.58
C ASN C 449 28.56 1.16 9.50
N ILE C 450 28.77 0.50 10.64
CA ILE C 450 29.23 -0.92 10.65
C ILE C 450 28.12 -1.84 10.12
N ASN C 451 26.85 -1.50 10.33
CA ASN C 451 25.68 -2.29 9.85
C ASN C 451 25.62 -2.22 8.33
N THR C 452 25.66 -1.00 7.79
CA THR C 452 25.71 -0.67 6.35
C THR C 452 26.81 -1.51 5.69
N LEU C 453 28.03 -1.43 6.23
CA LEU C 453 29.22 -2.11 5.67
C LEU C 453 29.00 -3.63 5.69
N SER C 454 28.45 -4.15 6.79
CA SER C 454 28.11 -5.59 6.95
C SER C 454 27.14 -6.03 5.85
N TRP C 455 26.06 -5.27 5.62
CA TRP C 455 25.03 -5.60 4.59
C TRP C 455 25.68 -5.59 3.19
N ALA C 456 26.55 -4.61 2.91
CA ALA C 456 27.29 -4.45 1.64
C ALA C 456 28.23 -5.65 1.42
N ILE C 457 29.10 -5.93 2.39
CA ILE C 457 30.05 -7.08 2.32
C ILE C 457 29.24 -8.38 2.13
N GLY C 458 28.10 -8.48 2.81
CA GLY C 458 27.22 -9.67 2.73
C GLY C 458 26.61 -9.84 1.35
N SER C 459 26.42 -8.75 0.60
CA SER C 459 25.60 -8.72 -0.63
C SER C 459 26.33 -9.37 -1.82
N ILE C 460 27.67 -9.36 -1.82
CA ILE C 460 28.51 -9.73 -3.00
C ILE C 460 29.00 -11.19 -2.89
N SER C 461 28.51 -11.93 -1.87
CA SER C 461 28.68 -13.40 -1.72
C SER C 461 28.39 -14.12 -3.03
N GLY C 462 29.29 -15.00 -3.47
CA GLY C 462 29.10 -15.90 -4.62
C GLY C 462 29.55 -15.29 -5.94
N THR C 463 30.22 -14.13 -5.94
CA THR C 463 30.70 -13.41 -7.15
C THR C 463 32.20 -13.60 -7.35
N MET C 464 32.97 -13.54 -6.25
CA MET C 464 34.41 -13.83 -6.23
C MET C 464 34.64 -15.33 -6.45
N SER C 465 35.81 -15.72 -6.93
CA SER C 465 36.30 -17.12 -6.94
C SER C 465 36.36 -17.63 -5.49
N GLU C 466 36.30 -18.94 -5.28
CA GLU C 466 36.26 -19.57 -3.94
C GLU C 466 37.52 -19.19 -3.13
N ASP C 467 38.69 -19.15 -3.78
CA ASP C 467 40.01 -18.89 -3.10
C ASP C 467 40.14 -17.40 -2.76
N THR C 468 39.68 -16.51 -3.64
CA THR C 468 39.64 -15.05 -3.39
C THR C 468 38.63 -14.78 -2.26
N GLU C 469 37.50 -15.50 -2.27
CA GLU C 469 36.41 -15.35 -1.27
C GLU C 469 36.96 -15.80 0.09
N LYS C 470 37.68 -16.92 0.11
CA LYS C 470 38.28 -17.48 1.34
C LYS C 470 39.14 -16.40 2.02
N ARG C 471 40.07 -15.76 1.30
CA ARG C 471 41.03 -14.81 1.89
C ARG C 471 40.28 -13.54 2.33
N PHE C 472 39.29 -13.13 1.54
CA PHE C 472 38.42 -11.96 1.81
C PHE C 472 37.58 -12.19 3.08
N VAL C 473 36.89 -13.32 3.13
CA VAL C 473 35.97 -13.66 4.26
C VAL C 473 36.80 -13.67 5.54
N VAL C 474 37.94 -14.35 5.53
CA VAL C 474 38.83 -14.52 6.72
C VAL C 474 39.30 -13.14 7.18
N THR C 475 39.77 -12.30 6.25
CA THR C 475 40.24 -10.92 6.55
C THR C 475 39.12 -10.14 7.22
N VAL C 476 37.91 -10.18 6.68
CA VAL C 476 36.74 -9.43 7.22
C VAL C 476 36.38 -9.96 8.61
N ILE C 477 36.33 -11.29 8.81
CA ILE C 477 35.87 -11.89 10.10
C ILE C 477 36.88 -11.50 11.18
N LYS C 478 38.18 -11.74 10.93
CA LYS C 478 39.28 -11.39 11.88
C LYS C 478 39.20 -9.91 12.26
N ASP C 479 38.99 -9.04 11.27
CA ASP C 479 38.91 -7.57 11.49
C ASP C 479 37.66 -7.26 12.34
N LEU C 480 36.52 -7.86 12.02
CA LEU C 480 35.27 -7.65 12.81
C LEU C 480 35.44 -8.23 14.22
N LEU C 481 36.15 -9.35 14.40
CA LEU C 481 36.40 -9.99 15.72
C LEU C 481 37.26 -9.06 16.58
N GLY C 482 38.33 -8.50 15.99
CA GLY C 482 39.21 -7.51 16.62
C GLY C 482 38.43 -6.26 17.00
N LEU C 483 37.54 -5.79 16.10
CA LEU C 483 36.65 -4.63 16.34
C LEU C 483 35.79 -4.90 17.57
N CYS C 484 35.20 -6.11 17.68
CA CYS C 484 34.36 -6.52 18.83
C CYS C 484 35.18 -6.51 20.13
N GLU C 485 36.39 -7.09 20.13
CA GLU C 485 37.28 -7.13 21.33
C GLU C 485 37.57 -5.70 21.79
N GLN C 486 37.94 -4.83 20.83
CA GLN C 486 38.36 -3.42 21.07
C GLN C 486 37.25 -2.62 21.75
N LYS C 487 35.98 -2.86 21.41
CA LYS C 487 34.84 -2.07 21.91
C LYS C 487 34.45 -2.52 23.33
N ARG C 488 33.75 -1.63 24.05
CA ARG C 488 33.29 -1.80 25.45
C ARG C 488 31.77 -1.66 25.52
N GLY C 489 31.14 -2.39 26.43
CA GLY C 489 29.68 -2.33 26.67
C GLY C 489 28.93 -3.33 25.81
N LYS C 490 27.99 -4.05 26.42
CA LYS C 490 27.08 -5.01 25.76
C LYS C 490 26.50 -4.39 24.48
N ASP C 491 26.14 -3.10 24.52
CA ASP C 491 25.51 -2.38 23.38
C ASP C 491 26.43 -2.48 22.15
N ASN C 492 27.70 -2.05 22.30
CA ASN C 492 28.68 -2.00 21.19
C ASN C 492 29.00 -3.42 20.72
N LYS C 493 29.31 -4.33 21.65
CA LYS C 493 29.79 -5.70 21.34
C LYS C 493 28.67 -6.50 20.67
N ALA C 494 27.40 -6.23 21.02
CA ALA C 494 26.21 -6.94 20.48
C ALA C 494 26.04 -6.57 19.01
N VAL C 495 26.17 -5.28 18.71
CA VAL C 495 26.04 -4.73 17.33
C VAL C 495 27.10 -5.37 16.43
N VAL C 496 28.34 -5.48 16.90
CA VAL C 496 29.45 -6.04 16.07
C VAL C 496 29.30 -7.57 15.97
N ALA C 497 28.86 -8.23 17.05
CA ALA C 497 28.63 -9.70 17.08
C ALA C 497 27.51 -10.07 16.09
N SER C 498 26.44 -9.27 16.03
CA SER C 498 25.32 -9.43 15.06
C SER C 498 25.86 -9.37 13.63
N ASP C 499 26.71 -8.39 13.35
CA ASP C 499 27.28 -8.12 12.00
C ASP C 499 28.26 -9.22 11.62
N ILE C 500 29.07 -9.69 12.57
CA ILE C 500 29.95 -10.88 12.35
C ILE C 500 29.04 -12.02 11.90
N MET C 501 27.96 -12.25 12.64
CA MET C 501 27.05 -13.40 12.46
C MET C 501 26.28 -13.21 11.16
N TYR C 502 25.94 -11.96 10.84
CA TYR C 502 25.27 -11.60 9.58
C TYR C 502 26.13 -12.01 8.37
N VAL C 503 27.40 -11.60 8.36
CA VAL C 503 28.33 -11.83 7.23
C VAL C 503 28.54 -13.33 7.03
N VAL C 504 28.88 -14.04 8.11
CA VAL C 504 29.08 -15.53 8.10
C VAL C 504 27.87 -16.19 7.42
N GLY C 505 26.65 -15.83 7.84
CA GLY C 505 25.39 -16.38 7.28
C GLY C 505 25.28 -16.14 5.79
N GLN C 506 25.87 -15.06 5.29
CA GLN C 506 25.80 -14.67 3.86
C GLN C 506 26.83 -15.44 3.03
N TYR C 507 27.77 -16.17 3.66
CA TYR C 507 28.91 -16.84 2.98
C TYR C 507 28.86 -18.36 3.20
N PRO C 508 27.81 -19.04 2.68
CA PRO C 508 27.65 -20.48 2.89
C PRO C 508 28.72 -21.33 2.18
N ARG C 509 29.12 -20.95 0.97
CA ARG C 509 30.15 -21.70 0.20
C ARG C 509 31.39 -21.88 1.08
N PHE C 510 31.76 -20.83 1.82
CA PHE C 510 32.91 -20.82 2.76
C PHE C 510 32.65 -21.78 3.92
N LEU C 511 31.43 -21.76 4.47
CA LEU C 511 31.00 -22.62 5.62
C LEU C 511 31.02 -24.10 5.22
N LYS C 512 30.58 -24.42 3.99
CA LYS C 512 30.53 -25.80 3.46
C LYS C 512 31.95 -26.38 3.33
N ALA C 513 32.95 -25.55 3.02
CA ALA C 513 34.34 -25.97 2.69
C ALA C 513 35.16 -26.18 3.97
N HIS C 514 34.71 -25.66 5.11
CA HIS C 514 35.48 -25.56 6.39
C HIS C 514 34.61 -26.00 7.56
N TRP C 515 34.44 -27.32 7.74
CA TRP C 515 33.51 -27.87 8.76
C TRP C 515 33.87 -27.36 10.16
N ASN C 516 35.15 -27.39 10.53
CA ASN C 516 35.59 -26.96 11.88
C ASN C 516 35.06 -25.55 12.17
N PHE C 517 35.14 -24.64 11.20
CA PHE C 517 34.65 -23.24 11.36
C PHE C 517 33.12 -23.24 11.50
N LEU C 518 32.41 -23.98 10.65
CA LEU C 518 30.93 -24.05 10.67
C LEU C 518 30.46 -24.49 12.07
N ARG C 519 31.13 -25.50 12.64
CA ARG C 519 30.79 -26.08 13.96
C ARG C 519 30.98 -25.01 15.03
N THR C 520 32.12 -24.30 14.98
CA THR C 520 32.46 -23.20 15.93
C THR C 520 31.36 -22.14 15.87
N VAL C 521 31.01 -21.69 14.65
CA VAL C 521 29.96 -20.67 14.39
C VAL C 521 28.67 -21.09 15.09
N ILE C 522 28.24 -22.35 14.90
CA ILE C 522 26.96 -22.88 15.43
C ILE C 522 27.01 -22.94 16.96
N LEU C 523 28.12 -23.45 17.52
CA LEU C 523 28.29 -23.55 19.00
C LEU C 523 28.28 -22.15 19.61
N LYS C 524 28.73 -21.14 18.86
CA LYS C 524 28.75 -19.73 19.30
C LYS C 524 27.33 -19.16 19.26
N LEU C 525 26.53 -19.59 18.28
CA LEU C 525 25.10 -19.20 18.18
C LEU C 525 24.36 -19.79 19.38
N PHE C 526 24.67 -21.03 19.75
CA PHE C 526 24.12 -21.71 20.95
C PHE C 526 24.48 -20.93 22.22
N GLU C 527 25.69 -20.37 22.31
CA GLU C 527 26.09 -19.52 23.48
C GLU C 527 25.25 -18.24 23.52
N PHE C 528 24.98 -17.64 22.36
CA PHE C 528 24.23 -16.35 22.24
C PHE C 528 22.75 -16.57 22.54
N MET C 529 22.26 -17.80 22.46
CA MET C 529 20.85 -18.16 22.76
C MET C 529 20.59 -18.12 24.27
N HIS C 530 21.63 -17.85 25.08
CA HIS C 530 21.55 -17.63 26.55
C HIS C 530 21.72 -16.15 26.89
N GLU C 531 21.99 -15.29 25.89
CA GLU C 531 22.23 -13.84 26.11
C GLU C 531 20.88 -13.11 26.20
N THR C 532 20.65 -12.40 27.30
CA THR C 532 19.38 -11.70 27.61
C THR C 532 19.35 -10.31 26.96
N HIS C 533 20.48 -9.82 26.45
CA HIS C 533 20.60 -8.47 25.81
C HIS C 533 19.67 -8.40 24.60
N GLU C 534 18.92 -7.30 24.49
CA GLU C 534 17.80 -7.14 23.52
C GLU C 534 18.28 -7.44 22.10
N GLY C 535 17.66 -8.43 21.46
CA GLY C 535 17.82 -8.73 20.02
C GLY C 535 18.76 -9.90 19.75
N VAL C 536 19.61 -10.29 20.71
CA VAL C 536 20.71 -11.27 20.49
C VAL C 536 20.11 -12.66 20.23
N GLN C 537 19.10 -13.06 20.99
CA GLN C 537 18.51 -14.41 20.89
C GLN C 537 17.81 -14.53 19.53
N ASP C 538 17.11 -13.48 19.09
CA ASP C 538 16.45 -13.44 17.76
C ASP C 538 17.51 -13.52 16.66
N MET C 539 18.58 -12.72 16.78
CA MET C 539 19.71 -12.72 15.82
C MET C 539 20.32 -14.13 15.76
N ALA C 540 20.56 -14.77 16.91
CA ALA C 540 21.16 -16.12 17.01
C ALA C 540 20.25 -17.17 16.34
N CYS C 541 18.95 -17.14 16.58
CA CYS C 541 17.95 -18.10 16.01
C CYS C 541 17.78 -17.86 14.50
N ASP C 542 17.64 -16.60 14.07
CA ASP C 542 17.51 -16.20 12.64
C ASP C 542 18.75 -16.66 11.86
N THR C 543 19.95 -16.38 12.39
CA THR C 543 21.23 -16.81 11.79
C THR C 543 21.28 -18.33 11.72
N PHE C 544 20.84 -19.00 12.79
CA PHE C 544 20.91 -20.48 12.90
C PHE C 544 20.14 -21.12 11.75
N ILE C 545 18.85 -20.78 11.57
CA ILE C 545 17.99 -21.38 10.51
C ILE C 545 18.45 -20.94 9.12
N LYS C 546 19.01 -19.73 9.00
CA LYS C 546 19.59 -19.19 7.73
C LYS C 546 20.77 -20.05 7.30
N ILE C 547 21.72 -20.33 8.20
CA ILE C 547 22.93 -21.17 7.92
C ILE C 547 22.46 -22.59 7.55
N VAL C 548 21.44 -23.09 8.24
CA VAL C 548 20.93 -24.49 8.09
C VAL C 548 20.23 -24.63 6.73
N GLN C 549 19.37 -23.68 6.34
CA GLN C 549 18.72 -23.67 5.00
C GLN C 549 19.75 -23.91 3.90
N LYS C 550 20.91 -23.26 4.00
CA LYS C 550 21.99 -23.26 2.98
C LYS C 550 22.94 -24.45 3.15
N CYS C 551 23.21 -24.93 4.38
CA CYS C 551 24.32 -25.87 4.69
C CYS C 551 23.83 -27.22 5.25
N LYS C 552 22.53 -27.44 5.25
CA LYS C 552 21.85 -28.61 5.90
C LYS C 552 22.63 -29.92 5.71
N TYR C 553 23.15 -30.18 4.51
CA TYR C 553 23.83 -31.45 4.16
C TYR C 553 24.99 -31.72 5.13
N HIS C 554 25.68 -30.69 5.60
CA HIS C 554 26.90 -30.82 6.45
C HIS C 554 26.53 -31.21 7.90
N PHE C 555 25.25 -31.08 8.27
CA PHE C 555 24.71 -31.38 9.62
C PHE C 555 24.17 -32.82 9.68
N VAL C 556 23.87 -33.45 8.54
CA VAL C 556 23.14 -34.75 8.48
C VAL C 556 24.13 -35.89 8.17
N ILE C 557 25.26 -35.59 7.51
CA ILE C 557 26.36 -36.57 7.27
C ILE C 557 27.32 -36.55 8.47
N GLN C 558 28.11 -37.62 8.60
CA GLN C 558 29.23 -37.72 9.57
C GLN C 558 30.47 -37.12 8.91
N GLN C 559 30.94 -35.99 9.45
CA GLN C 559 32.20 -35.29 9.05
C GLN C 559 33.38 -36.15 9.49
N PRO C 560 34.49 -36.18 8.70
CA PRO C 560 35.52 -37.20 8.88
C PRO C 560 36.15 -37.31 10.27
N ARG C 561 36.24 -36.20 11.02
CA ARG C 561 36.91 -36.13 12.36
C ARG C 561 35.87 -36.27 13.49
N GLU C 562 34.59 -36.52 13.17
CA GLU C 562 33.46 -36.52 14.13
C GLU C 562 33.00 -37.96 14.39
N SER C 563 32.48 -38.20 15.61
CA SER C 563 31.93 -39.51 16.06
C SER C 563 30.54 -39.74 15.44
N GLU C 564 29.77 -38.67 15.21
CA GLU C 564 28.37 -38.75 14.70
C GLU C 564 28.03 -37.54 13.84
N PRO C 565 26.96 -37.61 13.01
CA PRO C 565 26.37 -36.43 12.38
C PRO C 565 26.04 -35.37 13.46
N PHE C 566 26.33 -34.10 13.17
CA PHE C 566 26.20 -32.98 14.13
C PHE C 566 24.72 -32.79 14.52
N ILE C 567 23.77 -33.18 13.66
CA ILE C 567 22.31 -33.12 13.96
C ILE C 567 22.05 -33.86 15.29
N GLN C 568 22.69 -35.01 15.48
CA GLN C 568 22.54 -35.83 16.70
C GLN C 568 23.03 -35.04 17.90
N THR C 569 24.15 -34.34 17.78
CA THR C 569 24.74 -33.49 18.86
C THR C 569 23.77 -32.34 19.21
N ILE C 570 23.20 -31.68 18.21
CA ILE C 570 22.19 -30.59 18.38
C ILE C 570 21.00 -31.13 19.18
N ILE C 571 20.56 -32.36 18.89
CA ILE C 571 19.32 -32.96 19.48
C ILE C 571 19.58 -33.35 20.94
N ARG C 572 20.76 -33.87 21.28
CA ARG C 572 21.12 -34.27 22.66
C ARG C 572 21.00 -33.07 23.59
N ASP C 573 21.52 -31.91 23.22
CA ASP C 573 21.65 -30.74 24.13
C ASP C 573 20.52 -29.72 23.88
N ILE C 574 19.43 -30.16 23.24
CA ILE C 574 18.32 -29.27 22.77
C ILE C 574 17.63 -28.61 23.98
N GLN C 575 17.47 -29.33 25.08
CA GLN C 575 16.85 -28.81 26.34
C GLN C 575 17.69 -27.66 26.88
N LYS C 576 19.00 -27.91 27.05
CA LYS C 576 19.99 -26.94 27.57
C LYS C 576 20.12 -25.75 26.60
N THR C 577 20.26 -26.01 25.30
CA THR C 577 20.49 -25.01 24.23
C THR C 577 19.31 -24.02 24.15
N THR C 578 18.06 -24.49 24.28
CA THR C 578 16.85 -23.66 24.10
C THR C 578 16.24 -23.22 25.44
N ALA C 579 16.83 -23.59 26.58
CA ALA C 579 16.31 -23.35 27.95
C ALA C 579 15.85 -21.89 28.13
N ASP C 580 16.59 -20.92 27.58
CA ASP C 580 16.42 -19.47 27.87
C ASP C 580 15.63 -18.77 26.75
N LEU C 581 15.29 -19.48 25.68
CA LEU C 581 14.57 -18.88 24.52
C LEU C 581 13.09 -18.72 24.85
N GLN C 582 12.44 -17.70 24.29
CA GLN C 582 10.96 -17.56 24.29
C GLN C 582 10.39 -18.65 23.39
N PRO C 583 9.10 -19.04 23.51
CA PRO C 583 8.54 -20.14 22.73
C PRO C 583 8.73 -20.00 21.21
N GLN C 584 8.50 -18.80 20.66
CA GLN C 584 8.61 -18.55 19.20
C GLN C 584 10.04 -18.84 18.74
N GLN C 585 11.03 -18.47 19.56
CA GLN C 585 12.46 -18.71 19.25
C GLN C 585 12.72 -20.24 19.28
N VAL C 586 12.14 -20.96 20.24
CA VAL C 586 12.28 -22.45 20.36
C VAL C 586 11.67 -23.09 19.11
N HIS C 587 10.56 -22.56 18.61
CA HIS C 587 9.85 -23.11 17.42
C HIS C 587 10.73 -22.95 16.17
N THR C 588 11.36 -21.79 15.99
CA THR C 588 12.35 -21.55 14.92
C THR C 588 13.44 -22.63 15.02
N PHE C 589 13.99 -22.84 16.20
CA PHE C 589 15.10 -23.79 16.45
C PHE C 589 14.69 -25.19 15.97
N TYR C 590 13.54 -25.67 16.42
CA TYR C 590 12.96 -26.97 16.03
C TYR C 590 12.72 -27.04 14.52
N LYS C 591 12.21 -25.97 13.91
CA LYS C 591 12.01 -25.91 12.44
C LYS C 591 13.36 -26.14 11.75
N ALA C 592 14.41 -25.46 12.22
CA ALA C 592 15.78 -25.59 11.68
C ALA C 592 16.21 -27.07 11.72
N CYS C 593 16.02 -27.75 12.85
CA CYS C 593 16.36 -29.18 12.99
C CYS C 593 15.55 -30.01 11.98
N GLY C 594 14.27 -29.69 11.79
CA GLY C 594 13.40 -30.35 10.78
C GLY C 594 13.95 -30.23 9.37
N ILE C 595 14.55 -29.08 9.03
CA ILE C 595 15.18 -28.85 7.70
C ILE C 595 16.31 -29.87 7.51
N ILE C 596 17.20 -29.98 8.51
CA ILE C 596 18.35 -30.92 8.51
C ILE C 596 17.82 -32.36 8.37
N ILE C 597 16.80 -32.72 9.16
CA ILE C 597 16.30 -34.13 9.23
C ILE C 597 15.70 -34.54 7.89
N SER C 598 15.14 -33.61 7.11
CA SER C 598 14.55 -33.86 5.77
C SER C 598 15.63 -34.28 4.77
N GLU C 599 16.88 -33.87 4.98
CA GLU C 599 18.05 -34.25 4.14
C GLU C 599 18.40 -35.73 4.31
N GLU C 600 18.08 -36.33 5.46
CA GLU C 600 18.32 -37.78 5.70
C GLU C 600 17.37 -38.57 4.83
N ARG C 601 17.89 -39.40 3.91
CA ARG C 601 17.08 -40.12 2.90
C ARG C 601 16.85 -41.59 3.31
N SER C 602 17.65 -42.13 4.23
CA SER C 602 17.33 -43.41 4.93
C SER C 602 16.06 -43.19 5.77
N VAL C 603 14.99 -43.94 5.49
CA VAL C 603 13.67 -43.77 6.18
C VAL C 603 13.84 -44.08 7.68
N ALA C 604 14.38 -45.25 8.02
CA ALA C 604 14.62 -45.70 9.41
C ALA C 604 15.34 -44.59 10.19
N GLU C 605 16.33 -43.97 9.57
CA GLU C 605 17.22 -42.98 10.22
C GLU C 605 16.48 -41.63 10.35
N ARG C 606 15.71 -41.24 9.34
CA ARG C 606 14.91 -39.99 9.37
C ARG C 606 13.88 -40.08 10.50
N ASN C 607 13.14 -41.19 10.56
CA ASN C 607 12.08 -41.41 11.58
C ASN C 607 12.73 -41.46 12.97
N ARG C 608 13.96 -41.98 13.09
CA ARG C 608 14.65 -42.05 14.40
C ARG C 608 15.04 -40.64 14.85
N LEU C 609 15.61 -39.81 13.95
CA LEU C 609 15.98 -38.40 14.24
C LEU C 609 14.71 -37.60 14.56
N LEU C 610 13.63 -37.86 13.84
CA LEU C 610 12.34 -37.15 14.02
C LEU C 610 11.83 -37.42 15.43
N SER C 611 11.75 -38.68 15.85
CA SER C 611 11.29 -39.07 17.22
C SER C 611 12.27 -38.56 18.27
N ASP C 612 13.57 -38.56 17.99
CA ASP C 612 14.61 -37.98 18.91
C ASP C 612 14.32 -36.48 19.11
N LEU C 613 14.02 -35.76 18.04
CA LEU C 613 13.81 -34.29 18.06
C LEU C 613 12.52 -33.96 18.81
N MET C 614 11.48 -34.78 18.66
CA MET C 614 10.13 -34.49 19.21
C MET C 614 10.00 -35.08 20.62
N GLN C 615 11.10 -35.52 21.24
CA GLN C 615 11.14 -36.19 22.57
C GLN C 615 10.48 -35.29 23.61
N LEU C 616 11.00 -34.07 23.81
CA LEU C 616 10.52 -33.13 24.86
C LEU C 616 9.04 -32.81 24.64
N PRO C 617 8.62 -32.28 23.47
CA PRO C 617 7.19 -32.06 23.23
C PRO C 617 6.34 -33.33 23.34
N ASN C 618 6.87 -34.50 23.00
CA ASN C 618 6.11 -35.78 23.05
C ASN C 618 5.95 -36.25 24.51
N MET C 619 6.90 -35.95 25.40
CA MET C 619 6.80 -36.32 26.84
C MET C 619 5.92 -35.31 27.59
N ALA C 620 6.03 -34.01 27.27
CA ALA C 620 5.10 -32.97 27.76
C ALA C 620 3.67 -33.34 27.34
N TRP C 621 3.51 -33.86 26.11
CA TRP C 621 2.21 -34.24 25.49
C TRP C 621 1.59 -35.43 26.23
N ASP C 622 2.36 -36.51 26.39
CA ASP C 622 1.92 -37.77 27.04
C ASP C 622 1.44 -37.44 28.46
N THR C 623 2.18 -36.57 29.16
CA THR C 623 1.84 -36.07 30.52
C THR C 623 0.48 -35.34 30.45
N ILE C 624 0.30 -34.43 29.50
CA ILE C 624 -0.84 -33.49 29.48
C ILE C 624 -2.13 -34.22 29.04
N VAL C 625 -2.05 -35.27 28.21
CA VAL C 625 -3.26 -36.05 27.79
C VAL C 625 -3.69 -36.92 28.97
N GLU C 626 -2.75 -37.52 29.70
CA GLU C 626 -3.04 -38.32 30.92
C GLU C 626 -3.78 -37.45 31.95
N GLN C 627 -3.24 -36.27 32.25
CA GLN C 627 -3.84 -35.27 33.18
C GLN C 627 -5.19 -34.78 32.62
N SER C 628 -5.24 -34.51 31.31
CA SER C 628 -6.41 -33.89 30.63
C SER C 628 -7.55 -34.91 30.50
N THR C 629 -7.24 -36.20 30.31
CA THR C 629 -8.25 -37.28 30.17
C THR C 629 -8.85 -37.59 31.56
N ALA C 630 -8.02 -37.58 32.61
CA ALA C 630 -8.42 -37.86 34.01
C ALA C 630 -9.37 -36.78 34.53
N ASN C 631 -9.02 -35.50 34.33
CA ASN C 631 -9.78 -34.31 34.85
C ASN C 631 -9.89 -33.24 33.75
N PRO C 632 -11.10 -32.92 33.24
CA PRO C 632 -11.25 -31.82 32.27
C PRO C 632 -11.10 -30.41 32.86
N THR C 633 -11.12 -30.30 34.20
CA THR C 633 -10.95 -29.02 34.96
C THR C 633 -9.51 -28.50 34.81
N LEU C 634 -8.52 -29.40 34.88
CA LEU C 634 -7.06 -29.10 34.84
C LEU C 634 -6.71 -28.32 33.56
N LEU C 635 -7.40 -28.61 32.46
CA LEU C 635 -7.18 -27.96 31.13
C LEU C 635 -7.54 -26.47 31.20
N LEU C 636 -8.53 -26.07 32.02
CA LEU C 636 -8.99 -24.65 32.12
C LEU C 636 -7.86 -23.75 32.63
N ASP C 637 -6.88 -24.30 33.38
CA ASP C 637 -5.69 -23.58 33.89
C ASP C 637 -4.89 -22.98 32.72
N SER C 638 -4.54 -21.70 32.83
CA SER C 638 -3.81 -20.92 31.80
C SER C 638 -2.48 -21.61 31.45
N GLU C 639 -1.73 -22.04 32.46
CA GLU C 639 -0.35 -22.57 32.30
C GLU C 639 -0.41 -23.82 31.40
N THR C 640 -1.46 -24.64 31.56
CA THR C 640 -1.67 -25.89 30.79
C THR C 640 -2.04 -25.55 29.34
N VAL C 641 -2.86 -24.50 29.13
CA VAL C 641 -3.29 -24.05 27.78
C VAL C 641 -2.07 -23.56 27.00
N LYS C 642 -1.21 -22.75 27.64
CA LYS C 642 0.04 -22.22 27.02
C LYS C 642 0.99 -23.38 26.66
N ILE C 643 1.17 -24.35 27.56
CA ILE C 643 2.04 -25.55 27.32
C ILE C 643 1.53 -26.33 26.11
N ILE C 644 0.22 -26.60 26.06
CA ILE C 644 -0.41 -27.44 25.00
C ILE C 644 -0.25 -26.71 23.66
N ALA C 645 -0.54 -25.42 23.64
CA ALA C 645 -0.46 -24.57 22.42
C ALA C 645 0.98 -24.56 21.91
N ASN C 646 1.95 -24.55 22.83
CA ASN C 646 3.40 -24.53 22.50
C ASN C 646 3.83 -25.91 21.97
N ILE C 647 3.28 -27.01 22.49
CA ILE C 647 3.54 -28.37 21.94
C ILE C 647 3.05 -28.40 20.48
N ILE C 648 1.81 -27.99 20.25
CA ILE C 648 1.17 -28.11 18.90
C ILE C 648 1.96 -27.24 17.92
N LYS C 649 2.38 -26.05 18.35
CA LYS C 649 3.15 -25.07 17.53
C LYS C 649 4.53 -25.63 17.18
N THR C 650 5.16 -26.35 18.12
CA THR C 650 6.45 -27.08 17.88
C THR C 650 6.23 -28.08 16.74
N ASN C 651 5.11 -28.80 16.76
CA ASN C 651 4.74 -29.78 15.71
C ASN C 651 4.51 -29.05 14.37
N VAL C 652 3.80 -27.93 14.37
CA VAL C 652 3.56 -27.11 13.14
C VAL C 652 4.92 -26.70 12.57
N ALA C 653 5.85 -26.25 13.44
CA ALA C 653 7.18 -25.72 13.05
C ALA C 653 7.95 -26.82 12.33
N VAL C 654 8.06 -28.00 12.94
CA VAL C 654 8.80 -29.16 12.36
C VAL C 654 8.07 -29.64 11.11
N CYS C 655 6.74 -29.70 11.15
CA CYS C 655 5.91 -30.12 9.99
C CYS C 655 6.12 -29.14 8.81
N THR C 656 6.29 -27.86 9.08
CA THR C 656 6.44 -26.82 8.02
C THR C 656 7.70 -27.16 7.19
N SER C 657 8.78 -27.63 7.82
CA SER C 657 10.09 -27.87 7.15
C SER C 657 10.23 -29.30 6.65
N MET C 658 9.40 -30.25 7.10
CA MET C 658 9.55 -31.69 6.78
C MET C 658 8.44 -32.18 5.85
N GLY C 659 7.28 -31.53 5.86
CA GLY C 659 6.13 -31.90 5.02
C GLY C 659 5.82 -33.38 5.10
N ALA C 660 5.90 -34.09 3.98
CA ALA C 660 5.52 -35.52 3.83
C ALA C 660 6.23 -36.38 4.88
N ASP C 661 7.45 -36.00 5.27
CA ASP C 661 8.33 -36.79 6.17
C ASP C 661 7.81 -36.71 7.61
N PHE C 662 6.88 -35.82 7.89
CA PHE C 662 6.37 -35.59 9.27
C PHE C 662 5.32 -36.64 9.63
N TYR C 663 4.85 -37.45 8.69
CA TYR C 663 3.72 -38.39 8.90
C TYR C 663 3.89 -39.17 10.21
N PRO C 664 5.02 -39.88 10.46
CA PRO C 664 5.14 -40.73 11.65
C PRO C 664 4.87 -39.98 12.96
N GLN C 665 5.32 -38.72 13.06
CA GLN C 665 5.11 -37.87 14.26
C GLN C 665 3.62 -37.47 14.36
N LEU C 666 2.96 -37.16 13.24
CA LEU C 666 1.52 -36.80 13.24
C LEU C 666 0.72 -38.03 13.69
N GLY C 667 1.05 -39.21 13.16
CA GLY C 667 0.45 -40.51 13.55
C GLY C 667 0.54 -40.74 15.05
N HIS C 668 1.67 -40.37 15.66
CA HIS C 668 1.96 -40.57 17.11
C HIS C 668 0.98 -39.75 17.97
N ILE C 669 0.58 -38.55 17.54
CA ILE C 669 -0.26 -37.64 18.38
C ILE C 669 -1.70 -37.58 17.83
N TYR C 670 -1.97 -38.04 16.61
CA TYR C 670 -3.20 -37.69 15.87
C TYR C 670 -4.45 -37.95 16.72
N TYR C 671 -4.61 -39.18 17.19
CA TYR C 671 -5.85 -39.65 17.86
C TYR C 671 -6.14 -38.76 19.07
N ASN C 672 -5.17 -38.60 19.98
CA ASN C 672 -5.31 -37.83 21.25
C ASN C 672 -5.47 -36.34 20.95
N MET C 673 -4.89 -35.86 19.85
CA MET C 673 -4.98 -34.44 19.43
C MET C 673 -6.41 -34.10 19.03
N LEU C 674 -7.06 -34.98 18.25
CA LEU C 674 -8.47 -34.77 17.83
C LEU C 674 -9.39 -34.98 19.04
N GLN C 675 -8.99 -35.81 20.01
CA GLN C 675 -9.73 -35.94 21.29
C GLN C 675 -9.63 -34.62 22.06
N LEU C 676 -8.41 -34.08 22.15
CA LEU C 676 -8.14 -32.79 22.82
C LEU C 676 -8.93 -31.67 22.13
N TYR C 677 -8.99 -31.67 20.80
CA TYR C 677 -9.75 -30.67 20.00
C TYR C 677 -11.21 -30.65 20.45
N ARG C 678 -11.82 -31.82 20.68
CA ARG C 678 -13.23 -31.96 21.14
C ARG C 678 -13.36 -31.48 22.58
N ALA C 679 -12.45 -31.87 23.46
CA ALA C 679 -12.48 -31.51 24.90
C ALA C 679 -12.43 -29.98 25.00
N VAL C 680 -11.51 -29.35 24.27
CA VAL C 680 -11.29 -27.89 24.23
C VAL C 680 -12.52 -27.19 23.63
N SER C 681 -13.15 -27.78 22.61
CA SER C 681 -14.40 -27.29 21.95
C SER C 681 -15.50 -27.17 22.99
N SER C 682 -15.68 -28.21 23.80
CA SER C 682 -16.71 -28.29 24.88
C SER C 682 -16.50 -27.18 25.90
N MET C 683 -15.26 -27.06 26.40
CA MET C 683 -14.84 -26.02 27.36
C MET C 683 -15.19 -24.63 26.83
N ILE C 684 -14.95 -24.39 25.54
CA ILE C 684 -15.25 -23.08 24.90
C ILE C 684 -16.76 -22.84 24.95
N SER C 685 -17.56 -23.80 24.47
CA SER C 685 -19.05 -23.74 24.46
C SER C 685 -19.59 -23.55 25.88
N ALA C 686 -19.01 -24.25 26.86
CA ALA C 686 -19.42 -24.18 28.28
C ALA C 686 -19.19 -22.76 28.83
N GLN C 687 -18.09 -22.10 28.43
CA GLN C 687 -17.74 -20.73 28.88
C GLN C 687 -18.67 -19.71 28.21
N VAL C 688 -18.99 -19.90 26.93
CA VAL C 688 -19.96 -19.06 26.18
C VAL C 688 -21.34 -19.18 26.83
N ALA C 689 -21.67 -20.32 27.44
CA ALA C 689 -22.96 -20.59 28.13
C ALA C 689 -23.03 -19.86 29.47
N ALA C 690 -21.95 -19.89 30.26
CA ALA C 690 -21.89 -19.36 31.65
C ALA C 690 -21.67 -17.84 31.65
N GLU C 691 -20.93 -17.30 30.68
CA GLU C 691 -20.42 -15.90 30.71
C GLU C 691 -20.99 -15.05 29.57
N GLY C 692 -21.55 -15.66 28.52
CA GLY C 692 -22.05 -14.96 27.31
C GLY C 692 -20.97 -14.84 26.24
N LEU C 693 -21.29 -14.16 25.14
CA LEU C 693 -20.39 -13.93 23.97
C LEU C 693 -19.09 -13.23 24.42
N ILE C 694 -19.14 -12.41 25.48
CA ILE C 694 -17.95 -11.70 25.99
C ILE C 694 -16.83 -12.71 26.32
N ALA C 695 -17.19 -13.96 26.65
CA ALA C 695 -16.22 -15.05 26.96
C ALA C 695 -15.21 -15.22 25.83
N THR C 696 -15.64 -15.07 24.56
CA THR C 696 -14.80 -15.29 23.34
C THR C 696 -13.63 -14.28 23.33
N LYS C 697 -13.69 -13.25 24.17
CA LYS C 697 -12.65 -12.19 24.23
C LYS C 697 -11.77 -12.38 25.48
N THR C 698 -12.14 -13.28 26.41
CA THR C 698 -11.34 -13.52 27.65
C THR C 698 -10.05 -14.23 27.27
N PRO C 699 -8.94 -13.96 28.00
CA PRO C 699 -7.67 -14.66 27.78
C PRO C 699 -7.82 -16.18 27.66
N LYS C 700 -8.55 -16.84 28.57
CA LYS C 700 -8.56 -18.33 28.67
C LYS C 700 -9.29 -18.95 27.47
N VAL C 701 -10.37 -18.34 26.96
CA VAL C 701 -11.10 -18.85 25.77
C VAL C 701 -10.26 -18.61 24.52
N ARG C 702 -9.62 -17.44 24.40
CA ARG C 702 -8.66 -17.13 23.30
C ARG C 702 -7.51 -18.16 23.34
N GLY C 703 -7.02 -18.50 24.54
CA GLY C 703 -6.04 -19.59 24.75
C GLY C 703 -6.54 -20.91 24.24
N LEU C 704 -7.75 -21.31 24.63
CA LEU C 704 -8.40 -22.56 24.17
C LEU C 704 -8.54 -22.55 22.65
N ARG C 705 -8.97 -21.43 22.07
CA ARG C 705 -9.21 -21.33 20.61
C ARG C 705 -7.89 -21.40 19.86
N THR C 706 -6.79 -20.87 20.43
CA THR C 706 -5.42 -20.98 19.86
C THR C 706 -5.09 -22.47 19.68
N ILE C 707 -5.37 -23.29 20.69
CA ILE C 707 -5.12 -24.76 20.64
C ILE C 707 -5.85 -25.33 19.41
N LYS C 708 -7.14 -25.00 19.23
CA LYS C 708 -7.95 -25.52 18.09
C LYS C 708 -7.32 -25.07 16.77
N LYS C 709 -7.00 -23.78 16.65
CA LYS C 709 -6.42 -23.16 15.42
C LYS C 709 -5.06 -23.81 15.10
N GLU C 710 -4.22 -24.09 16.10
CA GLU C 710 -2.88 -24.69 15.87
C GLU C 710 -3.02 -26.17 15.48
N ILE C 711 -4.03 -26.86 16.00
CA ILE C 711 -4.36 -28.26 15.57
C ILE C 711 -4.79 -28.24 14.09
N LEU C 712 -5.70 -27.34 13.70
CA LEU C 712 -6.18 -27.20 12.30
C LEU C 712 -5.00 -26.78 11.41
N LYS C 713 -4.11 -25.91 11.91
CA LYS C 713 -2.91 -25.48 11.16
C LYS C 713 -1.99 -26.69 10.94
N LEU C 714 -1.76 -27.51 11.97
CA LEU C 714 -0.86 -28.70 11.86
C LEU C 714 -1.39 -29.62 10.74
N VAL C 715 -2.69 -29.92 10.77
CA VAL C 715 -3.33 -30.88 9.84
C VAL C 715 -3.33 -30.29 8.42
N GLU C 716 -3.64 -29.00 8.28
CA GLU C 716 -3.63 -28.28 6.99
C GLU C 716 -2.22 -28.37 6.42
N THR C 717 -1.21 -28.05 7.23
CA THR C 717 0.23 -27.99 6.82
C THR C 717 0.68 -29.36 6.31
N TYR C 718 0.34 -30.43 7.02
CA TYR C 718 0.76 -31.81 6.65
C TYR C 718 0.07 -32.18 5.33
N ILE C 719 -1.27 -32.15 5.30
CA ILE C 719 -2.09 -32.60 4.14
C ILE C 719 -1.65 -31.83 2.89
N SER C 720 -1.31 -30.54 3.02
CA SER C 720 -0.97 -29.66 1.88
C SER C 720 0.30 -30.18 1.17
N LYS C 721 1.18 -30.85 1.90
CA LYS C 721 2.49 -31.35 1.38
C LYS C 721 2.52 -32.88 1.31
N ALA C 722 1.46 -33.57 1.74
CA ALA C 722 1.43 -35.06 1.85
C ALA C 722 1.62 -35.70 0.46
N ARG C 723 2.47 -36.74 0.39
CA ARG C 723 2.71 -37.52 -0.86
C ARG C 723 1.86 -38.79 -0.86
N ASN C 724 1.50 -39.33 0.32
CA ASN C 724 0.72 -40.58 0.45
C ASN C 724 -0.75 -40.24 0.75
N LEU C 725 -1.52 -39.92 -0.30
CA LEU C 725 -2.92 -39.42 -0.20
C LEU C 725 -3.86 -40.54 0.27
N ASP C 726 -3.48 -41.80 0.06
CA ASP C 726 -4.28 -42.98 0.50
C ASP C 726 -4.40 -42.97 2.04
N ASP C 727 -3.30 -42.69 2.74
CA ASP C 727 -3.26 -42.57 4.22
C ASP C 727 -4.03 -41.33 4.67
N VAL C 728 -3.88 -40.21 3.96
CA VAL C 728 -4.68 -38.99 4.25
C VAL C 728 -6.15 -39.41 4.29
N VAL C 729 -6.66 -40.04 3.23
CA VAL C 729 -8.09 -40.42 3.14
C VAL C 729 -8.41 -41.43 4.25
N LYS C 730 -7.66 -42.54 4.32
CA LYS C 730 -8.06 -43.73 5.11
C LYS C 730 -7.75 -43.54 6.60
N VAL C 731 -6.88 -42.61 6.98
CA VAL C 731 -6.40 -42.47 8.40
C VAL C 731 -6.74 -41.08 8.96
N LEU C 732 -6.52 -40.00 8.22
CA LEU C 732 -6.62 -38.61 8.75
C LEU C 732 -8.05 -38.05 8.63
N VAL C 733 -8.66 -38.18 7.45
CA VAL C 733 -9.83 -37.35 7.02
C VAL C 733 -11.05 -37.66 7.89
N GLU C 734 -11.45 -38.93 8.03
CA GLU C 734 -12.75 -39.26 8.69
C GLU C 734 -12.72 -38.76 10.14
N PRO C 735 -11.70 -39.11 10.95
CA PRO C 735 -11.59 -38.55 12.30
C PRO C 735 -11.60 -37.02 12.31
N LEU C 736 -10.96 -36.36 11.34
CA LEU C 736 -10.89 -34.87 11.21
C LEU C 736 -12.29 -34.30 10.97
N LEU C 737 -13.03 -34.85 10.01
CA LEU C 737 -14.38 -34.34 9.65
C LEU C 737 -15.30 -34.51 10.86
N ASN C 738 -15.15 -35.62 11.60
CA ASN C 738 -16.04 -35.94 12.76
C ASN C 738 -15.71 -35.00 13.94
N ALA C 739 -14.46 -34.57 14.07
CA ALA C 739 -14.00 -33.70 15.18
C ALA C 739 -14.41 -32.24 14.95
N VAL C 740 -14.38 -31.71 13.71
CA VAL C 740 -14.43 -30.24 13.44
C VAL C 740 -15.78 -29.79 12.86
N LEU C 741 -16.44 -30.58 12.00
CA LEU C 741 -17.61 -30.10 11.20
C LEU C 741 -18.82 -29.82 12.09
N GLU C 742 -19.24 -30.81 12.88
CA GLU C 742 -20.41 -30.68 13.77
C GLU C 742 -20.13 -29.57 14.78
N ASP C 743 -18.93 -29.55 15.37
CA ASP C 743 -18.51 -28.52 16.35
C ASP C 743 -18.69 -27.12 15.75
N TYR C 744 -18.27 -26.92 14.50
CA TYR C 744 -18.41 -25.64 13.74
C TYR C 744 -19.89 -25.30 13.56
N MET C 745 -20.68 -26.21 12.99
CA MET C 745 -22.12 -26.02 12.66
C MET C 745 -22.90 -25.59 13.90
N ASN C 746 -22.62 -26.20 15.05
CA ASN C 746 -23.49 -26.17 16.26
C ASN C 746 -23.00 -25.11 17.27
N ASN C 747 -21.89 -24.43 16.99
CA ASN C 747 -21.43 -23.25 17.75
C ASN C 747 -22.19 -22.02 17.25
N VAL C 748 -22.39 -21.05 18.14
CA VAL C 748 -22.87 -19.68 17.78
C VAL C 748 -21.84 -19.07 16.83
N PRO C 749 -22.26 -18.21 15.87
CA PRO C 749 -21.33 -17.57 14.93
C PRO C 749 -20.00 -17.05 15.51
N ASP C 750 -19.99 -16.44 16.70
CA ASP C 750 -18.79 -15.79 17.29
C ASP C 750 -17.83 -16.84 17.85
N ALA C 751 -18.28 -18.09 18.03
CA ALA C 751 -17.46 -19.20 18.55
C ALA C 751 -16.91 -20.06 17.41
N ARG C 752 -17.36 -19.83 16.16
CA ARG C 752 -16.90 -20.58 14.95
C ARG C 752 -15.53 -20.06 14.52
N ASP C 753 -14.56 -20.97 14.32
CA ASP C 753 -13.21 -20.67 13.80
C ASP C 753 -13.23 -20.74 12.27
N ALA C 754 -12.87 -19.65 11.60
CA ALA C 754 -12.71 -19.56 10.13
C ALA C 754 -11.58 -20.49 9.66
N GLU C 755 -10.64 -20.85 10.54
CA GLU C 755 -9.53 -21.80 10.21
C GLU C 755 -10.10 -23.20 9.92
N VAL C 756 -11.32 -23.51 10.36
CA VAL C 756 -12.00 -24.77 9.96
C VAL C 756 -12.20 -24.74 8.44
N LEU C 757 -12.74 -23.65 7.90
CA LEU C 757 -13.01 -23.50 6.44
C LEU C 757 -11.67 -23.62 5.69
N ASN C 758 -10.64 -22.93 6.16
CA ASN C 758 -9.27 -22.94 5.56
C ASN C 758 -8.77 -24.39 5.46
N CYS C 759 -8.79 -25.08 6.60
CA CYS C 759 -8.41 -26.52 6.72
C CYS C 759 -9.19 -27.36 5.71
N MET C 760 -10.50 -27.16 5.61
CA MET C 760 -11.37 -27.98 4.71
C MET C 760 -11.02 -27.69 3.25
N THR C 761 -10.69 -26.44 2.92
CA THR C 761 -10.27 -26.01 1.56
C THR C 761 -9.08 -26.87 1.10
N THR C 762 -8.05 -26.99 1.93
CA THR C 762 -6.83 -27.79 1.67
C THR C 762 -7.24 -29.26 1.51
N VAL C 763 -8.09 -29.78 2.39
CA VAL C 763 -8.52 -31.20 2.36
C VAL C 763 -9.17 -31.47 0.99
N VAL C 764 -10.08 -30.61 0.55
CA VAL C 764 -10.79 -30.76 -0.76
C VAL C 764 -9.78 -30.60 -1.90
N GLU C 765 -8.87 -29.64 -1.81
CA GLU C 765 -7.82 -29.38 -2.84
C GLU C 765 -7.05 -30.68 -3.12
N LYS C 766 -6.51 -31.33 -2.08
CA LYS C 766 -5.52 -32.44 -2.23
C LYS C 766 -6.23 -33.76 -2.46
N VAL C 767 -7.35 -34.03 -1.78
CA VAL C 767 -8.02 -35.37 -1.79
C VAL C 767 -9.53 -35.24 -2.03
N GLY C 768 -10.02 -34.10 -2.51
CA GLY C 768 -11.45 -33.90 -2.82
C GLY C 768 -11.97 -34.98 -3.75
N HIS C 769 -11.18 -35.33 -4.76
CA HIS C 769 -11.54 -36.31 -5.82
C HIS C 769 -11.81 -37.70 -5.23
N MET C 770 -11.27 -38.00 -4.03
CA MET C 770 -11.28 -39.37 -3.43
C MET C 770 -12.33 -39.50 -2.32
N ILE C 771 -13.00 -38.41 -1.92
CA ILE C 771 -13.96 -38.38 -0.77
C ILE C 771 -15.22 -37.61 -1.15
N PRO C 772 -15.97 -38.03 -2.19
CA PRO C 772 -17.18 -37.29 -2.59
C PRO C 772 -18.24 -37.18 -1.48
N GLN C 773 -18.38 -38.22 -0.66
CA GLN C 773 -19.33 -38.23 0.49
C GLN C 773 -18.79 -37.31 1.59
N GLY C 774 -17.47 -37.23 1.75
CA GLY C 774 -16.81 -36.31 2.69
C GLY C 774 -17.03 -34.86 2.29
N VAL C 775 -16.97 -34.55 0.98
CA VAL C 775 -17.15 -33.17 0.46
C VAL C 775 -18.58 -32.72 0.73
N ILE C 776 -19.57 -33.61 0.51
CA ILE C 776 -21.01 -33.36 0.78
C ILE C 776 -21.21 -33.07 2.26
N LEU C 777 -20.57 -33.87 3.13
CA LEU C 777 -20.62 -33.70 4.61
C LEU C 777 -20.08 -32.31 4.99
N ILE C 778 -19.04 -31.83 4.29
CA ILE C 778 -18.40 -30.50 4.51
C ILE C 778 -19.40 -29.40 4.12
N LEU C 779 -20.02 -29.52 2.94
CA LEU C 779 -21.03 -28.53 2.46
C LEU C 779 -22.20 -28.47 3.46
N GLN C 780 -22.79 -29.63 3.77
CA GLN C 780 -23.94 -29.72 4.70
C GLN C 780 -23.57 -28.99 6.01
N SER C 781 -22.34 -29.17 6.48
CA SER C 781 -21.89 -28.72 7.82
C SER C 781 -21.54 -27.21 7.85
N VAL C 782 -20.94 -26.64 6.80
CA VAL C 782 -20.41 -25.23 6.85
C VAL C 782 -21.17 -24.28 5.90
N PHE C 783 -21.89 -24.76 4.89
CA PHE C 783 -22.42 -23.90 3.80
C PHE C 783 -23.51 -22.94 4.31
N GLU C 784 -24.70 -23.43 4.70
CA GLU C 784 -25.86 -22.58 5.08
C GLU C 784 -25.54 -21.69 6.30
N CYS C 785 -24.86 -22.21 7.32
CA CYS C 785 -24.64 -21.47 8.59
C CYS C 785 -23.57 -20.40 8.39
N THR C 786 -22.57 -20.62 7.52
CA THR C 786 -21.52 -19.61 7.18
C THR C 786 -22.13 -18.51 6.30
N LEU C 787 -22.94 -18.86 5.29
CA LEU C 787 -23.61 -17.88 4.40
C LEU C 787 -24.48 -16.92 5.23
N ASP C 788 -25.15 -17.43 6.26
CA ASP C 788 -26.05 -16.63 7.14
C ASP C 788 -25.22 -15.61 7.94
N MET C 789 -23.97 -15.94 8.25
CA MET C 789 -23.05 -15.05 9.01
C MET C 789 -22.67 -13.85 8.14
N ILE C 790 -22.60 -14.02 6.82
CA ILE C 790 -21.89 -13.07 5.91
C ILE C 790 -22.85 -12.45 4.89
N ASN C 791 -24.16 -12.74 4.93
CA ASN C 791 -25.10 -12.32 3.85
C ASN C 791 -25.98 -11.15 4.32
N LYS C 792 -25.62 -10.47 5.40
CA LYS C 792 -26.41 -9.33 5.97
C LYS C 792 -25.74 -8.00 5.59
N ASP C 793 -24.42 -7.98 5.51
CA ASP C 793 -23.61 -6.78 5.14
C ASP C 793 -22.31 -7.28 4.48
N PHE C 794 -21.34 -6.40 4.26
CA PHE C 794 -20.07 -6.73 3.55
C PHE C 794 -18.88 -6.76 4.53
N THR C 795 -19.09 -6.49 5.83
CA THR C 795 -18.01 -6.21 6.83
C THR C 795 -17.85 -7.34 7.84
N GLU C 796 -18.94 -7.79 8.50
CA GLU C 796 -18.89 -8.76 9.62
C GLU C 796 -18.26 -10.08 9.18
N TYR C 797 -17.53 -10.72 10.10
CA TYR C 797 -16.82 -12.01 9.90
C TYR C 797 -16.01 -11.93 8.60
N PRO C 798 -15.03 -11.00 8.53
CA PRO C 798 -14.19 -10.85 7.34
C PRO C 798 -13.37 -12.10 6.98
N GLU C 799 -12.84 -12.81 7.98
CA GLU C 799 -12.00 -14.01 7.78
C GLU C 799 -12.88 -15.15 7.23
N HIS C 800 -14.06 -15.36 7.81
CA HIS C 800 -15.05 -16.39 7.40
C HIS C 800 -15.48 -16.12 5.95
N ARG C 801 -15.75 -14.86 5.65
CA ARG C 801 -16.19 -14.36 4.32
C ARG C 801 -15.20 -14.82 3.26
N VAL C 802 -13.92 -14.58 3.51
CA VAL C 802 -12.82 -14.85 2.54
C VAL C 802 -12.60 -16.36 2.42
N GLU C 803 -12.53 -17.07 3.53
CA GLU C 803 -12.28 -18.54 3.55
C GLU C 803 -13.50 -19.27 2.97
N PHE C 804 -14.71 -18.77 3.20
CA PHE C 804 -15.98 -19.33 2.66
C PHE C 804 -15.89 -19.46 1.14
N TYR C 805 -15.45 -18.41 0.44
CA TYR C 805 -15.47 -18.38 -1.05
C TYR C 805 -14.27 -19.12 -1.63
N LYS C 806 -13.17 -19.21 -0.88
CA LYS C 806 -12.05 -20.12 -1.26
C LYS C 806 -12.54 -21.57 -1.19
N LEU C 807 -13.34 -21.92 -0.17
CA LEU C 807 -13.87 -23.31 0.00
C LEU C 807 -14.78 -23.65 -1.19
N LEU C 808 -15.77 -22.81 -1.50
CA LEU C 808 -16.70 -23.04 -2.63
C LEU C 808 -15.92 -23.09 -3.94
N LYS C 809 -14.93 -22.21 -4.12
CA LYS C 809 -14.08 -22.23 -5.33
C LYS C 809 -13.48 -23.63 -5.51
N VAL C 810 -12.78 -24.17 -4.51
CA VAL C 810 -12.06 -25.46 -4.66
C VAL C 810 -13.10 -26.59 -4.81
N ILE C 811 -14.21 -26.56 -4.06
CA ILE C 811 -15.27 -27.60 -4.20
C ILE C 811 -15.83 -27.57 -5.64
N ASN C 812 -15.99 -26.37 -6.22
CA ASN C 812 -16.55 -26.19 -7.58
C ASN C 812 -15.53 -26.64 -8.63
N GLU C 813 -14.24 -26.66 -8.29
CA GLU C 813 -13.17 -27.12 -9.21
C GLU C 813 -13.04 -28.65 -9.16
N LYS C 814 -12.94 -29.23 -7.95
CA LYS C 814 -12.44 -30.62 -7.73
C LYS C 814 -13.58 -31.62 -7.50
N SER C 815 -14.75 -31.18 -7.01
CA SER C 815 -15.85 -32.08 -6.57
C SER C 815 -17.21 -31.44 -6.88
N PHE C 816 -17.41 -30.98 -8.11
CA PHE C 816 -18.66 -30.33 -8.56
C PHE C 816 -19.87 -31.20 -8.21
N ALA C 817 -19.71 -32.53 -8.25
CA ALA C 817 -20.76 -33.54 -7.94
C ALA C 817 -21.53 -33.13 -6.66
N ALA C 818 -20.82 -32.59 -5.66
CA ALA C 818 -21.36 -32.18 -4.34
C ALA C 818 -22.45 -31.10 -4.50
N PHE C 819 -22.37 -30.27 -5.54
CA PHE C 819 -23.38 -29.21 -5.84
C PHE C 819 -24.59 -29.83 -6.55
N LEU C 820 -24.40 -30.86 -7.38
CA LEU C 820 -25.51 -31.60 -8.03
C LEU C 820 -26.38 -32.31 -6.98
N GLU C 821 -25.80 -32.69 -5.83
CA GLU C 821 -26.50 -33.46 -4.76
C GLU C 821 -27.29 -32.52 -3.85
N LEU C 822 -27.04 -31.22 -3.88
CA LEU C 822 -27.77 -30.24 -3.03
C LEU C 822 -29.26 -30.28 -3.39
N PRO C 823 -30.18 -30.24 -2.39
CA PRO C 823 -31.58 -29.93 -2.66
C PRO C 823 -31.72 -28.64 -3.45
N PRO C 824 -32.68 -28.50 -4.39
CA PRO C 824 -32.81 -27.29 -5.19
C PRO C 824 -32.72 -26.00 -4.37
N ALA C 825 -33.43 -25.89 -3.24
CA ALA C 825 -33.46 -24.68 -2.38
C ALA C 825 -32.03 -24.26 -2.01
N ALA C 826 -31.19 -25.22 -1.61
CA ALA C 826 -29.79 -25.01 -1.19
C ALA C 826 -28.90 -24.64 -2.40
N PHE C 827 -29.21 -25.18 -3.59
CA PHE C 827 -28.51 -24.85 -4.86
C PHE C 827 -28.83 -23.40 -5.26
N LYS C 828 -30.06 -22.96 -4.99
CA LYS C 828 -30.49 -21.55 -5.21
C LYS C 828 -29.66 -20.66 -4.29
N LEU C 829 -29.44 -21.07 -3.04
CA LEU C 829 -28.61 -20.31 -2.07
C LEU C 829 -27.16 -20.25 -2.58
N PHE C 830 -26.68 -21.31 -3.25
CA PHE C 830 -25.31 -21.36 -3.83
C PHE C 830 -25.17 -20.27 -4.89
N VAL C 831 -26.20 -20.04 -5.70
CA VAL C 831 -26.20 -19.04 -6.81
C VAL C 831 -26.27 -17.64 -6.19
N ASP C 832 -27.18 -17.46 -5.23
CA ASP C 832 -27.31 -16.23 -4.40
C ASP C 832 -25.95 -15.86 -3.81
N ALA C 833 -25.18 -16.84 -3.35
CA ALA C 833 -23.90 -16.67 -2.63
C ALA C 833 -22.80 -16.19 -3.58
N ILE C 834 -22.81 -16.68 -4.82
CA ILE C 834 -21.84 -16.27 -5.89
C ILE C 834 -22.15 -14.81 -6.26
N CYS C 835 -23.39 -14.52 -6.63
CA CYS C 835 -23.85 -13.15 -6.98
C CYS C 835 -23.55 -12.19 -5.82
N TRP C 836 -23.73 -12.64 -4.57
CA TRP C 836 -23.32 -11.90 -3.36
C TRP C 836 -21.83 -11.52 -3.41
N ALA C 837 -20.97 -12.46 -3.80
CA ALA C 837 -19.50 -12.25 -3.92
C ALA C 837 -19.21 -11.12 -4.92
N PHE C 838 -19.93 -11.08 -6.05
CA PHE C 838 -19.77 -10.07 -7.15
C PHE C 838 -19.82 -8.65 -6.58
N LYS C 839 -20.77 -8.41 -5.67
CA LYS C 839 -21.12 -7.06 -5.16
C LYS C 839 -20.16 -6.62 -4.05
N HIS C 840 -19.14 -7.42 -3.74
CA HIS C 840 -18.11 -7.09 -2.70
C HIS C 840 -17.08 -6.15 -3.32
N ASN C 841 -16.47 -5.29 -2.49
CA ASN C 841 -15.30 -4.44 -2.85
C ASN C 841 -14.02 -5.21 -2.49
N ASN C 842 -14.01 -5.82 -1.31
CA ASN C 842 -12.93 -6.74 -0.87
C ASN C 842 -12.59 -7.65 -2.07
N ARG C 843 -11.37 -7.51 -2.61
CA ARG C 843 -10.97 -8.11 -3.90
C ARG C 843 -10.75 -9.62 -3.75
N ASP C 844 -10.45 -10.12 -2.55
CA ASP C 844 -10.24 -11.57 -2.32
C ASP C 844 -11.59 -12.28 -2.53
N VAL C 845 -12.68 -11.67 -2.06
CA VAL C 845 -14.07 -12.21 -2.22
C VAL C 845 -14.51 -12.06 -3.67
N GLU C 846 -14.41 -10.85 -4.23
CA GLU C 846 -14.91 -10.44 -5.57
C GLU C 846 -14.31 -11.35 -6.67
N VAL C 847 -12.99 -11.54 -6.64
CA VAL C 847 -12.21 -12.33 -7.64
C VAL C 847 -12.65 -13.79 -7.58
N ASN C 848 -12.84 -14.34 -6.37
CA ASN C 848 -13.29 -15.73 -6.15
C ASN C 848 -14.76 -15.85 -6.60
N GLY C 849 -15.57 -14.84 -6.27
CA GLY C 849 -16.97 -14.71 -6.76
C GLY C 849 -17.06 -14.93 -8.26
N LEU C 850 -16.30 -14.15 -9.03
CA LEU C 850 -16.35 -14.18 -10.53
C LEU C 850 -15.74 -15.48 -11.06
N GLN C 851 -14.74 -16.02 -10.38
CA GLN C 851 -14.03 -17.26 -10.79
C GLN C 851 -14.99 -18.44 -10.58
N ILE C 852 -15.71 -18.50 -9.45
CA ILE C 852 -16.71 -19.58 -9.19
C ILE C 852 -17.77 -19.52 -10.29
N ALA C 853 -18.27 -18.32 -10.62
CA ALA C 853 -19.33 -18.08 -11.61
C ALA C 853 -18.89 -18.65 -12.96
N LEU C 854 -17.66 -18.34 -13.36
CA LEU C 854 -17.05 -18.77 -14.64
C LEU C 854 -16.88 -20.30 -14.64
N ASP C 855 -16.31 -20.87 -13.58
CA ASP C 855 -16.06 -22.34 -13.43
C ASP C 855 -17.38 -23.10 -13.38
N LEU C 856 -18.40 -22.55 -12.70
CA LEU C 856 -19.76 -23.14 -12.60
C LEU C 856 -20.40 -23.22 -13.99
N VAL C 857 -20.33 -22.14 -14.76
CA VAL C 857 -20.88 -22.08 -16.15
C VAL C 857 -20.22 -23.21 -16.96
N LYS C 858 -18.89 -23.34 -16.87
CA LYS C 858 -18.12 -24.37 -17.63
C LYS C 858 -18.46 -25.78 -17.10
N ASN C 859 -18.64 -25.95 -15.79
CA ASN C 859 -19.09 -27.24 -15.18
C ASN C 859 -20.44 -27.65 -15.79
N ILE C 860 -21.38 -26.72 -15.93
CA ILE C 860 -22.73 -26.97 -16.52
C ILE C 860 -22.60 -27.25 -18.02
N GLU C 861 -21.74 -26.50 -18.72
CA GLU C 861 -21.45 -26.70 -20.17
C GLU C 861 -21.05 -28.17 -20.41
N ARG C 862 -20.05 -28.66 -19.65
CA ARG C 862 -19.47 -30.03 -19.74
C ARG C 862 -20.53 -31.13 -19.59
N MET C 863 -21.66 -30.85 -18.93
CA MET C 863 -22.71 -31.86 -18.66
C MET C 863 -23.41 -32.28 -19.97
N GLY C 864 -23.32 -31.45 -21.02
CA GLY C 864 -24.04 -31.64 -22.29
C GLY C 864 -25.53 -31.41 -22.11
N ASN C 865 -26.35 -31.89 -23.04
CA ASN C 865 -27.83 -31.71 -23.04
C ASN C 865 -28.44 -32.71 -22.05
N VAL C 866 -28.49 -32.34 -20.76
CA VAL C 866 -28.98 -33.20 -19.64
C VAL C 866 -29.96 -32.38 -18.80
N PRO C 867 -31.06 -32.98 -18.27
CA PRO C 867 -32.08 -32.24 -17.55
C PRO C 867 -31.60 -31.21 -16.49
N PHE C 868 -30.49 -31.48 -15.82
CA PHE C 868 -29.95 -30.57 -14.78
C PHE C 868 -29.34 -29.31 -15.43
N ALA C 869 -28.57 -29.47 -16.51
CA ALA C 869 -27.97 -28.36 -17.28
C ALA C 869 -29.08 -27.49 -17.86
N ASN C 870 -30.16 -28.12 -18.31
CA ASN C 870 -31.33 -27.45 -18.95
C ASN C 870 -32.07 -26.63 -17.88
N GLU C 871 -32.33 -27.21 -16.70
CA GLU C 871 -33.06 -26.54 -15.57
C GLU C 871 -32.20 -25.41 -15.00
N PHE C 872 -30.88 -25.57 -14.99
CA PHE C 872 -29.92 -24.55 -14.51
C PHE C 872 -30.03 -23.28 -15.37
N HIS C 873 -29.98 -23.43 -16.69
CA HIS C 873 -30.05 -22.33 -17.68
C HIS C 873 -31.40 -21.62 -17.58
N LYS C 874 -32.50 -22.36 -17.44
CA LYS C 874 -33.86 -21.77 -17.38
C LYS C 874 -34.05 -20.99 -16.07
N ASN C 875 -33.30 -21.34 -15.02
CA ASN C 875 -33.49 -20.81 -13.64
C ASN C 875 -32.50 -19.67 -13.35
N TYR C 876 -31.30 -19.72 -13.94
CA TYR C 876 -30.11 -18.99 -13.40
C TYR C 876 -29.34 -18.22 -14.49
N PHE C 877 -29.48 -18.57 -15.77
CA PHE C 877 -28.73 -17.91 -16.88
C PHE C 877 -28.94 -16.38 -16.83
N PHE C 878 -30.18 -15.90 -16.81
CA PHE C 878 -30.48 -14.45 -16.86
C PHE C 878 -30.16 -13.77 -15.52
N ILE C 879 -30.27 -14.49 -14.42
CA ILE C 879 -29.79 -14.00 -13.09
C ILE C 879 -28.29 -13.67 -13.22
N PHE C 880 -27.48 -14.54 -13.85
CA PHE C 880 -26.02 -14.34 -14.00
C PHE C 880 -25.68 -13.21 -14.98
N VAL C 881 -26.37 -13.13 -16.12
CA VAL C 881 -26.18 -12.05 -17.13
C VAL C 881 -26.48 -10.70 -16.46
N SER C 882 -27.63 -10.58 -15.78
CA SER C 882 -28.13 -9.30 -15.22
C SER C 882 -27.34 -8.88 -13.98
N GLU C 883 -26.84 -9.83 -13.18
CA GLU C 883 -26.01 -9.54 -11.97
C GLU C 883 -24.62 -9.11 -12.41
N THR C 884 -24.05 -9.76 -13.44
CA THR C 884 -22.77 -9.34 -14.09
C THR C 884 -22.91 -7.95 -14.70
N PHE C 885 -24.01 -7.68 -15.41
CA PHE C 885 -24.27 -6.33 -15.99
C PHE C 885 -24.42 -5.29 -14.88
N PHE C 886 -25.05 -5.64 -13.76
CA PHE C 886 -25.27 -4.72 -12.62
C PHE C 886 -23.91 -4.20 -12.12
N VAL C 887 -22.93 -5.07 -11.88
CA VAL C 887 -21.61 -4.66 -11.30
C VAL C 887 -20.71 -4.07 -12.38
N LEU C 888 -20.89 -4.43 -13.66
CA LEU C 888 -20.13 -3.79 -14.77
C LEU C 888 -20.47 -2.29 -14.83
N THR C 889 -21.72 -1.91 -14.58
CA THR C 889 -22.28 -0.57 -14.93
C THR C 889 -22.53 0.34 -13.71
N ASP C 890 -22.37 -0.16 -12.47
CA ASP C 890 -22.81 0.60 -11.25
C ASP C 890 -21.70 1.52 -10.74
N SER C 891 -20.48 1.43 -11.29
CA SER C 891 -19.35 2.36 -11.02
C SER C 891 -18.68 2.08 -9.67
N ASP C 892 -19.09 1.02 -8.95
CA ASP C 892 -18.65 0.75 -7.55
C ASP C 892 -17.79 -0.52 -7.51
N HIS C 893 -17.62 -1.21 -8.65
CA HIS C 893 -16.86 -2.49 -8.79
C HIS C 893 -15.90 -2.44 -9.99
N LYS C 894 -15.20 -1.32 -10.18
CA LYS C 894 -14.33 -1.08 -11.37
C LYS C 894 -13.06 -1.94 -11.30
N SER C 895 -12.69 -2.42 -10.11
CA SER C 895 -11.50 -3.28 -9.89
C SER C 895 -11.70 -4.66 -10.56
N GLY C 896 -12.95 -5.10 -10.76
CA GLY C 896 -13.28 -6.45 -11.27
C GLY C 896 -13.71 -6.42 -12.73
N PHE C 897 -13.44 -5.33 -13.44
CA PHE C 897 -13.91 -5.10 -14.83
C PHE C 897 -13.51 -6.26 -15.75
N SER C 898 -12.25 -6.68 -15.70
CA SER C 898 -11.67 -7.75 -16.57
C SER C 898 -12.43 -9.06 -16.38
N LYS C 899 -12.62 -9.49 -15.13
CA LYS C 899 -13.27 -10.77 -14.79
C LYS C 899 -14.77 -10.68 -15.07
N GLN C 900 -15.40 -9.53 -14.80
CA GLN C 900 -16.83 -9.27 -15.15
C GLN C 900 -17.00 -9.44 -16.66
N ALA C 901 -16.12 -8.82 -17.45
CA ALA C 901 -16.15 -8.82 -18.93
C ALA C 901 -16.06 -10.25 -19.45
N LEU C 902 -15.11 -11.03 -18.92
CA LEU C 902 -14.82 -12.44 -19.28
C LEU C 902 -16.06 -13.30 -19.00
N LEU C 903 -16.68 -13.14 -17.82
CA LEU C 903 -17.89 -13.89 -17.43
C LEU C 903 -19.04 -13.53 -18.39
N LEU C 904 -19.24 -12.24 -18.68
CA LEU C 904 -20.35 -11.80 -19.57
C LEU C 904 -20.12 -12.37 -20.96
N MET C 905 -18.88 -12.30 -21.46
CA MET C 905 -18.54 -12.82 -22.81
C MET C 905 -18.87 -14.32 -22.84
N LYS C 906 -18.50 -15.06 -21.79
CA LYS C 906 -18.75 -16.52 -21.70
C LYS C 906 -20.26 -16.78 -21.71
N LEU C 907 -21.03 -15.98 -20.98
CA LEU C 907 -22.50 -16.14 -20.89
C LEU C 907 -23.14 -15.83 -22.26
N ILE C 908 -22.72 -14.75 -22.92
CA ILE C 908 -23.28 -14.33 -24.25
C ILE C 908 -22.86 -15.36 -25.31
N SER C 909 -21.63 -15.88 -25.26
CA SER C 909 -21.07 -16.82 -26.27
C SER C 909 -21.82 -18.16 -26.23
N LEU C 910 -22.31 -18.59 -25.07
CA LEU C 910 -23.16 -19.81 -24.91
C LEU C 910 -24.34 -19.74 -25.88
N VAL C 911 -25.01 -18.60 -25.96
CA VAL C 911 -26.25 -18.42 -26.77
C VAL C 911 -25.85 -18.30 -28.24
N TYR C 912 -24.74 -17.64 -28.58
CA TYR C 912 -24.34 -17.38 -29.99
C TYR C 912 -23.57 -18.57 -30.58
N ASP C 913 -23.31 -19.63 -29.80
CA ASP C 913 -22.79 -20.94 -30.28
C ASP C 913 -23.88 -22.00 -30.21
N ASN C 914 -25.09 -21.63 -29.76
CA ASN C 914 -26.24 -22.54 -29.56
C ASN C 914 -25.82 -23.71 -28.66
N LYS C 915 -25.12 -23.43 -27.56
CA LYS C 915 -24.69 -24.43 -26.55
C LYS C 915 -25.76 -24.59 -25.47
N ILE C 916 -26.84 -23.80 -25.50
CA ILE C 916 -28.02 -23.94 -24.61
C ILE C 916 -29.15 -24.56 -25.43
N SER C 917 -29.55 -25.79 -25.09
CA SER C 917 -30.42 -26.67 -25.92
C SER C 917 -31.90 -26.29 -25.76
N VAL C 918 -32.29 -25.76 -24.60
CA VAL C 918 -33.70 -25.40 -24.26
C VAL C 918 -33.95 -23.94 -24.65
N PRO C 919 -35.20 -23.57 -25.02
CA PRO C 919 -35.63 -22.17 -24.99
C PRO C 919 -35.45 -21.53 -23.61
N LEU C 920 -34.86 -20.33 -23.56
CA LEU C 920 -34.63 -19.57 -22.30
C LEU C 920 -35.90 -18.83 -21.87
N TYR C 921 -36.94 -18.83 -22.70
CA TYR C 921 -38.18 -18.04 -22.52
C TYR C 921 -39.32 -18.95 -22.02
N GLN C 922 -40.29 -18.36 -21.32
CA GLN C 922 -41.51 -19.06 -20.81
C GLN C 922 -42.48 -19.30 -21.98
N GLU C 923 -43.21 -20.42 -21.95
CA GLU C 923 -44.23 -20.78 -22.97
C GLU C 923 -45.14 -19.56 -23.21
N ALA C 924 -45.33 -19.19 -24.48
CA ALA C 924 -46.14 -18.04 -24.96
C ALA C 924 -45.64 -16.73 -24.33
N GLU C 925 -44.33 -16.54 -24.27
CA GLU C 925 -43.66 -15.25 -23.95
C GLU C 925 -43.14 -14.61 -25.24
N VAL C 926 -43.13 -15.38 -26.34
CA VAL C 926 -42.52 -15.02 -27.65
C VAL C 926 -42.98 -16.08 -28.65
N PRO C 927 -42.88 -15.87 -29.98
CA PRO C 927 -43.27 -16.91 -30.96
C PRO C 927 -42.58 -18.26 -30.70
N GLN C 928 -43.16 -19.33 -31.25
CA GLN C 928 -42.82 -20.75 -30.90
C GLN C 928 -41.43 -21.11 -31.44
N GLY C 929 -41.09 -20.63 -32.63
CA GLY C 929 -39.80 -20.93 -33.31
C GLY C 929 -38.59 -20.26 -32.66
N THR C 930 -38.77 -19.07 -32.06
CA THR C 930 -37.71 -18.04 -31.77
C THR C 930 -36.46 -18.66 -31.13
N SER C 931 -35.29 -18.36 -31.70
CA SER C 931 -33.97 -18.82 -31.21
C SER C 931 -33.58 -18.03 -29.95
N ASN C 932 -32.74 -18.62 -29.09
CA ASN C 932 -32.22 -17.97 -27.85
C ASN C 932 -31.51 -16.66 -28.22
N GLN C 933 -30.80 -16.61 -29.36
CA GLN C 933 -30.12 -15.39 -29.86
C GLN C 933 -31.06 -14.19 -29.82
N VAL C 934 -32.21 -14.32 -30.49
CA VAL C 934 -33.22 -13.22 -30.63
C VAL C 934 -33.74 -12.85 -29.22
N TYR C 935 -34.10 -13.85 -28.40
CA TYR C 935 -34.68 -13.60 -27.05
C TYR C 935 -33.64 -12.92 -26.14
N LEU C 936 -32.37 -13.30 -26.22
CA LEU C 936 -31.27 -12.65 -25.45
C LEU C 936 -31.22 -11.15 -25.78
N SER C 937 -31.27 -10.83 -27.07
CA SER C 937 -31.29 -9.45 -27.63
C SER C 937 -32.45 -8.65 -27.02
N GLN C 938 -33.65 -9.23 -26.99
CA GLN C 938 -34.87 -8.57 -26.46
C GLN C 938 -34.75 -8.38 -24.94
N TYR C 939 -34.34 -9.43 -24.22
CA TYR C 939 -34.19 -9.40 -22.74
C TYR C 939 -33.20 -8.29 -22.37
N LEU C 940 -32.04 -8.28 -23.02
CA LEU C 940 -30.94 -7.30 -22.77
C LEU C 940 -31.43 -5.89 -23.13
N ALA C 941 -32.10 -5.72 -24.27
CA ALA C 941 -32.60 -4.41 -24.76
C ALA C 941 -33.52 -3.83 -23.67
N ASN C 942 -34.45 -4.66 -23.19
CA ASN C 942 -35.48 -4.29 -22.19
C ASN C 942 -34.82 -3.99 -20.84
N MET C 943 -33.84 -4.82 -20.44
CA MET C 943 -33.14 -4.70 -19.15
C MET C 943 -32.38 -3.37 -19.08
N LEU C 944 -31.67 -3.01 -20.16
CA LEU C 944 -30.79 -1.82 -20.23
C LEU C 944 -31.66 -0.56 -20.36
N SER C 945 -32.76 -0.68 -21.11
CA SER C 945 -33.78 0.38 -21.25
C SER C 945 -34.32 0.79 -19.88
N ASN C 946 -34.60 -0.17 -18.99
CA ASN C 946 -35.16 0.12 -17.65
C ASN C 946 -34.06 0.62 -16.72
N ALA C 947 -32.85 0.07 -16.81
CA ALA C 947 -31.71 0.42 -15.93
C ALA C 947 -31.14 1.79 -16.30
N PHE C 948 -31.18 2.15 -17.58
CA PHE C 948 -30.62 3.41 -18.15
C PHE C 948 -31.66 4.00 -19.09
N PRO C 949 -32.75 4.59 -18.56
CA PRO C 949 -33.86 5.10 -19.38
C PRO C 949 -33.50 6.29 -20.28
N HIS C 950 -32.37 6.94 -20.04
CA HIS C 950 -31.89 8.13 -20.80
C HIS C 950 -31.16 7.71 -22.08
N LEU C 951 -30.89 6.42 -22.28
CA LEU C 951 -30.29 5.89 -23.54
C LEU C 951 -31.40 5.75 -24.55
N THR C 952 -31.13 6.02 -25.83
CA THR C 952 -32.08 5.79 -26.95
C THR C 952 -32.12 4.29 -27.24
N SER C 953 -33.17 3.84 -27.90
CA SER C 953 -33.31 2.46 -28.41
C SER C 953 -32.18 2.16 -29.40
N GLU C 954 -31.76 3.17 -30.17
CA GLU C 954 -30.69 3.04 -31.19
C GLU C 954 -29.37 2.74 -30.47
N GLN C 955 -29.04 3.48 -29.42
CA GLN C 955 -27.80 3.24 -28.62
C GLN C 955 -27.80 1.77 -28.13
N ILE C 956 -28.86 1.37 -27.44
CA ILE C 956 -28.98 0.03 -26.78
C ILE C 956 -28.83 -1.06 -27.85
N ALA C 957 -29.55 -0.94 -28.96
CA ALA C 957 -29.56 -1.93 -30.07
C ALA C 957 -28.16 -2.05 -30.68
N SER C 958 -27.49 -0.92 -30.95
CA SER C 958 -26.14 -0.86 -31.55
C SER C 958 -25.12 -1.49 -30.59
N PHE C 959 -25.13 -1.05 -29.33
CA PHE C 959 -24.25 -1.58 -28.25
C PHE C 959 -24.30 -3.11 -28.27
N LEU C 960 -25.50 -3.67 -28.33
CA LEU C 960 -25.78 -5.12 -28.17
C LEU C 960 -25.40 -5.88 -29.44
N SER C 961 -25.58 -5.28 -30.63
CA SER C 961 -25.16 -5.89 -31.92
C SER C 961 -23.64 -6.01 -31.94
N ALA C 962 -22.93 -4.96 -31.54
CA ALA C 962 -21.46 -4.94 -31.40
C ALA C 962 -21.05 -5.97 -30.34
N LEU C 963 -21.64 -5.90 -29.15
CA LEU C 963 -21.24 -6.74 -28.00
C LEU C 963 -21.36 -8.23 -28.37
N THR C 964 -22.47 -8.65 -28.99
CA THR C 964 -22.77 -10.08 -29.27
C THR C 964 -21.91 -10.59 -30.43
N LYS C 965 -21.56 -9.74 -31.40
CA LYS C 965 -20.76 -10.17 -32.58
C LYS C 965 -19.28 -10.17 -32.21
N GLN C 966 -18.90 -9.49 -31.13
CA GLN C 966 -17.50 -9.32 -30.66
C GLN C 966 -17.21 -10.30 -29.51
N CYS C 967 -18.07 -11.28 -29.29
CA CYS C 967 -18.07 -12.15 -28.07
C CYS C 967 -17.10 -13.34 -28.21
N LYS C 968 -16.22 -13.34 -29.22
CA LYS C 968 -15.09 -14.32 -29.35
C LYS C 968 -13.74 -13.59 -29.22
N ASP C 969 -13.74 -12.27 -28.99
CA ASP C 969 -12.53 -11.40 -29.02
C ASP C 969 -12.56 -10.49 -27.78
N LEU C 970 -11.99 -10.96 -26.67
CA LEU C 970 -12.13 -10.38 -25.31
C LEU C 970 -11.75 -8.90 -25.31
N VAL C 971 -10.57 -8.55 -25.84
CA VAL C 971 -10.00 -7.17 -25.77
C VAL C 971 -10.96 -6.19 -26.44
N VAL C 972 -11.61 -6.58 -27.53
CA VAL C 972 -12.52 -5.71 -28.33
C VAL C 972 -13.84 -5.58 -27.56
N PHE C 973 -14.43 -6.70 -27.16
CA PHE C 973 -15.56 -6.82 -26.20
C PHE C 973 -15.40 -5.79 -25.08
N LYS C 974 -14.24 -5.83 -24.41
CA LYS C 974 -13.90 -4.90 -23.30
C LYS C 974 -14.01 -3.46 -23.80
N GLY C 975 -13.54 -3.19 -25.01
CA GLY C 975 -13.60 -1.85 -25.61
C GLY C 975 -15.04 -1.37 -25.72
N THR C 976 -15.93 -2.24 -26.19
CA THR C 976 -17.38 -1.97 -26.36
C THR C 976 -18.02 -1.73 -24.99
N LEU C 977 -17.66 -2.55 -23.99
CA LEU C 977 -18.13 -2.38 -22.60
C LEU C 977 -17.71 -1.00 -22.09
N ARG C 978 -16.46 -0.61 -22.34
CA ARG C 978 -15.90 0.70 -21.88
C ARG C 978 -16.62 1.85 -22.60
N ASP C 979 -16.93 1.68 -23.90
CA ASP C 979 -17.69 2.68 -24.68
C ASP C 979 -19.09 2.81 -24.08
N PHE C 980 -19.70 1.70 -23.69
CA PHE C 980 -21.03 1.70 -23.03
C PHE C 980 -20.94 2.39 -21.66
N LEU C 981 -19.86 2.18 -20.89
CA LEU C 981 -19.68 2.81 -19.56
C LEU C 981 -19.55 4.33 -19.70
N VAL C 982 -19.01 4.80 -20.82
CA VAL C 982 -18.86 6.26 -21.11
C VAL C 982 -20.24 6.81 -21.47
N GLN C 983 -21.02 6.09 -22.27
CA GLN C 983 -22.29 6.60 -22.86
C GLN C 983 -23.38 6.66 -21.79
N ILE C 984 -23.41 5.75 -20.80
CA ILE C 984 -24.41 5.76 -19.69
C ILE C 984 -24.18 6.98 -18.80
N LYS C 985 -22.98 7.57 -18.85
CA LYS C 985 -22.59 8.74 -18.02
C LYS C 985 -23.13 10.03 -18.65
N GLU C 986 -23.57 10.01 -19.89
CA GLU C 986 -24.05 11.24 -20.60
C GLU C 986 -25.39 10.98 -21.29
N VAL C 987 -25.97 12.03 -21.88
CA VAL C 987 -27.17 11.97 -22.75
C VAL C 987 -26.74 12.24 -24.20
N GLY C 988 -27.32 11.52 -25.15
CA GLY C 988 -27.13 11.72 -26.60
C GLY C 988 -25.86 11.10 -27.13
N GLY C 989 -25.38 10.00 -26.53
CA GLY C 989 -24.22 9.24 -27.05
C GLY C 989 -24.48 8.79 -28.49
N ASP C 990 -23.50 9.02 -29.38
CA ASP C 990 -23.59 8.59 -30.80
C ASP C 990 -23.67 7.07 -30.86
N PRO C 991 -24.75 6.48 -31.42
CA PRO C 991 -24.85 5.03 -31.53
C PRO C 991 -23.81 4.41 -32.48
N THR C 992 -23.25 5.18 -33.41
CA THR C 992 -22.25 4.70 -34.40
C THR C 992 -20.91 4.36 -33.71
N ASP C 993 -20.67 4.90 -32.50
CA ASP C 993 -19.41 4.70 -31.75
C ASP C 993 -19.14 3.20 -31.52
N TYR C 994 -20.17 2.35 -31.50
CA TYR C 994 -20.07 0.89 -31.26
C TYR C 994 -19.65 0.14 -32.55
N LEU C 995 -19.43 0.85 -33.66
CA LEU C 995 -18.88 0.26 -34.91
C LEU C 995 -17.37 0.52 -35.01
N PHE C 996 -16.71 1.01 -33.96
CA PHE C 996 -15.27 1.33 -33.95
C PHE C 996 -14.46 0.09 -34.34
N ALA C 997 -14.74 -1.05 -33.69
CA ALA C 997 -14.12 -2.38 -33.97
C ALA C 997 -14.97 -3.14 -34.99
N ASP D 1 44.79 -22.67 5.94
CA ASP D 1 45.91 -23.55 6.45
C ASP D 1 45.92 -23.44 7.99
N GLY D 2 47.01 -22.93 8.58
CA GLY D 2 47.09 -22.49 9.99
C GLY D 2 46.22 -21.27 10.24
N TYR D 3 46.02 -20.45 9.22
CA TYR D 3 45.27 -19.17 9.34
C TYR D 3 43.76 -19.46 9.41
N ILE D 4 43.27 -20.56 8.86
CA ILE D 4 41.88 -21.06 9.11
C ILE D 4 41.77 -21.47 10.59
N GLU D 5 42.82 -22.06 11.16
CA GLU D 5 42.86 -22.48 12.58
C GLU D 5 42.85 -21.21 13.44
N GLU D 6 43.56 -20.17 13.00
CA GLU D 6 43.64 -18.88 13.73
C GLU D 6 42.25 -18.24 13.73
N LEU D 7 41.47 -18.40 12.66
CA LEU D 7 40.08 -17.88 12.57
C LEU D 7 39.24 -18.57 13.64
N ILE D 8 39.31 -19.90 13.69
CA ILE D 8 38.54 -20.76 14.64
C ILE D 8 38.89 -20.35 16.09
N ARG D 9 40.17 -20.22 16.39
CA ARG D 9 40.64 -19.82 17.75
C ARG D 9 40.02 -18.47 18.11
N MET D 10 40.09 -17.48 17.20
CA MET D 10 39.62 -16.09 17.45
C MET D 10 38.09 -16.08 17.57
N PHE D 11 37.39 -16.83 16.72
CA PHE D 11 35.91 -16.85 16.71
C PHE D 11 35.41 -17.36 18.06
N GLY D 12 36.09 -18.36 18.63
CA GLY D 12 35.74 -18.98 19.93
C GLY D 12 35.70 -17.97 21.06
N LYS D 13 36.58 -16.95 21.02
CA LYS D 13 36.72 -15.95 22.11
C LYS D 13 35.71 -14.81 21.92
N LEU D 14 34.95 -14.79 20.81
CA LEU D 14 33.92 -13.73 20.57
C LEU D 14 32.95 -13.75 21.75
N SER D 15 32.69 -12.60 22.37
CA SER D 15 31.75 -12.53 23.51
C SER D 15 31.06 -11.17 23.59
N ILE D 16 29.95 -11.15 24.33
CA ILE D 16 29.13 -9.95 24.63
C ILE D 16 29.10 -9.81 26.16
N HIS D 17 30.08 -9.09 26.73
CA HIS D 17 30.17 -8.87 28.20
C HIS D 17 30.24 -7.36 28.47
N ASP D 18 29.42 -6.87 29.41
CA ASP D 18 29.41 -5.43 29.81
C ASP D 18 30.75 -5.12 30.49
N ASP D 19 31.32 -3.96 30.21
CA ASP D 19 32.66 -3.53 30.68
C ASP D 19 32.54 -2.24 31.49
PG GTP E . -13.66 8.27 1.57
O1G GTP E . -14.79 7.54 0.88
O2G GTP E . -14.12 9.13 2.72
O3G GTP E . -12.77 9.00 0.61
O3B GTP E . -12.69 7.13 2.19
PB GTP E . -11.36 7.33 3.04
O1B GTP E . -10.21 7.38 2.09
O2B GTP E . -11.57 8.47 3.98
O3A GTP E . -11.32 5.96 3.86
PA GTP E . -11.33 5.77 5.44
O1A GTP E . -10.36 6.71 6.04
O2A GTP E . -12.76 5.85 5.89
O5' GTP E . -10.80 4.26 5.64
C5' GTP E . -11.43 3.20 4.87
C4' GTP E . -11.19 1.85 5.52
O4' GTP E . -9.78 1.52 5.47
C3' GTP E . -11.61 1.70 6.99
O3' GTP E . -12.21 0.43 7.19
C2' GTP E . -10.28 1.82 7.74
O2' GTP E . -10.30 1.21 9.00
C1' GTP E . -9.34 1.13 6.75
N9 GTP E . -7.94 1.52 6.87
C8 GTP E . -7.45 2.81 6.88
N7 GTP E . -6.15 2.87 7.01
C5 GTP E . -5.75 1.54 7.08
C6 GTP E . -4.45 0.99 7.22
O6 GTP E . -3.37 1.57 7.31
N1 GTP E . -4.50 -0.41 7.25
C2 GTP E . -5.64 -1.17 7.16
N2 GTP E . -5.47 -2.49 7.20
N3 GTP E . -6.86 -0.65 7.02
C4 GTP E . -6.84 0.70 6.99
MG MG F . -13.22 9.91 4.33
C1 GOL G . -29.42 -11.98 -0.44
O1 GOL G . -28.59 -11.01 0.18
C2 GOL G . -28.63 -13.18 -0.93
O2 GOL G . -28.37 -13.06 -2.33
C3 GOL G . -27.32 -13.38 -0.20
O3 GOL G . -27.02 -14.76 0.01
NA NA H . 23.62 -8.82 2.46
N NO3 I . 7.84 20.14 -39.95
O1 NO3 I . 8.97 19.78 -40.27
O2 NO3 I . 6.85 19.18 -39.73
O3 NO3 I . 7.54 21.50 -39.77
#